data_6D9K
#
_entry.id   6D9K
#
_cell.length_a   68.119
_cell.length_b   119.130
_cell.length_c   118.134
_cell.angle_alpha   90.000
_cell.angle_beta   95.600
_cell.angle_gamma   90.000
#
_symmetry.space_group_name_H-M   'P 1 21 1'
#
loop_
_entity.id
_entity.type
_entity.pdbx_description
1 polymer 'Uncharacterized protein'
2 polymer "RNA (5'-R(P*UP*UP*AP*CP*UP*GP*CP*AP*CP*AP*GP*GP*UP*GP*AP*CP*GP*A)-3')"
3 polymer "DNA (5'-D(P*TP*CP*GP*TP*CP*AP*CP*CP*TP*GP*GP*GP*CP*AP*GP*TP*AP*AP*C)-3')"
4 non-polymer 'ACETATE ION'
5 non-polymer (4S)-2-METHYL-2,4-PENTANEDIOL
6 non-polymer 'MAGNESIUM ION'
7 water water
#
loop_
_entity_poly.entity_id
_entity_poly.type
_entity_poly.pdbx_seq_one_letter_code
_entity_poly.pdbx_strand_id
1 'polypeptide(L)'
;MHHHHHHDYKDDDDKAPVQAADEMYDSNPHPDRRQLVSNGFEVNLPDQVEVIVRDLPDPSKVKEERTRLMGYWFVHWFDG
KLFHLRIKAGGPNVDGEHRAIRTAEHPWLLRARLDDALEEALPKYAAVKKRPFTFLAQKDELIDAAATAAGLSHRLLNSF
KVIPRFALSPKIYEPVDGTTRVGVFVTIGMRYDIEASLRDLLEAGIDLRGMYVVRRKRQPGERGLLGRVRAISDDMVQLF
EETDLASVNVNDAKLEGSKENFTRCLSALLGHNYKKLLNALDDQEAGYRTGPRFDDAVRRMGEFLAKKPIRLADNINAQV
GDRIVFSNEGQARNVRLAPKVEYVFDRTGAKSAEYAWRGLSQFGPFDRPSFANRSPRILVVYPSSTQGKVENFLSAFRDG
MGSNYSGFSKGFVDLMGLTKVEFVMCPVEVSSADRNGAHTKYNSAIEDKLAGAGEVHAGIVVLFEDHARLPDDRNPYIHT
KSLLLTLGVPTQQVRMPTVLLEPKSLQYTLQNFSIATYAKLNGTPWTVNHDKAINDELVVGMGLAELSGSRTEKRQRFVG
ITTVFAGDGSYLLGNVSKECEYEGYSDAIRESMTGILRELKKRNNWRPGDTVRVVFHAHRPLKRVDVASIVFECTREIGS
DQNIQMAFVTVSHDHPFVLIDRSERGLEAYKGSTARKGVFAPPRGAISRVGRLTRLLAVNSPQLIKRANTPLPTPLLVSL
HPDSTFKDVDYLAEQALKFTSLSWRSTLPAATPVTIFYSERIAELLGRLKSIPNWSSANLNIKLKWSRWFL
;
A,F
2 'polyribonucleotide' UUACUGCACAGGUGACGA C,H
3 'polydeoxyribonucleotide'
;(DC)(DT)(DG)(DT)(DC)(DG)(DT)(DC)(DA)(DC)(DC)(DT)(DG)(DG)(DG)(DC)(DA)(DG)(DT)(DA)
(DA)(DC)(DT)(DG)
;
G,J
#
# COMPACT_ATOMS: atom_id res chain seq x y z
N ARG A 34 -34.80 -39.91 -10.71
CA ARG A 34 -33.76 -39.21 -9.88
C ARG A 34 -33.09 -38.08 -10.68
N GLN A 35 -33.70 -36.90 -10.64
CA GLN A 35 -33.09 -35.74 -11.27
C GLN A 35 -33.09 -34.46 -10.40
N LEU A 36 -31.95 -33.79 -10.33
CA LEU A 36 -31.93 -32.42 -9.82
C LEU A 36 -31.49 -31.48 -10.90
N VAL A 37 -32.27 -30.41 -11.11
CA VAL A 37 -31.90 -29.44 -12.09
C VAL A 37 -31.12 -28.27 -11.46
N SER A 38 -30.12 -27.84 -12.20
CA SER A 38 -29.27 -26.72 -11.82
C SER A 38 -29.74 -25.42 -12.43
N ASN A 39 -29.04 -24.37 -12.07
CA ASN A 39 -29.25 -23.04 -12.56
C ASN A 39 -28.25 -22.75 -13.63
N GLY A 40 -27.70 -23.78 -14.27
CA GLY A 40 -26.72 -23.55 -15.29
C GLY A 40 -27.02 -24.20 -16.67
N PHE A 41 -26.43 -23.68 -17.73
CA PHE A 41 -26.60 -24.26 -19.07
C PHE A 41 -25.28 -24.71 -19.60
N GLU A 42 -25.29 -25.82 -20.35
CA GLU A 42 -24.10 -26.23 -21.12
C GLU A 42 -23.68 -25.17 -22.12
N VAL A 43 -22.38 -25.05 -22.30
CA VAL A 43 -21.88 -24.20 -23.31
C VAL A 43 -21.10 -25.07 -24.29
N ASN A 44 -21.63 -25.15 -25.51
CA ASN A 44 -21.00 -25.87 -26.62
C ASN A 44 -19.91 -25.01 -27.12
N LEU A 45 -18.70 -25.52 -26.98
CA LEU A 45 -17.48 -24.86 -27.33
C LEU A 45 -16.81 -25.59 -28.49
N PRO A 46 -15.92 -24.91 -29.22
CA PRO A 46 -15.07 -25.65 -30.16
C PRO A 46 -14.16 -26.65 -29.44
N ASP A 47 -13.79 -27.71 -30.16
CA ASP A 47 -12.94 -28.78 -29.65
C ASP A 47 -11.59 -28.20 -29.35
N GLN A 48 -11.21 -27.20 -30.14
CA GLN A 48 -9.83 -26.78 -30.17
C GLN A 48 -9.77 -25.31 -30.44
N VAL A 49 -8.72 -24.65 -29.97
CA VAL A 49 -8.52 -23.24 -30.32
C VAL A 49 -7.03 -23.01 -30.53
N GLU A 50 -6.68 -22.18 -31.51
CA GLU A 50 -5.26 -21.87 -31.81
C GLU A 50 -4.82 -20.59 -31.09
N VAL A 51 -3.63 -20.64 -30.51
CA VAL A 51 -3.24 -19.64 -29.54
C VAL A 51 -1.77 -19.33 -29.78
N ILE A 52 -1.30 -18.17 -29.31
CA ILE A 52 0.14 -17.86 -29.30
C ILE A 52 0.66 -17.71 -27.87
N VAL A 53 1.79 -18.35 -27.58
CA VAL A 53 2.29 -18.43 -26.21
C VAL A 53 3.66 -17.80 -26.14
N ARG A 54 3.89 -16.97 -25.13
CA ARG A 54 5.24 -16.53 -24.81
C ARG A 54 5.50 -16.59 -23.32
N ASP A 55 6.66 -17.15 -22.97
CA ASP A 55 7.12 -17.18 -21.59
C ASP A 55 7.13 -15.75 -21.07
N LEU A 56 6.70 -15.59 -19.83
CA LEU A 56 6.57 -14.29 -19.21
C LEU A 56 6.58 -14.55 -17.71
N PRO A 57 7.79 -14.79 -17.16
CA PRO A 57 7.86 -15.26 -15.79
C PRO A 57 7.51 -14.16 -14.79
N ASP A 58 7.60 -12.90 -15.22
CA ASP A 58 7.14 -11.77 -14.43
C ASP A 58 5.74 -11.31 -14.86
N PRO A 59 4.72 -11.51 -14.00
CA PRO A 59 3.36 -11.15 -14.39
C PRO A 59 3.03 -9.66 -14.32
N SER A 60 3.94 -8.84 -13.79
CA SER A 60 3.74 -7.38 -13.77
C SER A 60 3.61 -6.78 -15.17
N LYS A 61 4.12 -7.48 -16.18
CA LYS A 61 4.04 -7.04 -17.58
C LYS A 61 2.64 -7.21 -18.20
N VAL A 62 1.84 -8.12 -17.65
CA VAL A 62 0.57 -8.56 -18.24
C VAL A 62 -0.43 -7.44 -18.51
N LYS A 63 -0.52 -6.45 -17.62
CA LYS A 63 -1.56 -5.43 -17.70
C LYS A 63 -1.36 -4.46 -18.89
N GLU A 64 -0.11 -4.04 -19.12
CA GLU A 64 0.22 -3.15 -20.23
C GLU A 64 0.03 -3.84 -21.57
N GLU A 65 0.26 -5.15 -21.56
CA GLU A 65 0.20 -5.94 -22.78
C GLU A 65 -1.23 -6.20 -23.18
N ARG A 66 -2.10 -6.38 -22.20
CA ARG A 66 -3.53 -6.52 -22.46
C ARG A 66 -4.10 -5.24 -23.05
N THR A 67 -3.61 -4.09 -22.56
CA THR A 67 -3.99 -2.77 -23.09
C THR A 67 -3.48 -2.57 -24.53
N ARG A 68 -2.22 -2.89 -24.80
CA ARG A 68 -1.62 -2.81 -26.15
C ARG A 68 -2.31 -3.64 -27.23
N LEU A 69 -2.87 -4.79 -26.86
CA LEU A 69 -3.51 -5.71 -27.82
C LEU A 69 -5.01 -5.69 -27.66
N MET A 70 -5.51 -4.68 -26.94
CA MET A 70 -6.93 -4.56 -26.67
C MET A 70 -7.71 -4.56 -27.99
N GLY A 71 -8.81 -5.31 -28.01
CA GLY A 71 -9.69 -5.35 -29.17
C GLY A 71 -9.37 -6.40 -30.21
N TYR A 72 -8.09 -6.72 -30.38
CA TYR A 72 -7.66 -7.68 -31.41
C TYR A 72 -7.27 -9.06 -30.82
N TRP A 73 -6.91 -9.07 -29.53
CA TRP A 73 -6.48 -10.27 -28.84
C TRP A 73 -7.05 -10.39 -27.44
N PHE A 74 -7.51 -11.59 -27.09
CA PHE A 74 -7.74 -11.96 -25.71
C PHE A 74 -6.44 -12.53 -25.11
N VAL A 75 -6.13 -12.11 -23.90
CA VAL A 75 -4.86 -12.42 -23.29
C VAL A 75 -5.09 -13.03 -21.91
N HIS A 76 -4.29 -14.03 -21.55
CA HIS A 76 -4.46 -14.74 -20.27
C HIS A 76 -3.13 -15.26 -19.78
N TRP A 77 -2.76 -14.90 -18.56
CA TRP A 77 -1.52 -15.37 -17.95
C TRP A 77 -1.81 -16.58 -17.07
N PHE A 78 -1.01 -17.62 -17.17
CA PHE A 78 -1.20 -18.82 -16.36
C PHE A 78 0.07 -19.64 -16.40
N ASP A 79 0.61 -19.95 -15.21
CA ASP A 79 1.70 -20.90 -15.06
C ASP A 79 2.95 -20.46 -15.81
N GLY A 80 3.42 -19.26 -15.49
CA GLY A 80 4.65 -18.73 -16.07
C GLY A 80 4.55 -18.19 -17.50
N LYS A 81 3.38 -18.29 -18.14
CA LYS A 81 3.26 -18.01 -19.58
C LYS A 81 2.04 -17.18 -19.93
N LEU A 82 2.14 -16.41 -21.01
CA LEU A 82 1.05 -15.59 -21.50
C LEU A 82 0.41 -16.24 -22.70
N PHE A 83 -0.92 -16.36 -22.70
CA PHE A 83 -1.66 -16.99 -23.80
C PHE A 83 -2.48 -15.96 -24.61
N HIS A 84 -2.26 -15.90 -25.92
CA HIS A 84 -2.96 -14.92 -26.76
C HIS A 84 -3.90 -15.64 -27.73
N LEU A 85 -5.18 -15.31 -27.63
CA LEU A 85 -6.19 -15.78 -28.55
C LEU A 85 -6.65 -14.58 -29.39
N ARG A 86 -6.51 -14.66 -30.71
CA ARG A 86 -6.91 -13.53 -31.56
C ARG A 86 -8.45 -13.49 -31.62
N ILE A 87 -9.00 -12.29 -31.49
CA ILE A 87 -10.47 -12.11 -31.51
C ILE A 87 -10.99 -11.30 -32.69
N LYS A 88 -10.08 -10.60 -33.37
CA LYS A 88 -10.41 -9.70 -34.48
C LYS A 88 -9.17 -9.62 -35.37
N ALA A 89 -9.37 -9.54 -36.69
CA ALA A 89 -8.24 -9.48 -37.64
C ALA A 89 -7.49 -8.13 -37.59
N GLY A 90 -6.25 -8.13 -38.04
CA GLY A 90 -5.44 -6.92 -38.05
C GLY A 90 -4.54 -6.81 -36.84
N GLY A 91 -3.46 -6.05 -36.96
CA GLY A 91 -2.45 -5.95 -35.91
C GLY A 91 -2.99 -5.38 -34.61
N PRO A 92 -2.13 -5.23 -33.59
CA PRO A 92 -0.67 -5.48 -33.65
C PRO A 92 -0.26 -6.94 -33.75
N ASN A 93 1.01 -7.15 -34.11
CA ASN A 93 1.60 -8.47 -34.22
C ASN A 93 1.98 -9.03 -32.86
N VAL A 94 2.13 -10.36 -32.80
CA VAL A 94 2.56 -11.05 -31.58
C VAL A 94 3.52 -12.20 -31.91
N ASP A 95 4.69 -12.18 -31.27
CA ASP A 95 5.69 -13.23 -31.41
C ASP A 95 5.39 -14.32 -30.40
N GLY A 96 5.60 -15.57 -30.81
CA GLY A 96 5.43 -16.70 -29.89
C GLY A 96 5.17 -18.02 -30.57
N GLU A 97 5.29 -19.10 -29.80
CA GLU A 97 5.05 -20.44 -30.29
C GLU A 97 3.55 -20.61 -30.48
N HIS A 98 3.16 -21.19 -31.62
CA HIS A 98 1.75 -21.48 -31.89
C HIS A 98 1.39 -22.87 -31.35
N ARG A 99 0.26 -22.98 -30.67
CA ARG A 99 -0.15 -24.25 -30.08
C ARG A 99 -1.66 -24.38 -30.13
N ALA A 100 -2.13 -25.61 -30.26
CA ALA A 100 -3.54 -25.89 -30.26
C ALA A 100 -3.89 -26.18 -28.82
N ILE A 101 -4.81 -25.40 -28.24
CA ILE A 101 -5.33 -25.68 -26.91
C ILE A 101 -6.67 -26.37 -27.09
N ARG A 102 -6.74 -27.62 -26.67
CA ARG A 102 -7.93 -28.44 -26.82
C ARG A 102 -8.78 -28.22 -25.58
N THR A 103 -10.07 -27.99 -25.80
CA THR A 103 -11.01 -27.60 -24.77
C THR A 103 -11.22 -28.67 -23.70
N ALA A 104 -11.39 -29.92 -24.12
CA ALA A 104 -11.57 -31.02 -23.16
C ALA A 104 -10.42 -31.11 -22.14
N GLU A 105 -9.22 -30.73 -22.53
CA GLU A 105 -8.02 -30.81 -21.68
C GLU A 105 -7.64 -29.53 -20.90
N HIS A 106 -7.94 -28.35 -21.43
CA HIS A 106 -7.51 -27.12 -20.81
C HIS A 106 -8.63 -26.08 -20.89
N PRO A 107 -9.74 -26.34 -20.19
CA PRO A 107 -10.97 -25.56 -20.36
C PRO A 107 -10.93 -24.18 -19.74
N TRP A 108 -9.88 -23.92 -18.93
CA TRP A 108 -9.67 -22.62 -18.28
C TRP A 108 -9.52 -21.49 -19.26
N LEU A 109 -9.00 -21.77 -20.45
CA LEU A 109 -8.70 -20.71 -21.40
C LEU A 109 -10.01 -20.12 -21.91
N LEU A 110 -10.86 -20.99 -22.41
CA LEU A 110 -12.16 -20.57 -22.90
C LEU A 110 -13.18 -20.19 -21.81
N ARG A 111 -13.08 -20.79 -20.62
CA ARG A 111 -13.83 -20.34 -19.46
C ARG A 111 -13.57 -18.81 -19.23
N ALA A 112 -12.30 -18.43 -19.28
CA ALA A 112 -11.88 -17.06 -19.06
C ALA A 112 -12.37 -16.19 -20.20
N ARG A 113 -12.25 -16.66 -21.43
CA ARG A 113 -12.67 -15.86 -22.58
C ARG A 113 -14.18 -15.67 -22.52
N LEU A 114 -14.85 -16.63 -21.92
CA LEU A 114 -16.28 -16.62 -21.84
C LEU A 114 -16.78 -15.52 -20.87
N ASP A 115 -16.06 -15.23 -19.79
CA ASP A 115 -16.37 -14.07 -18.96
C ASP A 115 -16.59 -12.82 -19.79
N ASP A 116 -15.62 -12.48 -20.64
CA ASP A 116 -15.69 -11.27 -21.47
C ASP A 116 -16.67 -11.42 -22.64
N ALA A 117 -16.78 -12.60 -23.23
CA ALA A 117 -17.64 -12.78 -24.40
C ALA A 117 -19.10 -12.66 -24.02
N LEU A 118 -19.43 -13.11 -22.82
CA LEU A 118 -20.78 -12.92 -22.30
C LEU A 118 -21.10 -11.44 -22.13
N GLU A 119 -20.11 -10.66 -21.75
CA GLU A 119 -20.33 -9.22 -21.58
C GLU A 119 -20.62 -8.61 -22.95
N GLU A 120 -19.80 -8.99 -23.92
CA GLU A 120 -19.88 -8.47 -25.28
C GLU A 120 -21.15 -8.91 -25.95
N ALA A 121 -21.62 -10.08 -25.58
CA ALA A 121 -22.87 -10.61 -26.12
C ALA A 121 -24.10 -9.89 -25.64
N LEU A 122 -23.98 -9.15 -24.53
CA LEU A 122 -25.15 -8.47 -23.97
C LEU A 122 -24.91 -6.95 -23.89
N PRO A 123 -24.70 -6.31 -25.04
CA PRO A 123 -24.21 -4.94 -25.06
C PRO A 123 -25.17 -3.92 -24.44
N LYS A 124 -26.47 -4.21 -24.39
CA LYS A 124 -27.45 -3.29 -23.80
C LYS A 124 -27.54 -3.38 -22.28
N TYR A 125 -26.77 -4.30 -21.66
CA TYR A 125 -26.81 -4.45 -20.20
C TYR A 125 -25.44 -4.10 -19.69
N ALA A 126 -25.30 -2.98 -19.00
CA ALA A 126 -23.99 -2.57 -18.50
C ALA A 126 -23.57 -3.49 -17.36
N ALA A 127 -22.32 -3.89 -17.39
CA ALA A 127 -21.74 -4.64 -16.29
C ALA A 127 -21.73 -3.75 -15.07
N VAL A 128 -22.40 -4.14 -13.99
CA VAL A 128 -22.08 -3.53 -12.69
C VAL A 128 -20.83 -4.17 -12.05
N LYS A 129 -20.51 -5.42 -12.41
CA LYS A 129 -19.24 -6.07 -12.07
C LYS A 129 -18.86 -7.04 -13.19
N LYS A 130 -17.56 -7.34 -13.25
CA LYS A 130 -17.04 -8.35 -14.14
C LYS A 130 -16.54 -9.58 -13.36
N ARG A 131 -16.44 -10.72 -14.07
CA ARG A 131 -15.90 -11.97 -13.51
C ARG A 131 -16.45 -12.29 -12.12
N PRO A 132 -17.73 -12.68 -12.02
CA PRO A 132 -18.71 -12.86 -13.05
C PRO A 132 -19.34 -11.55 -13.54
N PHE A 133 -19.70 -11.54 -14.82
CA PHE A 133 -20.56 -10.51 -15.39
C PHE A 133 -21.87 -10.36 -14.62
N THR A 134 -22.08 -9.17 -14.08
CA THR A 134 -23.24 -8.89 -13.28
C THR A 134 -23.88 -7.64 -13.83
N PHE A 135 -25.21 -7.61 -13.88
CA PHE A 135 -25.94 -6.50 -14.52
C PHE A 135 -27.33 -6.39 -13.97
N LEU A 136 -27.97 -5.24 -14.24
CA LEU A 136 -29.34 -4.98 -13.75
C LEU A 136 -30.43 -5.20 -14.78
N ALA A 137 -31.60 -5.66 -14.34
CA ALA A 137 -32.79 -5.64 -15.18
C ALA A 137 -32.96 -4.22 -15.75
N GLN A 138 -33.45 -4.15 -16.99
CA GLN A 138 -33.50 -2.88 -17.70
C GLN A 138 -34.70 -2.04 -17.24
N LYS A 139 -35.88 -2.66 -17.14
CA LYS A 139 -37.08 -1.95 -16.70
C LYS A 139 -37.26 -2.10 -15.20
N ASP A 140 -37.53 -3.34 -14.79
CA ASP A 140 -38.08 -3.70 -13.47
C ASP A 140 -37.51 -2.92 -12.29
N GLU A 141 -38.41 -2.42 -11.44
CA GLU A 141 -38.08 -1.63 -10.24
C GLU A 141 -39.16 -1.94 -9.21
N LEU A 142 -38.77 -2.58 -8.12
CA LEU A 142 -39.75 -3.30 -7.33
C LEU A 142 -40.37 -2.44 -6.29
N ILE A 143 -39.73 -1.32 -5.95
CA ILE A 143 -40.38 -0.43 -4.98
C ILE A 143 -41.60 0.25 -5.61
N ASP A 144 -41.45 0.72 -6.82
CA ASP A 144 -42.57 1.32 -7.52
C ASP A 144 -43.71 0.32 -7.62
N ALA A 145 -43.40 -0.90 -8.06
CA ALA A 145 -44.41 -1.95 -8.16
C ALA A 145 -44.99 -2.32 -6.84
N ALA A 146 -44.18 -2.37 -5.78
CA ALA A 146 -44.70 -2.74 -4.46
C ALA A 146 -45.65 -1.66 -3.91
N ALA A 147 -45.34 -0.40 -4.17
CA ALA A 147 -46.13 0.74 -3.66
C ALA A 147 -47.52 0.71 -4.28
N THR A 148 -47.56 0.70 -5.60
CA THR A 148 -48.77 0.51 -6.36
C THR A 148 -49.59 -0.66 -5.86
N ALA A 149 -48.96 -1.81 -5.65
CA ALA A 149 -49.68 -3.01 -5.21
C ALA A 149 -50.19 -2.96 -3.79
N ALA A 150 -49.58 -2.10 -2.96
CA ALA A 150 -50.09 -1.89 -1.61
C ALA A 150 -50.95 -0.60 -1.55
N GLY A 151 -50.97 0.15 -2.64
CA GLY A 151 -51.73 1.39 -2.69
C GLY A 151 -51.13 2.44 -1.77
N LEU A 152 -49.82 2.54 -1.80
CA LEU A 152 -49.07 3.51 -1.02
C LEU A 152 -48.44 4.44 -1.99
N SER A 153 -47.98 5.57 -1.47
CA SER A 153 -47.40 6.63 -2.27
C SER A 153 -46.63 7.58 -1.33
N HIS A 154 -45.63 8.25 -1.90
CA HIS A 154 -44.92 9.33 -1.22
C HIS A 154 -44.02 9.91 -2.28
N ARG A 155 -43.85 11.22 -2.27
CA ARG A 155 -43.03 11.88 -3.29
C ARG A 155 -41.66 11.20 -3.43
N LEU A 156 -40.92 11.15 -2.32
CA LEU A 156 -39.56 10.57 -2.31
C LEU A 156 -39.42 9.07 -2.65
N LEU A 157 -40.48 8.29 -2.51
CA LEU A 157 -40.42 6.85 -2.85
C LEU A 157 -39.70 6.54 -4.18
N ASN A 158 -39.87 7.40 -5.18
CA ASN A 158 -39.20 7.23 -6.47
C ASN A 158 -37.66 7.24 -6.40
N SER A 159 -37.10 7.71 -5.31
CA SER A 159 -35.65 7.74 -5.15
C SER A 159 -35.09 6.53 -4.33
N PHE A 160 -35.97 5.60 -3.97
CA PHE A 160 -35.61 4.34 -3.36
C PHE A 160 -35.81 3.24 -4.42
N LYS A 161 -34.71 2.67 -4.88
CA LYS A 161 -34.75 1.70 -5.98
C LYS A 161 -34.31 0.31 -5.49
N VAL A 162 -35.14 -0.68 -5.80
CA VAL A 162 -34.78 -2.07 -5.72
C VAL A 162 -34.88 -2.65 -7.12
N ILE A 163 -33.72 -2.99 -7.69
CA ILE A 163 -33.63 -3.55 -9.04
C ILE A 163 -33.03 -5.00 -9.09
N PRO A 164 -33.73 -5.97 -9.73
CA PRO A 164 -33.16 -7.32 -9.93
C PRO A 164 -31.77 -7.30 -10.51
N ARG A 165 -30.88 -8.08 -9.91
CA ARG A 165 -29.49 -8.10 -10.32
C ARG A 165 -29.12 -9.56 -10.78
N PHE A 166 -28.52 -9.70 -11.94
CA PHE A 166 -28.28 -11.04 -12.49
C PHE A 166 -26.81 -11.22 -12.61
N ALA A 167 -26.31 -12.43 -12.32
CA ALA A 167 -24.94 -12.74 -12.68
C ALA A 167 -24.87 -14.04 -13.50
N LEU A 168 -23.95 -14.07 -14.44
CA LEU A 168 -23.66 -15.23 -15.25
C LEU A 168 -22.21 -15.63 -15.02
N SER A 169 -22.02 -16.82 -14.45
CA SER A 169 -20.73 -17.29 -14.00
C SER A 169 -20.31 -18.53 -14.82
N PRO A 170 -19.34 -18.38 -15.69
CA PRO A 170 -18.79 -19.55 -16.38
C PRO A 170 -18.01 -20.44 -15.43
N LYS A 171 -18.48 -21.68 -15.25
CA LYS A 171 -17.83 -22.61 -14.31
C LYS A 171 -17.52 -23.93 -15.00
N ILE A 172 -16.37 -24.50 -14.63
CA ILE A 172 -15.96 -25.83 -15.03
C ILE A 172 -16.60 -26.87 -14.12
N TYR A 173 -17.20 -27.88 -14.72
CA TYR A 173 -17.78 -28.94 -13.98
C TYR A 173 -17.43 -30.27 -14.74
N GLU A 174 -17.78 -31.39 -14.11
CA GLU A 174 -17.52 -32.73 -14.64
C GLU A 174 -18.81 -33.51 -14.81
N PRO A 175 -19.29 -33.62 -16.05
CA PRO A 175 -20.49 -34.42 -16.26
C PRO A 175 -20.28 -35.87 -15.80
N VAL A 176 -19.04 -36.37 -15.90
CA VAL A 176 -18.63 -37.66 -15.33
C VAL A 176 -17.14 -37.61 -15.09
N ASP A 177 -16.67 -38.53 -14.26
CA ASP A 177 -15.27 -38.51 -13.86
C ASP A 177 -14.36 -38.58 -15.09
N GLY A 178 -13.30 -37.78 -15.10
CA GLY A 178 -12.40 -37.72 -16.25
C GLY A 178 -12.76 -36.75 -17.37
N THR A 179 -13.99 -36.21 -17.40
CA THR A 179 -14.35 -35.29 -18.49
C THR A 179 -14.87 -33.95 -17.97
N THR A 180 -14.27 -32.88 -18.46
CA THR A 180 -14.64 -31.53 -18.06
C THR A 180 -15.54 -30.86 -19.10
N ARG A 181 -16.38 -29.96 -18.63
CA ARG A 181 -17.18 -29.10 -19.49
C ARG A 181 -17.31 -27.72 -18.85
N VAL A 182 -17.76 -26.75 -19.64
CA VAL A 182 -18.04 -25.44 -19.12
C VAL A 182 -19.54 -25.21 -19.13
N GLY A 183 -20.04 -24.65 -18.03
CA GLY A 183 -21.46 -24.32 -17.89
C GLY A 183 -21.55 -22.83 -17.61
N VAL A 184 -22.72 -22.23 -17.85
CA VAL A 184 -22.98 -20.83 -17.45
C VAL A 184 -24.07 -20.85 -16.42
N PHE A 185 -23.71 -20.41 -15.20
CA PHE A 185 -24.60 -20.46 -14.08
C PHE A 185 -25.19 -19.08 -13.79
N VAL A 186 -26.51 -19.08 -13.57
CA VAL A 186 -27.27 -17.89 -13.50
C VAL A 186 -27.72 -17.70 -12.05
N THR A 187 -27.39 -16.55 -11.51
CA THR A 187 -27.80 -16.21 -10.17
C THR A 187 -28.42 -14.82 -10.14
N ILE A 188 -29.29 -14.65 -9.16
CA ILE A 188 -30.13 -13.47 -9.03
C ILE A 188 -30.10 -12.96 -7.61
N GLY A 189 -29.94 -11.66 -7.47
CA GLY A 189 -30.17 -10.99 -6.19
C GLY A 189 -30.84 -9.65 -6.49
N MET A 190 -30.82 -8.75 -5.51
CA MET A 190 -31.50 -7.47 -5.62
C MET A 190 -30.56 -6.33 -5.24
N ARG A 191 -30.42 -5.35 -6.12
CA ARG A 191 -29.72 -4.12 -5.80
C ARG A 191 -30.67 -3.20 -5.06
N TYR A 192 -30.32 -2.83 -3.83
CA TYR A 192 -31.02 -1.78 -3.07
C TYR A 192 -30.18 -0.54 -3.10
N ASP A 193 -30.80 0.56 -3.54
CA ASP A 193 -30.11 1.83 -3.67
C ASP A 193 -31.03 3.02 -3.22
N ILE A 194 -30.44 4.00 -2.55
CA ILE A 194 -31.12 5.23 -2.10
C ILE A 194 -30.47 6.37 -2.83
N GLU A 195 -31.06 6.75 -3.95
CA GLU A 195 -30.46 7.79 -4.80
C GLU A 195 -30.70 9.22 -4.21
N ALA A 196 -31.72 9.36 -3.36
CA ALA A 196 -32.15 10.63 -2.75
C ALA A 196 -31.02 11.53 -2.29
N SER A 197 -31.19 12.81 -2.54
CA SER A 197 -30.23 13.78 -2.03
C SER A 197 -30.33 13.81 -0.51
N LEU A 198 -29.19 13.96 0.14
CA LEU A 198 -29.19 14.01 1.58
C LEU A 198 -30.01 15.22 2.08
N ARG A 199 -29.94 16.33 1.31
CA ARG A 199 -30.76 17.55 1.56
C ARG A 199 -32.25 17.23 1.62
N ASP A 200 -32.75 16.53 0.61
CA ASP A 200 -34.17 16.15 0.53
C ASP A 200 -34.61 15.30 1.71
N LEU A 201 -33.75 14.36 2.10
CA LEU A 201 -34.10 13.45 3.17
C LEU A 201 -34.25 14.18 4.50
N LEU A 202 -33.40 15.19 4.74
CA LEU A 202 -33.58 16.08 5.91
C LEU A 202 -34.99 16.68 6.07
N GLU A 203 -35.39 17.49 5.09
CA GLU A 203 -36.62 18.26 5.19
C GLU A 203 -37.86 17.38 5.30
N ALA A 204 -37.72 16.13 4.85
CA ALA A 204 -38.82 15.17 4.98
C ALA A 204 -38.98 14.66 6.41
N GLY A 205 -38.11 15.11 7.33
CA GLY A 205 -38.24 14.78 8.76
C GLY A 205 -37.45 13.55 9.19
N ILE A 206 -36.55 13.12 8.31
CA ILE A 206 -35.72 11.95 8.58
C ILE A 206 -34.47 12.42 9.29
N ASP A 207 -34.24 11.80 10.44
CA ASP A 207 -33.06 12.08 11.24
C ASP A 207 -31.86 11.28 10.70
N LEU A 208 -30.98 11.97 9.98
CA LEU A 208 -29.80 11.35 9.36
C LEU A 208 -28.59 11.16 10.27
N ARG A 209 -28.72 11.47 11.56
CA ARG A 209 -27.57 11.42 12.47
C ARG A 209 -27.26 9.97 12.75
N GLY A 210 -25.99 9.60 12.55
CA GLY A 210 -25.55 8.25 12.89
C GLY A 210 -25.67 7.26 11.72
N MET A 211 -26.16 7.70 10.56
CA MET A 211 -26.35 6.82 9.38
C MET A 211 -25.09 6.79 8.58
N TYR A 212 -24.78 5.64 7.98
CA TYR A 212 -23.59 5.54 7.14
C TYR A 212 -23.89 6.07 5.78
N VAL A 213 -22.82 6.55 5.16
CA VAL A 213 -22.86 7.24 3.94
C VAL A 213 -21.70 6.74 3.10
N VAL A 214 -21.94 6.64 1.81
CA VAL A 214 -21.00 6.16 0.82
C VAL A 214 -20.90 7.15 -0.34
N ARG A 215 -19.77 7.13 -1.03
CA ARG A 215 -19.52 7.83 -2.28
C ARG A 215 -20.53 7.50 -3.38
N ARG A 216 -21.06 8.52 -4.05
CA ARG A 216 -21.96 8.31 -5.20
C ARG A 216 -21.22 7.67 -6.34
N LYS A 217 -20.12 8.29 -6.74
CA LYS A 217 -19.28 7.78 -7.82
C LYS A 217 -18.01 7.26 -7.17
N ARG A 218 -17.65 6.01 -7.43
CA ARG A 218 -16.47 5.45 -6.78
C ARG A 218 -15.28 5.58 -7.71
N GLN A 219 -14.27 6.34 -7.28
CA GLN A 219 -13.07 6.51 -8.08
C GLN A 219 -12.54 5.10 -8.40
N PRO A 220 -11.79 4.95 -9.52
CA PRO A 220 -11.31 3.57 -9.75
C PRO A 220 -10.39 3.18 -8.60
N GLY A 221 -10.65 2.03 -7.97
CA GLY A 221 -9.91 1.64 -6.78
C GLY A 221 -10.04 2.75 -5.74
N GLU A 222 -11.28 3.04 -5.38
CA GLU A 222 -11.58 3.89 -4.25
C GLU A 222 -12.49 3.06 -3.33
N ARG A 223 -12.46 3.45 -2.05
CA ARG A 223 -13.35 2.94 -1.02
C ARG A 223 -14.73 3.54 -1.28
N GLY A 224 -15.73 2.90 -0.70
CA GLY A 224 -17.10 3.40 -0.78
C GLY A 224 -17.47 4.09 0.50
N LEU A 225 -17.27 3.39 1.61
CA LEU A 225 -17.67 3.90 2.91
C LEU A 225 -16.90 5.21 3.24
N LEU A 226 -17.65 6.23 3.64
CA LEU A 226 -17.05 7.53 4.04
C LEU A 226 -17.08 7.67 5.54
N GLY A 227 -18.15 7.21 6.13
CA GLY A 227 -18.36 7.30 7.55
C GLY A 227 -19.82 7.51 7.89
N ARG A 228 -20.03 8.01 9.11
CA ARG A 228 -21.33 8.29 9.67
C ARG A 228 -21.63 9.79 9.55
N VAL A 229 -22.91 10.14 9.63
CA VAL A 229 -23.36 11.51 9.52
C VAL A 229 -23.45 12.11 10.91
N ARG A 230 -22.62 13.12 11.17
CA ARG A 230 -22.65 13.90 12.43
C ARG A 230 -23.72 14.99 12.28
N ALA A 231 -23.60 15.78 11.20
CA ALA A 231 -24.58 16.81 10.86
C ALA A 231 -24.32 17.33 9.45
N ILE A 232 -25.31 18.00 8.86
CA ILE A 232 -25.10 18.71 7.59
C ILE A 232 -25.01 20.22 7.82
N SER A 233 -24.13 20.89 7.07
CA SER A 233 -23.89 22.32 7.23
C SER A 233 -24.32 23.09 5.99
N ASP A 234 -23.35 23.51 5.17
CA ASP A 234 -23.65 24.23 3.94
C ASP A 234 -24.03 23.18 2.88
N ASP A 235 -23.22 23.05 1.85
CA ASP A 235 -23.30 21.90 0.98
C ASP A 235 -22.34 20.85 1.56
N MET A 236 -22.41 20.60 2.86
CA MET A 236 -21.34 19.87 3.54
C MET A 236 -21.81 18.96 4.67
N VAL A 237 -21.56 17.65 4.52
CA VAL A 237 -21.80 16.66 5.59
C VAL A 237 -20.64 16.59 6.59
N GLN A 238 -20.97 16.66 7.87
CA GLN A 238 -19.98 16.40 8.92
C GLN A 238 -20.03 14.90 9.29
N LEU A 239 -18.88 14.24 9.16
CA LEU A 239 -18.75 12.79 9.41
C LEU A 239 -17.98 12.48 10.68
N PHE A 240 -18.56 11.64 11.53
CA PHE A 240 -17.78 10.92 12.54
C PHE A 240 -17.59 9.42 12.16
N GLU A 241 -16.58 8.78 12.74
CA GLU A 241 -16.14 7.42 12.37
C GLU A 241 -15.67 7.40 10.93
N GLU A 242 -15.09 8.50 10.49
CA GLU A 242 -14.74 8.61 9.09
C GLU A 242 -13.59 7.72 8.70
N THR A 243 -13.60 7.38 7.42
CA THR A 243 -12.64 6.47 6.84
C THR A 243 -11.51 7.25 6.19
N ASP A 244 -11.79 8.50 5.83
CA ASP A 244 -10.84 9.37 5.12
C ASP A 244 -10.94 10.77 5.72
N LEU A 245 -11.52 11.72 4.98
CA LEU A 245 -11.67 13.11 5.42
C LEU A 245 -12.95 13.24 6.24
N ALA A 246 -12.97 14.13 7.23
CA ALA A 246 -14.13 14.26 8.13
C ALA A 246 -15.27 15.12 7.59
N SER A 247 -15.25 15.37 6.28
CA SER A 247 -16.25 16.19 5.63
C SER A 247 -16.26 15.85 4.15
N VAL A 248 -17.45 15.93 3.54
CA VAL A 248 -17.66 15.69 2.11
C VAL A 248 -18.95 16.47 1.72
N ASN A 249 -19.13 16.81 0.43
CA ASN A 249 -20.34 17.58 0.03
C ASN A 249 -21.55 16.70 -0.03
N VAL A 250 -22.68 17.22 0.43
CA VAL A 250 -23.96 16.53 0.29
C VAL A 250 -24.08 15.86 -1.09
N ASN A 251 -23.42 16.45 -2.09
CA ASN A 251 -23.54 16.03 -3.48
C ASN A 251 -22.67 14.86 -3.89
N ASP A 252 -21.63 14.53 -3.12
CA ASP A 252 -20.76 13.41 -3.50
C ASP A 252 -21.00 12.15 -2.67
N ALA A 253 -21.97 12.25 -1.76
CA ALA A 253 -22.31 11.20 -0.82
C ALA A 253 -23.78 10.83 -0.93
N LYS A 254 -24.10 9.58 -0.58
CA LYS A 254 -25.47 9.10 -0.50
C LYS A 254 -25.55 8.14 0.66
N LEU A 255 -26.75 7.87 1.14
CA LEU A 255 -26.91 6.89 2.20
C LEU A 255 -26.56 5.49 1.65
N GLU A 256 -25.95 4.64 2.47
CA GLU A 256 -25.65 3.30 2.03
C GLU A 256 -26.96 2.56 1.96
N GLY A 257 -27.12 1.78 0.90
CA GLY A 257 -28.35 1.05 0.70
C GLY A 257 -28.56 -0.19 1.51
N SER A 258 -28.32 -0.08 2.83
CA SER A 258 -28.47 -1.16 3.76
C SER A 258 -29.92 -1.26 4.05
N LYS A 259 -30.31 -2.43 4.54
CA LYS A 259 -31.60 -2.59 5.11
C LYS A 259 -31.83 -1.56 6.23
N GLU A 260 -30.80 -1.23 7.00
CA GLU A 260 -30.95 -0.32 8.14
C GLU A 260 -31.39 1.04 7.64
N ASN A 261 -30.68 1.58 6.65
CA ASN A 261 -31.11 2.83 6.08
C ASN A 261 -32.50 2.73 5.39
N PHE A 262 -32.79 1.62 4.71
CA PHE A 262 -34.11 1.51 4.10
C PHE A 262 -35.17 1.64 5.18
N THR A 263 -35.11 0.79 6.21
CA THR A 263 -36.12 0.81 7.25
C THR A 263 -36.19 2.17 7.97
N ARG A 264 -35.04 2.73 8.32
CA ARG A 264 -35.04 4.03 8.98
C ARG A 264 -35.67 5.14 8.12
N CYS A 265 -35.32 5.22 6.84
CA CYS A 265 -35.97 6.20 5.96
C CYS A 265 -37.47 5.96 5.71
N LEU A 266 -37.86 4.71 5.48
CA LEU A 266 -39.20 4.42 5.03
C LEU A 266 -40.19 4.54 6.17
N SER A 267 -39.85 3.98 7.32
CA SER A 267 -40.74 4.05 8.48
C SER A 267 -40.99 5.50 8.87
N ALA A 268 -40.00 6.36 8.68
CA ALA A 268 -40.18 7.80 8.93
C ALA A 268 -41.14 8.43 7.92
N LEU A 269 -41.08 8.00 6.68
CA LEU A 269 -41.85 8.62 5.62
C LEU A 269 -43.24 8.04 5.48
N LEU A 270 -43.47 6.90 6.11
CA LEU A 270 -44.65 6.07 5.84
C LEU A 270 -45.42 5.50 7.05
N GLY A 271 -44.77 5.33 8.21
CA GLY A 271 -45.31 4.38 9.21
C GLY A 271 -46.69 4.76 9.68
N HIS A 272 -47.51 3.83 10.16
CA HIS A 272 -47.25 2.40 10.14
C HIS A 272 -47.88 1.79 8.90
N ASN A 273 -47.73 2.45 7.76
CA ASN A 273 -48.01 1.81 6.48
C ASN A 273 -46.76 1.11 5.95
N TYR A 274 -45.66 1.31 6.67
CA TYR A 274 -44.33 0.91 6.22
C TYR A 274 -44.17 -0.62 6.12
N LYS A 275 -44.70 -1.36 7.10
CA LYS A 275 -44.74 -2.82 7.02
C LYS A 275 -45.51 -3.29 5.78
N LYS A 276 -46.60 -2.61 5.44
CA LYS A 276 -47.41 -2.95 4.27
C LYS A 276 -46.57 -2.89 2.98
N LEU A 277 -45.67 -1.91 2.89
CA LEU A 277 -44.78 -1.79 1.75
C LEU A 277 -43.71 -2.90 1.71
N LEU A 278 -43.23 -3.29 2.90
CA LEU A 278 -42.19 -4.32 3.00
C LEU A 278 -42.73 -5.68 2.58
N ASN A 279 -43.86 -6.10 3.14
CA ASN A 279 -44.56 -7.32 2.67
C ASN A 279 -44.75 -7.34 1.16
N ALA A 280 -45.18 -6.21 0.62
CA ALA A 280 -45.42 -6.06 -0.81
C ALA A 280 -44.12 -6.12 -1.61
N LEU A 281 -43.08 -5.46 -1.11
CA LEU A 281 -41.76 -5.57 -1.71
C LEU A 281 -41.27 -7.03 -1.66
N ASP A 282 -41.46 -7.64 -0.50
CA ASP A 282 -41.16 -9.02 -0.28
C ASP A 282 -41.90 -9.92 -1.30
N ASP A 283 -43.19 -9.64 -1.52
CA ASP A 283 -43.96 -10.30 -2.58
C ASP A 283 -43.36 -10.10 -3.96
N GLN A 284 -42.99 -8.88 -4.29
CA GLN A 284 -42.34 -8.60 -5.57
C GLN A 284 -41.06 -9.45 -5.78
N GLU A 285 -40.23 -9.49 -4.76
CA GLU A 285 -38.94 -10.19 -4.82
C GLU A 285 -39.19 -11.67 -4.90
N ALA A 286 -40.20 -12.14 -4.21
CA ALA A 286 -40.59 -13.55 -4.32
C ALA A 286 -40.87 -13.91 -5.79
N GLY A 287 -41.35 -12.94 -6.56
CA GLY A 287 -41.48 -13.06 -7.99
C GLY A 287 -40.23 -13.39 -8.79
N TYR A 288 -39.04 -13.30 -8.20
CA TYR A 288 -37.79 -13.69 -8.88
C TYR A 288 -37.04 -14.82 -8.15
N ARG A 289 -37.36 -15.10 -6.88
CA ARG A 289 -36.49 -15.92 -6.04
C ARG A 289 -37.16 -17.23 -5.63
N THR A 290 -38.49 -17.32 -5.73
CA THR A 290 -39.13 -18.57 -5.45
C THR A 290 -38.73 -19.63 -6.47
N GLY A 291 -38.76 -20.88 -6.04
CA GLY A 291 -38.34 -21.98 -6.90
C GLY A 291 -38.83 -21.89 -8.33
N PRO A 292 -40.17 -21.95 -8.52
CA PRO A 292 -40.71 -21.93 -9.88
C PRO A 292 -40.36 -20.66 -10.57
N ARG A 293 -40.45 -19.53 -9.86
CA ARG A 293 -40.15 -18.24 -10.47
C ARG A 293 -38.67 -18.07 -10.77
N PHE A 294 -37.79 -18.60 -9.92
CA PHE A 294 -36.36 -18.58 -10.26
C PHE A 294 -36.08 -19.51 -11.43
N ASP A 295 -36.67 -20.68 -11.40
CA ASP A 295 -36.48 -21.66 -12.53
C ASP A 295 -36.93 -20.99 -13.81
N ASP A 296 -38.07 -20.30 -13.76
CA ASP A 296 -38.52 -19.54 -14.95
C ASP A 296 -37.55 -18.44 -15.40
N ALA A 297 -37.02 -17.67 -14.44
CA ALA A 297 -36.07 -16.63 -14.83
C ALA A 297 -34.80 -17.20 -15.42
N VAL A 298 -34.37 -18.33 -14.91
CA VAL A 298 -33.20 -18.98 -15.45
C VAL A 298 -33.50 -19.47 -16.88
N ARG A 299 -34.62 -20.15 -17.05
CA ARG A 299 -35.05 -20.57 -18.40
C ARG A 299 -35.00 -19.43 -19.37
N ARG A 300 -35.63 -18.30 -19.00
CA ARG A 300 -35.72 -17.12 -19.90
C ARG A 300 -34.40 -16.55 -20.21
N MET A 301 -33.49 -16.59 -19.25
CA MET A 301 -32.12 -16.11 -19.49
C MET A 301 -31.35 -17.01 -20.44
N GLY A 302 -31.56 -18.32 -20.31
CA GLY A 302 -30.94 -19.25 -21.23
C GLY A 302 -31.47 -19.08 -22.66
N GLU A 303 -32.79 -18.88 -22.79
CA GLU A 303 -33.40 -18.59 -24.11
C GLU A 303 -32.79 -17.38 -24.74
N PHE A 304 -32.72 -16.30 -23.97
CA PHE A 304 -32.12 -15.10 -24.46
C PHE A 304 -30.67 -15.29 -24.95
N LEU A 305 -29.83 -15.97 -24.18
CA LEU A 305 -28.42 -16.18 -24.57
C LEU A 305 -28.24 -17.19 -25.71
N ALA A 306 -29.16 -18.16 -25.79
CA ALA A 306 -29.15 -19.15 -26.86
C ALA A 306 -29.62 -18.58 -28.22
N LYS A 307 -30.28 -17.41 -28.22
CA LYS A 307 -30.80 -16.74 -29.44
C LYS A 307 -29.77 -16.48 -30.55
N LYS A 308 -28.56 -16.11 -30.17
CA LYS A 308 -27.49 -15.86 -31.12
C LYS A 308 -26.29 -16.67 -30.62
N PRO A 309 -25.38 -17.03 -31.53
CA PRO A 309 -24.09 -17.56 -31.08
C PRO A 309 -23.32 -16.52 -30.29
N ILE A 310 -22.44 -16.98 -29.40
CA ILE A 310 -21.59 -16.08 -28.64
C ILE A 310 -20.24 -16.06 -29.30
N ARG A 311 -19.79 -14.88 -29.71
CA ARG A 311 -18.56 -14.72 -30.44
C ARG A 311 -17.37 -14.84 -29.52
N LEU A 312 -16.66 -15.96 -29.58
CA LEU A 312 -15.40 -16.10 -28.84
C LEU A 312 -14.28 -15.43 -29.60
N ALA A 313 -14.34 -15.52 -30.91
CA ALA A 313 -13.61 -14.64 -31.80
C ALA A 313 -14.57 -14.38 -32.94
N ASP A 314 -14.13 -13.66 -33.96
CA ASP A 314 -15.05 -13.32 -35.07
C ASP A 314 -15.43 -14.54 -35.94
N ASN A 315 -14.59 -15.57 -35.92
CA ASN A 315 -14.83 -16.82 -36.67
C ASN A 315 -15.13 -18.05 -35.78
N ILE A 316 -15.03 -17.90 -34.47
CA ILE A 316 -15.17 -18.99 -33.51
C ILE A 316 -16.33 -18.69 -32.57
N ASN A 317 -17.30 -19.59 -32.51
CA ASN A 317 -18.52 -19.36 -31.73
C ASN A 317 -18.73 -20.35 -30.62
N ALA A 318 -19.43 -19.92 -29.58
CA ALA A 318 -19.99 -20.80 -28.57
C ALA A 318 -21.50 -20.76 -28.63
N GLN A 319 -22.13 -21.81 -28.13
CA GLN A 319 -23.56 -21.88 -28.14
C GLN A 319 -24.01 -22.35 -26.78
N VAL A 320 -24.98 -21.65 -26.23
CA VAL A 320 -25.56 -22.04 -24.96
C VAL A 320 -26.60 -23.09 -25.23
N GLY A 321 -26.53 -24.18 -24.48
CA GLY A 321 -27.27 -25.38 -24.78
C GLY A 321 -28.29 -25.70 -23.70
N ASP A 322 -28.36 -26.98 -23.33
CA ASP A 322 -29.40 -27.47 -22.45
C ASP A 322 -29.10 -27.07 -21.00
N ARG A 323 -30.13 -27.14 -20.14
CA ARG A 323 -30.00 -26.94 -18.71
C ARG A 323 -29.20 -28.08 -18.14
N ILE A 324 -28.11 -27.77 -17.44
CA ILE A 324 -27.33 -28.84 -16.76
C ILE A 324 -28.10 -29.50 -15.66
N VAL A 325 -28.08 -30.82 -15.66
CA VAL A 325 -28.84 -31.59 -14.73
C VAL A 325 -27.86 -32.40 -13.89
N PHE A 326 -28.32 -32.82 -12.71
CA PHE A 326 -27.68 -33.82 -11.89
C PHE A 326 -28.51 -35.09 -11.79
N SER A 327 -28.01 -36.15 -12.42
CA SER A 327 -28.75 -37.42 -12.54
C SER A 327 -27.84 -38.63 -12.55
N ASN A 328 -28.47 -39.81 -12.52
CA ASN A 328 -27.74 -41.07 -12.65
C ASN A 328 -27.99 -41.81 -14.01
N GLU A 329 -28.45 -41.04 -14.99
CA GLU A 329 -28.61 -41.49 -16.38
C GLU A 329 -27.26 -41.83 -17.05
N GLY A 330 -27.23 -42.93 -17.80
CA GLY A 330 -26.03 -43.28 -18.59
C GLY A 330 -24.85 -43.71 -17.72
N GLN A 331 -23.66 -43.28 -18.08
CA GLN A 331 -22.47 -43.40 -17.20
C GLN A 331 -22.38 -42.29 -16.08
N ALA A 332 -23.41 -41.48 -15.88
CA ALA A 332 -23.38 -40.44 -14.81
C ALA A 332 -23.87 -41.02 -13.50
N ARG A 333 -23.11 -40.83 -12.43
CA ARG A 333 -23.58 -41.10 -11.07
C ARG A 333 -23.41 -39.80 -10.28
N ASN A 334 -24.42 -38.94 -10.34
CA ASN A 334 -24.24 -37.53 -9.95
C ASN A 334 -25.22 -37.04 -8.91
N VAL A 335 -26.10 -37.91 -8.45
CA VAL A 335 -27.02 -37.50 -7.43
C VAL A 335 -27.31 -38.66 -6.52
N ARG A 336 -27.29 -38.37 -5.22
CA ARG A 336 -27.81 -39.28 -4.23
C ARG A 336 -28.54 -38.57 -3.10
N LEU A 337 -29.26 -39.35 -2.32
CA LEU A 337 -29.98 -38.88 -1.16
C LEU A 337 -29.47 -39.57 0.11
N ALA A 338 -28.73 -38.82 0.93
CA ALA A 338 -28.38 -39.29 2.28
C ALA A 338 -29.60 -39.68 3.08
N PRO A 339 -29.47 -40.72 3.90
CA PRO A 339 -30.50 -41.02 4.87
C PRO A 339 -30.84 -39.83 5.79
N LYS A 340 -32.02 -39.87 6.37
CA LYS A 340 -32.42 -38.90 7.38
C LYS A 340 -31.43 -38.98 8.57
N VAL A 341 -30.98 -37.84 9.06
CA VAL A 341 -30.18 -37.84 10.28
C VAL A 341 -31.07 -38.33 11.37
N GLU A 342 -30.54 -39.16 12.25
CA GLU A 342 -31.30 -39.53 13.45
C GLU A 342 -30.66 -38.85 14.66
N TYR A 343 -31.50 -38.23 15.48
CA TYR A 343 -31.08 -37.73 16.76
C TYR A 343 -31.13 -38.87 17.75
N VAL A 344 -30.00 -39.15 18.41
CA VAL A 344 -29.93 -40.29 19.32
C VAL A 344 -29.78 -39.88 20.79
N PHE A 345 -30.59 -40.55 21.62
CA PHE A 345 -30.78 -40.23 23.02
C PHE A 345 -30.41 -41.31 23.98
N ASP A 346 -29.75 -42.36 23.50
CA ASP A 346 -29.14 -43.32 24.41
C ASP A 346 -27.96 -43.98 23.71
N ARG A 347 -27.17 -44.73 24.48
CA ARG A 347 -25.99 -45.38 23.93
C ARG A 347 -26.39 -46.64 23.14
N THR A 348 -27.53 -47.23 23.50
CA THR A 348 -27.96 -48.49 22.90
C THR A 348 -28.49 -48.32 21.48
N GLY A 349 -28.55 -47.08 20.99
CA GLY A 349 -29.09 -46.75 19.65
C GLY A 349 -30.60 -46.89 19.55
N ALA A 350 -31.20 -47.50 20.58
CA ALA A 350 -32.62 -47.87 20.57
C ALA A 350 -33.58 -46.68 20.68
N LYS A 351 -33.17 -45.62 21.36
CA LYS A 351 -34.01 -44.42 21.52
C LYS A 351 -33.52 -43.32 20.56
N SER A 352 -34.31 -43.05 19.52
CA SER A 352 -33.91 -42.11 18.50
C SER A 352 -35.12 -41.43 17.87
N ALA A 353 -34.89 -40.31 17.21
CA ALA A 353 -35.98 -39.58 16.59
C ALA A 353 -35.53 -38.85 15.37
N GLU A 354 -36.48 -38.34 14.59
CA GLU A 354 -36.18 -37.62 13.35
C GLU A 354 -35.92 -36.16 13.66
N TYR A 355 -36.46 -35.73 14.79
CA TYR A 355 -36.41 -34.32 15.24
C TYR A 355 -35.91 -34.23 16.66
N ALA A 356 -35.12 -33.18 16.95
CA ALA A 356 -34.45 -33.06 18.24
C ALA A 356 -35.43 -32.92 19.41
N TRP A 357 -36.40 -32.03 19.27
CA TRP A 357 -37.34 -31.78 20.38
C TRP A 357 -38.26 -32.99 20.65
N ARG A 358 -38.80 -33.57 19.58
CA ARG A 358 -39.62 -34.75 19.69
C ARG A 358 -38.91 -35.80 20.51
N GLY A 359 -37.67 -36.05 20.15
CA GLY A 359 -36.85 -37.02 20.84
C GLY A 359 -36.56 -36.60 22.25
N LEU A 360 -36.23 -35.33 22.45
CA LEU A 360 -35.83 -34.90 23.78
C LEU A 360 -37.02 -34.99 24.73
N SER A 361 -38.16 -34.47 24.29
CA SER A 361 -39.43 -34.59 25.01
C SER A 361 -39.74 -36.00 25.47
N GLN A 362 -39.61 -36.97 24.56
CA GLN A 362 -39.96 -38.35 24.87
C GLN A 362 -38.91 -39.06 25.75
N PHE A 363 -37.64 -38.95 25.40
CA PHE A 363 -36.63 -39.75 26.06
C PHE A 363 -35.88 -39.03 27.18
N GLY A 364 -35.93 -37.69 27.21
CA GLY A 364 -34.94 -36.91 27.98
C GLY A 364 -33.56 -37.00 27.32
N PRO A 365 -32.52 -36.40 27.93
CA PRO A 365 -31.26 -36.26 27.21
C PRO A 365 -30.40 -37.50 27.19
N PHE A 366 -29.51 -37.53 26.21
CA PHE A 366 -28.57 -38.62 26.01
C PHE A 366 -27.85 -39.02 27.28
N ASP A 367 -27.41 -38.05 28.08
CA ASP A 367 -26.61 -38.40 29.26
C ASP A 367 -27.39 -38.43 30.56
N ARG A 368 -28.72 -38.57 30.53
CA ARG A 368 -29.40 -38.44 31.83
C ARG A 368 -29.09 -39.54 32.83
N PRO A 369 -28.76 -40.76 32.37
CA PRO A 369 -28.40 -41.74 33.41
C PRO A 369 -27.15 -41.36 34.17
N SER A 370 -26.26 -40.60 33.55
CA SER A 370 -25.00 -40.26 34.20
C SER A 370 -24.87 -38.80 34.65
N PHE A 371 -25.82 -37.93 34.30
CA PHE A 371 -25.63 -36.53 34.58
C PHE A 371 -25.43 -36.32 36.09
N ALA A 372 -24.30 -35.70 36.46
CA ALA A 372 -23.84 -35.65 37.85
C ALA A 372 -24.60 -34.67 38.75
N ASN A 373 -25.00 -33.52 38.21
CA ASN A 373 -25.55 -32.43 39.03
C ASN A 373 -27.07 -32.26 38.86
N ARG A 374 -27.82 -33.00 39.66
CA ARG A 374 -29.27 -33.05 39.61
C ARG A 374 -30.00 -31.90 40.36
N SER A 375 -29.22 -31.06 41.06
CA SER A 375 -29.79 -29.87 41.74
C SER A 375 -28.93 -28.66 41.52
N PRO A 376 -28.89 -28.17 40.27
CA PRO A 376 -28.12 -26.99 39.93
C PRO A 376 -28.61 -25.76 40.70
N ARG A 377 -27.70 -24.90 41.10
CA ARG A 377 -28.00 -23.60 41.66
C ARG A 377 -27.65 -22.64 40.58
N ILE A 378 -28.62 -21.84 40.20
CA ILE A 378 -28.41 -20.88 39.16
C ILE A 378 -28.62 -19.45 39.64
N LEU A 379 -27.60 -18.63 39.46
CA LEU A 379 -27.64 -17.23 39.82
C LEU A 379 -28.48 -16.54 38.76
N VAL A 380 -29.39 -15.64 39.13
CA VAL A 380 -30.19 -14.91 38.13
C VAL A 380 -29.94 -13.45 38.34
N VAL A 381 -29.29 -12.81 37.39
CA VAL A 381 -28.87 -11.44 37.51
C VAL A 381 -29.76 -10.60 36.62
N TYR A 382 -30.39 -9.56 37.16
CA TYR A 382 -31.44 -8.82 36.39
C TYR A 382 -31.68 -7.39 36.97
N PRO A 383 -32.18 -6.45 36.14
CA PRO A 383 -32.44 -5.09 36.68
C PRO A 383 -33.60 -5.21 37.62
N SER A 384 -33.42 -4.70 38.84
CA SER A 384 -34.50 -4.80 39.85
C SER A 384 -35.90 -4.43 39.31
N SER A 385 -35.99 -3.48 38.42
CA SER A 385 -37.30 -3.10 37.84
C SER A 385 -37.97 -4.09 36.89
N THR A 386 -37.35 -5.26 36.64
CA THR A 386 -37.91 -6.25 35.74
C THR A 386 -38.26 -7.46 36.53
N GLN A 387 -38.18 -7.32 37.84
CA GLN A 387 -38.35 -8.42 38.76
C GLN A 387 -39.54 -9.32 38.45
N GLY A 388 -40.72 -8.74 38.33
CA GLY A 388 -41.91 -9.55 38.11
C GLY A 388 -41.87 -10.24 36.75
N LYS A 389 -41.41 -9.54 35.72
CA LYS A 389 -41.29 -10.15 34.36
C LYS A 389 -40.28 -11.34 34.33
N VAL A 390 -39.20 -11.19 35.07
CA VAL A 390 -38.19 -12.23 35.18
C VAL A 390 -38.73 -13.41 35.98
N GLU A 391 -39.50 -13.17 37.04
CA GLU A 391 -40.11 -14.33 37.76
C GLU A 391 -41.03 -15.14 36.86
N ASN A 392 -41.85 -14.45 36.08
CA ASN A 392 -42.74 -15.08 35.13
C ASN A 392 -41.97 -15.96 34.14
N PHE A 393 -40.83 -15.44 33.68
CA PHE A 393 -39.95 -16.14 32.74
C PHE A 393 -39.32 -17.34 33.43
N LEU A 394 -38.75 -17.17 34.61
CA LEU A 394 -38.15 -18.29 35.32
C LEU A 394 -39.12 -19.38 35.66
N SER A 395 -40.36 -18.98 35.96
CA SER A 395 -41.34 -19.99 36.31
C SER A 395 -41.64 -20.84 35.06
N ALA A 396 -41.74 -20.16 33.93
CA ALA A 396 -42.07 -20.81 32.68
C ALA A 396 -40.95 -21.77 32.31
N PHE A 397 -39.72 -21.28 32.45
CA PHE A 397 -38.49 -22.08 32.19
C PHE A 397 -38.35 -23.31 33.04
N ARG A 398 -38.39 -23.13 34.35
CA ARG A 398 -38.20 -24.26 35.21
C ARG A 398 -39.36 -25.27 35.33
N ASP A 399 -40.57 -24.75 35.41
CA ASP A 399 -41.76 -25.56 35.72
C ASP A 399 -42.68 -25.71 34.53
N GLY A 400 -42.32 -25.13 33.39
CA GLY A 400 -43.09 -25.33 32.18
C GLY A 400 -44.26 -24.40 32.06
N MET A 401 -44.92 -24.46 30.91
CA MET A 401 -46.01 -23.54 30.55
C MET A 401 -47.36 -24.27 30.51
N GLY A 402 -47.35 -25.56 30.81
CA GLY A 402 -48.48 -26.45 30.70
C GLY A 402 -48.98 -26.82 29.31
N SER A 403 -50.05 -27.61 29.31
CA SER A 403 -50.62 -28.24 28.11
C SER A 403 -51.18 -27.29 27.04
N ASN A 404 -51.50 -26.06 27.41
CA ASN A 404 -51.89 -25.06 26.38
C ASN A 404 -50.71 -24.60 25.49
N TYR A 405 -49.48 -24.91 25.89
CA TYR A 405 -48.28 -24.59 25.11
C TYR A 405 -47.45 -25.87 25.09
N SER A 406 -47.90 -26.75 24.22
CA SER A 406 -47.35 -28.07 24.09
C SER A 406 -45.88 -28.06 23.63
N GLY A 407 -45.40 -26.99 23.02
CA GLY A 407 -43.97 -26.86 22.73
C GLY A 407 -43.08 -26.80 23.97
N PHE A 408 -43.59 -26.27 25.08
CA PHE A 408 -42.85 -26.25 26.36
C PHE A 408 -43.73 -26.49 27.58
N SER A 409 -44.28 -27.70 27.68
CA SER A 409 -45.18 -28.05 28.78
C SER A 409 -44.48 -28.41 30.08
N LYS A 410 -43.56 -29.36 30.03
CA LYS A 410 -42.97 -29.91 31.26
C LYS A 410 -42.06 -28.97 32.06
N GLY A 411 -41.36 -28.06 31.40
CA GLY A 411 -40.32 -27.28 32.05
C GLY A 411 -38.99 -28.02 32.16
N PHE A 412 -37.95 -27.23 32.47
CA PHE A 412 -36.59 -27.63 32.39
C PHE A 412 -36.32 -28.83 33.27
N VAL A 413 -36.88 -28.79 34.46
CA VAL A 413 -36.60 -29.81 35.46
C VAL A 413 -37.06 -31.21 35.02
N ASP A 414 -38.31 -31.34 34.59
CA ASP A 414 -38.80 -32.64 34.12
C ASP A 414 -38.31 -33.00 32.70
N LEU A 415 -38.15 -32.00 31.83
CA LEU A 415 -37.51 -32.18 30.52
C LEU A 415 -36.17 -32.90 30.63
N MET A 416 -35.26 -32.39 31.47
CA MET A 416 -33.91 -32.90 31.56
C MET A 416 -33.68 -33.96 32.62
N GLY A 417 -34.73 -34.33 33.36
CA GLY A 417 -34.61 -35.38 34.34
C GLY A 417 -33.81 -34.98 35.56
N LEU A 418 -33.97 -33.73 36.02
CA LEU A 418 -33.32 -33.20 37.23
C LEU A 418 -34.26 -33.34 38.44
N THR A 419 -33.71 -33.19 39.65
CA THR A 419 -34.57 -33.16 40.85
C THR A 419 -35.14 -31.75 41.06
N LYS A 420 -34.28 -30.73 41.03
CA LYS A 420 -34.76 -29.35 41.20
C LYS A 420 -33.81 -28.31 40.66
N VAL A 421 -34.28 -27.07 40.56
CA VAL A 421 -33.41 -25.93 40.31
C VAL A 421 -33.64 -24.80 41.33
N GLU A 422 -32.56 -24.35 41.91
CA GLU A 422 -32.59 -23.28 42.90
C GLU A 422 -32.05 -22.06 42.23
N PHE A 423 -32.88 -21.01 42.14
CA PHE A 423 -32.42 -19.73 41.66
C PHE A 423 -31.89 -18.89 42.81
N VAL A 424 -30.72 -18.27 42.64
CA VAL A 424 -30.20 -17.34 43.61
C VAL A 424 -30.42 -15.98 42.96
N MET A 425 -31.33 -15.17 43.51
CA MET A 425 -31.72 -13.92 42.83
C MET A 425 -30.73 -12.83 43.09
N CYS A 426 -30.29 -12.17 42.05
CA CYS A 426 -29.32 -11.12 42.14
C CYS A 426 -29.82 -9.86 41.41
N PRO A 427 -30.75 -9.13 42.08
CA PRO A 427 -31.23 -7.91 41.44
C PRO A 427 -30.16 -6.86 41.34
N VAL A 428 -30.21 -6.07 40.28
CA VAL A 428 -29.26 -5.02 40.05
C VAL A 428 -29.97 -3.67 39.94
N GLU A 429 -29.52 -2.68 40.71
CA GLU A 429 -30.11 -1.33 40.64
C GLU A 429 -29.58 -0.56 39.44
N VAL A 430 -30.24 -0.69 38.30
CA VAL A 430 -29.70 -0.11 37.07
C VAL A 430 -30.86 0.19 36.13
N SER A 431 -30.71 1.22 35.33
CA SER A 431 -31.77 1.59 34.39
C SER A 431 -31.30 1.50 32.95
N SER A 432 -32.24 1.31 32.03
CA SER A 432 -31.90 1.24 30.61
C SER A 432 -31.25 2.53 30.11
N ALA A 433 -31.57 3.65 30.76
CA ALA A 433 -30.96 4.92 30.39
C ALA A 433 -29.46 4.98 30.72
N ASP A 434 -29.02 4.20 31.68
CA ASP A 434 -27.63 4.27 32.12
C ASP A 434 -26.74 3.58 31.09
N ARG A 435 -26.15 4.34 30.21
CA ARG A 435 -25.32 3.78 29.19
C ARG A 435 -23.86 3.65 29.57
N ASN A 436 -23.42 4.25 30.65
CA ASN A 436 -22.00 4.33 30.92
C ASN A 436 -21.55 3.50 32.09
N GLY A 437 -22.43 3.23 33.04
CA GLY A 437 -22.04 2.48 34.23
C GLY A 437 -22.88 1.26 34.49
N ALA A 438 -23.67 0.82 33.50
CA ALA A 438 -24.44 -0.42 33.64
C ALA A 438 -23.56 -1.62 33.94
N HIS A 439 -22.48 -1.77 33.19
CA HIS A 439 -21.60 -2.92 33.39
C HIS A 439 -21.00 -3.00 34.80
N THR A 440 -20.53 -1.84 35.30
CA THR A 440 -19.98 -1.75 36.68
C THR A 440 -20.99 -2.20 37.72
N LYS A 441 -22.24 -1.82 37.53
CA LYS A 441 -23.29 -2.17 38.47
C LYS A 441 -23.66 -3.61 38.43
N TYR A 442 -23.81 -4.18 37.24
CA TYR A 442 -23.99 -5.64 37.21
C TYR A 442 -22.84 -6.38 37.96
N ASN A 443 -21.62 -6.05 37.64
CA ASN A 443 -20.52 -6.85 38.22
C ASN A 443 -20.40 -6.68 39.73
N SER A 444 -20.69 -5.45 40.17
CA SER A 444 -20.66 -5.17 41.60
C SER A 444 -21.67 -6.01 42.29
N ALA A 445 -22.88 -6.06 41.72
CA ALA A 445 -23.94 -6.86 42.26
C ALA A 445 -23.65 -8.36 42.26
N ILE A 446 -23.07 -8.87 41.18
CA ILE A 446 -22.65 -10.30 41.19
C ILE A 446 -21.63 -10.62 42.30
N GLU A 447 -20.61 -9.79 42.36
CA GLU A 447 -19.54 -10.04 43.30
C GLU A 447 -20.08 -10.06 44.75
N ASP A 448 -20.87 -9.06 45.09
CA ASP A 448 -21.47 -9.01 46.44
C ASP A 448 -22.42 -10.16 46.74
N LYS A 449 -23.21 -10.55 45.74
CA LYS A 449 -24.08 -11.71 45.93
C LYS A 449 -23.30 -13.03 46.08
N LEU A 450 -22.28 -13.26 45.25
CA LEU A 450 -21.57 -14.56 45.31
C LEU A 450 -20.67 -14.71 46.56
N ALA A 451 -20.06 -13.61 46.99
CA ALA A 451 -19.22 -13.59 48.22
C ALA A 451 -19.90 -14.29 49.39
N GLY A 452 -21.17 -13.99 49.57
CA GLY A 452 -21.96 -14.56 50.67
C GLY A 452 -22.89 -15.70 50.30
N ALA A 453 -22.72 -16.30 49.12
CA ALA A 453 -23.72 -17.24 48.59
C ALA A 453 -23.28 -18.68 48.42
N GLY A 454 -21.98 -18.97 48.52
CA GLY A 454 -21.48 -20.30 48.18
C GLY A 454 -21.55 -20.54 46.67
N GLU A 455 -21.54 -21.81 46.25
CA GLU A 455 -21.22 -22.13 44.84
C GLU A 455 -22.46 -22.12 43.93
N VAL A 456 -22.34 -21.46 42.77
CA VAL A 456 -23.37 -21.53 41.77
C VAL A 456 -22.82 -22.29 40.58
N HIS A 457 -23.69 -23.01 39.91
CA HIS A 457 -23.27 -23.90 38.82
C HIS A 457 -23.45 -23.27 37.48
N ALA A 458 -24.40 -22.33 37.39
CA ALA A 458 -24.60 -21.53 36.20
C ALA A 458 -25.29 -20.24 36.60
N GLY A 459 -25.46 -19.35 35.62
CA GLY A 459 -26.10 -18.08 35.82
C GLY A 459 -26.91 -17.68 34.62
N ILE A 460 -27.92 -16.86 34.86
CA ILE A 460 -28.76 -16.32 33.81
C ILE A 460 -28.61 -14.86 34.01
N VAL A 461 -28.31 -14.14 32.97
CA VAL A 461 -28.15 -12.74 33.05
C VAL A 461 -29.16 -12.11 32.09
N VAL A 462 -30.05 -11.30 32.67
CA VAL A 462 -31.08 -10.53 31.89
C VAL A 462 -30.59 -9.16 31.59
N LEU A 463 -30.68 -8.78 30.35
CA LEU A 463 -30.14 -7.55 29.83
C LEU A 463 -31.23 -6.62 29.23
N PHE A 464 -31.09 -5.31 29.38
CA PHE A 464 -31.90 -4.35 28.65
C PHE A 464 -31.50 -4.30 27.19
N GLU A 465 -32.47 -4.08 26.31
CA GLU A 465 -32.20 -4.02 24.86
C GLU A 465 -31.24 -2.90 24.53
N ASP A 466 -31.45 -1.75 25.17
CA ASP A 466 -30.53 -0.60 24.98
C ASP A 466 -29.07 -0.81 25.50
N HIS A 467 -28.83 -1.84 26.30
CA HIS A 467 -27.46 -2.18 26.73
C HIS A 467 -26.73 -3.25 25.88
N ALA A 468 -27.52 -4.08 25.21
CA ALA A 468 -27.04 -5.29 24.51
C ALA A 468 -25.95 -5.03 23.54
N ARG A 469 -25.99 -3.88 22.86
CA ARG A 469 -25.02 -3.55 21.85
C ARG A 469 -24.15 -2.35 22.13
N LEU A 470 -24.04 -1.96 23.38
CA LEU A 470 -23.04 -0.97 23.75
C LEU A 470 -21.62 -1.44 23.41
N PRO A 471 -20.71 -0.50 23.22
CA PRO A 471 -19.33 -0.87 22.98
C PRO A 471 -18.80 -1.71 24.14
N ASP A 472 -17.81 -2.55 23.86
CA ASP A 472 -17.42 -3.58 24.81
C ASP A 472 -16.87 -3.07 26.13
N ASP A 473 -16.23 -1.90 26.12
CA ASP A 473 -15.77 -1.28 27.37
C ASP A 473 -16.88 -0.93 28.40
N ARG A 474 -18.16 -0.85 27.97
CA ARG A 474 -19.30 -0.63 28.89
C ARG A 474 -20.48 -1.60 28.61
N ASN A 475 -20.22 -2.69 27.90
CA ASN A 475 -21.26 -3.70 27.61
C ASN A 475 -21.40 -4.74 28.70
N PRO A 476 -22.58 -4.82 29.35
CA PRO A 476 -22.85 -5.75 30.43
C PRO A 476 -22.92 -7.21 30.03
N TYR A 477 -23.26 -7.45 28.76
CA TYR A 477 -23.21 -8.83 28.22
C TYR A 477 -21.78 -9.35 28.45
N ILE A 478 -20.82 -8.67 27.85
CA ILE A 478 -19.47 -9.19 27.82
C ILE A 478 -18.80 -9.09 29.22
N HIS A 479 -19.08 -8.03 29.98
CA HIS A 479 -18.55 -7.93 31.35
C HIS A 479 -19.06 -8.93 32.27
N THR A 480 -20.34 -9.29 32.20
CA THR A 480 -20.82 -10.25 33.12
C THR A 480 -20.35 -11.63 32.60
N LYS A 481 -20.31 -11.79 31.29
CA LYS A 481 -19.88 -13.12 30.74
C LYS A 481 -18.42 -13.31 31.22
N SER A 482 -17.63 -12.24 31.14
CA SER A 482 -16.24 -12.29 31.53
C SER A 482 -16.09 -12.67 32.97
N LEU A 483 -16.70 -11.91 33.87
CA LEU A 483 -16.58 -12.19 35.30
C LEU A 483 -17.03 -13.55 35.68
N LEU A 484 -18.22 -13.93 35.23
CA LEU A 484 -18.70 -15.22 35.59
C LEU A 484 -17.86 -16.38 34.96
N LEU A 485 -17.43 -16.26 33.73
CA LEU A 485 -16.53 -17.33 33.18
C LEU A 485 -15.17 -17.42 33.91
N THR A 486 -14.61 -16.28 34.32
CA THR A 486 -13.38 -16.29 35.15
C THR A 486 -13.56 -17.07 36.41
N LEU A 487 -14.74 -16.99 37.02
CA LEU A 487 -15.09 -17.71 38.21
C LEU A 487 -15.51 -19.11 37.98
N GLY A 488 -15.60 -19.51 36.71
CA GLY A 488 -15.93 -20.86 36.38
C GLY A 488 -17.44 -21.09 36.33
N VAL A 489 -18.19 -20.06 36.00
CA VAL A 489 -19.66 -20.15 36.04
C VAL A 489 -20.11 -19.78 34.63
N PRO A 490 -20.60 -20.76 33.86
CA PRO A 490 -21.08 -20.46 32.53
C PRO A 490 -22.42 -19.71 32.63
N THR A 491 -22.70 -18.81 31.71
CA THR A 491 -24.00 -18.16 31.68
C THR A 491 -24.85 -18.34 30.41
N GLN A 492 -26.18 -18.29 30.61
CA GLN A 492 -27.12 -18.08 29.50
C GLN A 492 -27.75 -16.73 29.67
N GLN A 493 -27.43 -15.82 28.78
CA GLN A 493 -27.93 -14.49 28.88
C GLN A 493 -29.21 -14.34 28.02
N VAL A 494 -29.91 -13.22 28.22
CA VAL A 494 -31.27 -13.03 27.66
C VAL A 494 -31.65 -11.57 27.70
N ARG A 495 -32.17 -11.05 26.61
CA ARG A 495 -32.57 -9.65 26.46
C ARG A 495 -34.07 -9.53 26.84
N MET A 496 -34.45 -8.40 27.42
CA MET A 496 -35.82 -8.25 27.93
C MET A 496 -36.91 -8.46 26.85
N PRO A 497 -36.67 -8.00 25.62
CA PRO A 497 -37.71 -8.33 24.61
C PRO A 497 -38.00 -9.82 24.49
N THR A 498 -37.00 -10.65 24.75
CA THR A 498 -37.19 -12.07 24.79
C THR A 498 -37.92 -12.56 26.02
N VAL A 499 -37.50 -12.05 27.16
CA VAL A 499 -38.20 -12.28 28.40
C VAL A 499 -39.73 -12.00 28.27
N LEU A 500 -40.09 -11.01 27.47
CA LEU A 500 -41.49 -10.58 27.28
C LEU A 500 -42.23 -11.21 26.10
N LEU A 501 -41.66 -12.21 25.42
CA LEU A 501 -42.32 -12.77 24.26
C LEU A 501 -43.73 -13.33 24.57
N GLU A 502 -44.66 -13.10 23.64
CA GLU A 502 -45.95 -13.81 23.59
C GLU A 502 -45.72 -15.32 23.81
N PRO A 503 -46.62 -15.97 24.56
CA PRO A 503 -46.44 -17.39 24.89
C PRO A 503 -46.21 -18.33 23.73
N LYS A 504 -46.78 -18.01 22.56
CA LYS A 504 -46.63 -18.83 21.38
C LYS A 504 -45.17 -18.81 20.92
N SER A 505 -44.53 -17.64 20.97
CA SER A 505 -43.08 -17.55 20.64
C SER A 505 -42.21 -18.07 21.76
N LEU A 506 -42.62 -17.78 23.00
CA LEU A 506 -41.88 -18.14 24.20
C LEU A 506 -41.62 -19.62 24.36
N GLN A 507 -42.59 -20.45 23.99
CA GLN A 507 -42.37 -21.89 24.15
C GLN A 507 -41.13 -22.33 23.34
N TYR A 508 -40.94 -21.78 22.14
CA TYR A 508 -39.80 -22.20 21.29
C TYR A 508 -38.45 -21.64 21.83
N THR A 509 -38.48 -20.37 22.18
CA THR A 509 -37.44 -19.71 22.96
C THR A 509 -36.93 -20.56 24.11
N LEU A 510 -37.84 -21.13 24.87
CA LEU A 510 -37.47 -21.92 26.03
C LEU A 510 -36.97 -23.31 25.73
N GLN A 511 -37.34 -23.87 24.56
CA GLN A 511 -36.68 -25.08 24.06
C GLN A 511 -35.16 -24.80 23.89
N ASN A 512 -34.84 -23.77 23.16
CA ASN A 512 -33.48 -23.45 22.81
C ASN A 512 -32.66 -23.03 24.04
N PHE A 513 -33.29 -22.23 24.88
CA PHE A 513 -32.71 -21.78 26.13
C PHE A 513 -32.39 -22.95 27.02
N SER A 514 -33.30 -23.93 27.09
CA SER A 514 -33.11 -25.10 27.92
C SER A 514 -32.00 -25.99 27.44
N ILE A 515 -31.95 -26.21 26.14
CA ILE A 515 -30.94 -27.06 25.59
C ILE A 515 -29.55 -26.47 25.82
N ALA A 516 -29.38 -25.18 25.63
CA ALA A 516 -28.06 -24.53 25.83
C ALA A 516 -27.70 -24.48 27.29
N THR A 517 -28.70 -24.28 28.15
CA THR A 517 -28.42 -24.23 29.59
C THR A 517 -27.97 -25.58 30.11
N TYR A 518 -28.67 -26.64 29.70
CA TYR A 518 -28.25 -27.97 30.08
C TYR A 518 -26.82 -28.30 29.64
N ALA A 519 -26.48 -28.00 28.39
CA ALA A 519 -25.13 -28.18 27.87
C ALA A 519 -24.07 -27.32 28.62
N LYS A 520 -24.49 -26.12 28.99
CA LYS A 520 -23.65 -25.24 29.83
C LYS A 520 -23.37 -25.84 31.23
N LEU A 521 -24.29 -26.65 31.74
CA LEU A 521 -24.09 -27.41 32.94
C LEU A 521 -23.37 -28.78 32.73
N ASN A 522 -22.76 -28.94 31.57
CA ASN A 522 -21.98 -30.14 31.21
C ASN A 522 -22.82 -31.23 30.59
N GLY A 523 -24.09 -30.92 30.30
CA GLY A 523 -24.98 -31.95 29.78
C GLY A 523 -24.76 -32.21 28.30
N THR A 524 -25.16 -33.39 27.86
CA THR A 524 -25.17 -33.75 26.43
C THR A 524 -26.65 -34.05 26.07
N PRO A 525 -27.35 -33.08 25.47
CA PRO A 525 -28.77 -33.23 25.13
C PRO A 525 -29.10 -34.39 24.13
N TRP A 526 -28.36 -34.46 23.04
CA TRP A 526 -28.49 -35.55 22.06
C TRP A 526 -27.20 -35.70 21.28
N THR A 527 -27.11 -36.80 20.55
CA THR A 527 -26.08 -37.06 19.60
C THR A 527 -26.76 -37.36 18.25
N VAL A 528 -25.98 -37.57 17.21
CA VAL A 528 -26.50 -38.00 15.92
C VAL A 528 -25.88 -39.34 15.56
N ASN A 529 -26.68 -40.13 14.85
CA ASN A 529 -26.30 -41.49 14.50
C ASN A 529 -25.02 -41.52 13.69
N HIS A 530 -24.22 -42.51 13.96
CA HIS A 530 -23.24 -42.94 12.99
C HIS A 530 -22.87 -44.39 13.28
N ASP A 531 -22.73 -45.19 12.22
CA ASP A 531 -22.31 -46.58 12.37
C ASP A 531 -20.84 -46.62 12.00
N LYS A 532 -19.99 -46.93 12.99
CA LYS A 532 -18.53 -46.87 12.83
C LYS A 532 -18.06 -48.00 11.93
N ALA A 533 -17.33 -47.64 10.89
CA ALA A 533 -16.72 -48.57 9.94
C ALA A 533 -15.21 -48.74 10.19
N ILE A 534 -14.53 -47.66 10.59
CA ILE A 534 -13.13 -47.73 11.00
C ILE A 534 -13.00 -47.64 12.51
N ASN A 535 -11.78 -47.84 13.01
CA ASN A 535 -11.55 -47.98 14.46
C ASN A 535 -11.65 -46.68 15.23
N ASP A 536 -11.37 -45.55 14.58
CA ASP A 536 -11.54 -44.25 15.21
C ASP A 536 -11.60 -43.15 14.17
N GLU A 537 -12.34 -42.11 14.46
CA GLU A 537 -12.50 -40.99 13.57
C GLU A 537 -12.55 -39.72 14.42
N LEU A 538 -11.76 -38.75 14.02
CA LEU A 538 -11.69 -37.44 14.69
C LEU A 538 -12.05 -36.44 13.61
N VAL A 539 -12.89 -35.48 13.96
CA VAL A 539 -13.13 -34.35 13.10
C VAL A 539 -12.76 -33.08 13.87
N VAL A 540 -11.87 -32.28 13.32
CA VAL A 540 -11.59 -30.97 13.90
C VAL A 540 -12.00 -29.87 12.94
N GLY A 541 -12.63 -28.85 13.49
CA GLY A 541 -12.94 -27.68 12.74
C GLY A 541 -12.26 -26.44 13.29
N MET A 542 -12.07 -25.53 12.40
CA MET A 542 -11.64 -24.22 12.77
C MET A 542 -12.61 -23.15 12.27
N GLY A 543 -12.74 -22.10 13.07
CA GLY A 543 -13.67 -21.01 12.79
C GLY A 543 -12.96 -19.73 13.03
N LEU A 544 -13.39 -18.68 12.33
CA LEU A 544 -12.74 -17.37 12.33
C LEU A 544 -13.70 -16.32 12.85
N ALA A 545 -13.21 -15.39 13.66
CA ALA A 545 -13.97 -14.14 13.98
C ALA A 545 -13.07 -12.94 13.72
N GLU A 546 -13.68 -11.82 13.32
CA GLU A 546 -12.97 -10.62 12.98
C GLU A 546 -13.60 -9.48 13.78
N LEU A 547 -12.83 -8.84 14.65
CA LEU A 547 -13.42 -7.91 15.62
C LEU A 547 -12.84 -6.52 15.47
N SER A 548 -13.69 -5.50 15.66
CA SER A 548 -13.28 -4.11 15.75
C SER A 548 -14.42 -3.35 16.46
N GLY A 549 -14.12 -2.17 16.97
CA GLY A 549 -15.12 -1.39 17.73
C GLY A 549 -15.99 -0.57 16.80
N SER A 550 -15.50 -0.32 15.60
CA SER A 550 -16.29 0.39 14.63
C SER A 550 -15.84 -0.09 13.27
N ARG A 551 -16.59 0.32 12.26
CA ARG A 551 -16.28 -0.01 10.88
C ARG A 551 -15.08 0.71 10.32
N THR A 552 -14.70 1.82 10.95
CA THR A 552 -13.45 2.51 10.61
C THR A 552 -12.22 1.67 10.95
N GLU A 553 -12.29 1.00 12.08
CA GLU A 553 -11.14 0.36 12.72
C GLU A 553 -10.82 -1.00 12.06
N LYS A 554 -9.54 -1.30 11.84
CA LYS A 554 -9.08 -2.55 11.19
C LYS A 554 -9.53 -3.77 12.01
N ARG A 555 -10.11 -4.77 11.36
CA ARG A 555 -10.69 -5.90 12.10
C ARG A 555 -9.56 -6.84 12.49
N GLN A 556 -9.56 -7.32 13.74
CA GLN A 556 -8.54 -8.24 14.23
C GLN A 556 -9.12 -9.64 14.17
N ARG A 557 -8.31 -10.60 13.75
CA ARG A 557 -8.75 -11.98 13.56
C ARG A 557 -8.47 -12.84 14.74
N PHE A 558 -9.43 -13.68 15.09
CA PHE A 558 -9.29 -14.67 16.12
C PHE A 558 -9.77 -15.99 15.58
N VAL A 559 -9.23 -17.07 16.11
CA VAL A 559 -9.69 -18.39 15.69
C VAL A 559 -10.15 -19.25 16.84
N GLY A 560 -10.93 -20.27 16.50
CA GLY A 560 -11.36 -21.25 17.43
C GLY A 560 -11.24 -22.64 16.82
N ILE A 561 -11.19 -23.64 17.67
CA ILE A 561 -11.09 -25.05 17.27
C ILE A 561 -12.01 -25.87 18.10
N THR A 562 -12.72 -26.76 17.43
CA THR A 562 -13.71 -27.65 18.02
C THR A 562 -13.38 -29.06 17.49
N THR A 563 -13.54 -30.08 18.33
CA THR A 563 -13.31 -31.44 17.94
C THR A 563 -14.55 -32.29 18.21
N VAL A 564 -14.77 -33.27 17.31
CA VAL A 564 -15.85 -34.27 17.42
C VAL A 564 -15.28 -35.69 17.18
N PHE A 565 -15.72 -36.68 17.93
CA PHE A 565 -15.16 -38.04 17.85
C PHE A 565 -16.27 -38.97 17.49
N ALA A 566 -15.94 -40.01 16.71
CA ALA A 566 -16.85 -41.13 16.48
C ALA A 566 -16.92 -41.89 17.76
N GLY A 567 -18.14 -42.21 18.19
CA GLY A 567 -18.39 -43.08 19.35
C GLY A 567 -18.99 -44.35 18.78
N ASP A 568 -19.51 -45.21 19.64
CA ASP A 568 -20.18 -46.42 19.16
C ASP A 568 -21.63 -46.09 18.80
N GLY A 569 -21.91 -45.88 17.53
CA GLY A 569 -23.27 -45.55 17.13
C GLY A 569 -23.54 -44.05 17.17
N SER A 570 -22.54 -43.25 17.53
CA SER A 570 -22.77 -41.86 17.91
C SER A 570 -21.58 -40.95 17.70
N TYR A 571 -21.81 -39.70 17.34
CA TYR A 571 -20.74 -38.71 17.33
C TYR A 571 -20.72 -38.02 18.73
N LEU A 572 -19.56 -37.64 19.23
CA LEU A 572 -19.46 -37.11 20.59
C LEU A 572 -18.64 -35.85 20.50
N LEU A 573 -19.07 -34.82 21.20
CA LEU A 573 -18.39 -33.56 21.13
C LEU A 573 -17.20 -33.65 22.02
N GLY A 574 -16.05 -33.21 21.56
CA GLY A 574 -14.85 -33.30 22.40
C GLY A 574 -14.66 -31.98 23.13
N ASN A 575 -13.41 -31.68 23.45
CA ASN A 575 -13.00 -30.35 23.92
C ASN A 575 -12.67 -29.34 22.81
N VAL A 576 -12.45 -28.12 23.30
CA VAL A 576 -12.57 -26.92 22.56
C VAL A 576 -11.33 -26.08 22.95
N SER A 577 -10.91 -25.17 22.08
CA SER A 577 -9.71 -24.40 22.31
C SER A 577 -10.01 -23.39 23.44
N LYS A 578 -8.96 -22.99 24.15
CA LYS A 578 -9.06 -21.85 25.07
C LYS A 578 -8.18 -20.66 24.62
N GLU A 579 -7.30 -20.90 23.64
CA GLU A 579 -6.50 -19.82 23.02
C GLU A 579 -7.03 -19.47 21.60
N CYS A 580 -6.94 -18.18 21.24
CA CYS A 580 -7.67 -17.59 20.09
C CYS A 580 -6.84 -16.79 19.01
N GLU A 581 -5.53 -16.64 19.22
CA GLU A 581 -4.57 -17.21 18.28
C GLU A 581 -4.46 -17.01 16.74
N TYR A 582 -4.82 -15.92 16.05
CA TYR A 582 -4.78 -16.05 14.55
C TYR A 582 -3.37 -16.35 13.99
N GLU A 583 -2.37 -15.58 14.41
CA GLU A 583 -0.99 -15.84 13.96
C GLU A 583 -0.63 -17.23 14.49
N GLY A 584 -0.16 -18.11 13.62
CA GLY A 584 0.15 -19.50 14.02
C GLY A 584 -1.04 -20.45 14.11
N TYR A 585 -2.16 -20.11 13.48
CA TYR A 585 -3.33 -20.99 13.61
C TYR A 585 -3.04 -22.39 13.08
N SER A 586 -2.17 -22.48 12.08
CA SER A 586 -1.78 -23.80 11.56
C SER A 586 -1.04 -24.69 12.59
N ASP A 587 -0.14 -24.08 13.37
CA ASP A 587 0.48 -24.79 14.47
C ASP A 587 -0.59 -25.21 15.45
N ALA A 588 -1.59 -24.35 15.69
CA ALA A 588 -2.61 -24.75 16.65
C ALA A 588 -3.43 -25.94 16.13
N ILE A 589 -3.69 -25.99 14.82
CA ILE A 589 -4.47 -27.12 14.30
C ILE A 589 -3.65 -28.42 14.53
N ARG A 590 -2.37 -28.36 14.22
CA ARG A 590 -1.48 -29.51 14.34
C ARG A 590 -1.28 -29.94 15.80
N GLU A 591 -1.03 -28.98 16.69
CA GLU A 591 -1.00 -29.27 18.14
C GLU A 591 -2.27 -29.93 18.64
N SER A 592 -3.43 -29.47 18.18
CA SER A 592 -4.68 -30.03 18.65
C SER A 592 -4.90 -31.47 18.11
N MET A 593 -4.64 -31.68 16.84
CA MET A 593 -4.79 -33.04 16.26
C MET A 593 -3.82 -34.05 16.89
N THR A 594 -2.56 -33.66 17.06
CA THR A 594 -1.55 -34.63 17.56
C THR A 594 -1.74 -34.98 19.01
N GLY A 595 -2.03 -33.98 19.84
CA GLY A 595 -2.39 -34.25 21.24
C GLY A 595 -3.63 -35.13 21.34
N ILE A 596 -4.63 -34.87 20.51
CA ILE A 596 -5.85 -35.69 20.54
C ILE A 596 -5.63 -37.13 20.05
N LEU A 597 -4.92 -37.28 18.95
CA LEU A 597 -4.61 -38.63 18.42
C LEU A 597 -3.85 -39.44 19.48
N ARG A 598 -2.95 -38.77 20.20
CA ARG A 598 -2.18 -39.42 21.25
C ARG A 598 -3.06 -39.92 22.37
N GLU A 599 -3.96 -39.07 22.85
CA GLU A 599 -4.89 -39.49 23.88
C GLU A 599 -5.91 -40.51 23.37
N LEU A 600 -6.38 -40.43 22.13
CA LEU A 600 -7.37 -41.43 21.64
C LEU A 600 -6.77 -42.86 21.61
N LYS A 601 -5.54 -42.93 21.15
CA LYS A 601 -4.76 -44.14 21.03
C LYS A 601 -4.61 -44.80 22.39
N LYS A 602 -4.15 -44.01 23.37
CA LYS A 602 -4.15 -44.43 24.79
C LYS A 602 -5.51 -44.88 25.32
N ARG A 603 -6.59 -44.10 25.13
CA ARG A 603 -7.88 -44.53 25.60
C ARG A 603 -8.23 -45.86 24.94
N ASN A 604 -8.15 -45.92 23.60
CA ASN A 604 -8.75 -47.03 22.86
C ASN A 604 -7.86 -48.18 22.55
N ASN A 605 -6.57 -47.96 22.70
CA ASN A 605 -5.55 -48.98 22.56
C ASN A 605 -5.69 -49.61 21.18
N TRP A 606 -5.37 -48.83 20.17
CA TRP A 606 -5.62 -49.26 18.81
C TRP A 606 -4.82 -50.51 18.51
N ARG A 607 -5.42 -51.43 17.80
CA ARG A 607 -4.68 -52.64 17.45
C ARG A 607 -3.91 -52.44 16.14
N PRO A 608 -2.75 -53.14 16.00
CA PRO A 608 -1.97 -53.09 14.76
C PRO A 608 -2.87 -53.36 13.56
N GLY A 609 -2.81 -52.52 12.53
CA GLY A 609 -3.63 -52.74 11.37
C GLY A 609 -4.94 -51.95 11.41
N ASP A 610 -5.25 -51.30 12.55
CA ASP A 610 -6.52 -50.51 12.68
C ASP A 610 -6.42 -49.27 11.82
N THR A 611 -7.56 -48.83 11.32
CA THR A 611 -7.57 -47.62 10.52
C THR A 611 -8.13 -46.42 11.33
N VAL A 612 -7.42 -45.31 11.27
CA VAL A 612 -7.80 -44.06 11.97
C VAL A 612 -8.01 -42.99 10.90
N ARG A 613 -9.10 -42.25 11.03
CA ARG A 613 -9.45 -41.20 10.09
C ARG A 613 -9.60 -39.85 10.78
N VAL A 614 -9.00 -38.85 10.15
CA VAL A 614 -8.97 -37.48 10.62
C VAL A 614 -9.50 -36.58 9.52
N VAL A 615 -10.54 -35.87 9.87
CA VAL A 615 -11.20 -34.97 8.98
C VAL A 615 -11.04 -33.54 9.55
N PHE A 616 -10.66 -32.59 8.73
CA PHE A 616 -10.65 -31.19 9.09
C PHE A 616 -11.76 -30.41 8.35
N HIS A 617 -12.49 -29.57 9.07
CA HIS A 617 -13.44 -28.63 8.43
C HIS A 617 -13.15 -27.15 8.60
N ALA A 618 -13.34 -26.35 7.54
CA ALA A 618 -13.36 -24.91 7.69
C ALA A 618 -14.12 -24.30 6.54
N HIS A 619 -14.34 -23.00 6.63
CA HIS A 619 -15.00 -22.29 5.53
C HIS A 619 -14.07 -21.85 4.43
N ARG A 620 -12.75 -22.06 4.59
CA ARG A 620 -11.74 -21.75 3.59
C ARG A 620 -10.79 -22.94 3.52
N PRO A 621 -10.14 -23.15 2.39
CA PRO A 621 -9.20 -24.25 2.23
C PRO A 621 -7.89 -23.95 2.90
N LEU A 622 -7.27 -24.97 3.47
CA LEU A 622 -5.90 -24.83 3.96
C LEU A 622 -4.88 -24.76 2.82
N LYS A 623 -3.75 -24.12 3.10
CA LYS A 623 -2.59 -24.13 2.24
C LYS A 623 -2.06 -25.54 2.08
N ARG A 624 -1.49 -25.82 0.91
CA ARG A 624 -0.84 -27.12 0.66
C ARG A 624 0.25 -27.41 1.67
N VAL A 625 1.02 -26.40 1.97
CA VAL A 625 2.14 -26.58 2.89
C VAL A 625 1.64 -26.91 4.31
N ASP A 626 0.48 -26.36 4.70
CA ASP A 626 -0.11 -26.72 5.98
C ASP A 626 -0.73 -28.10 5.99
N VAL A 627 -1.37 -28.48 4.92
CA VAL A 627 -1.83 -29.86 4.81
C VAL A 627 -0.60 -30.81 4.94
N ALA A 628 0.50 -30.53 4.22
CA ALA A 628 1.70 -31.40 4.28
C ALA A 628 2.23 -31.57 5.70
N SER A 629 2.37 -30.46 6.40
CA SER A 629 2.82 -30.46 7.77
C SER A 629 1.87 -31.17 8.71
N ILE A 630 0.55 -31.04 8.50
CA ILE A 630 -0.41 -31.67 9.35
C ILE A 630 -0.41 -33.17 9.12
N VAL A 631 -0.36 -33.56 7.88
CA VAL A 631 -0.34 -34.98 7.52
C VAL A 631 0.94 -35.60 8.13
N PHE A 632 2.07 -34.95 7.91
CA PHE A 632 3.34 -35.48 8.42
C PHE A 632 3.28 -35.68 9.93
N GLU A 633 2.88 -34.66 10.67
CA GLU A 633 2.87 -34.76 12.13
C GLU A 633 1.85 -35.76 12.69
N CYS A 634 0.68 -35.86 12.08
CA CYS A 634 -0.28 -36.84 12.55
C CYS A 634 0.19 -38.27 12.21
N THR A 635 0.74 -38.43 11.02
CA THR A 635 1.26 -39.74 10.61
C THR A 635 2.36 -40.18 11.57
N ARG A 636 3.28 -39.29 11.88
CA ARG A 636 4.39 -39.65 12.76
C ARG A 636 3.85 -39.92 14.16
N GLU A 637 2.88 -39.13 14.64
CA GLU A 637 2.32 -39.35 15.96
C GLU A 637 1.56 -40.69 16.08
N ILE A 638 0.79 -41.07 15.09
CA ILE A 638 0.10 -42.32 15.27
C ILE A 638 1.02 -43.54 15.06
N GLY A 639 2.12 -43.37 14.33
CA GLY A 639 3.10 -44.44 14.15
C GLY A 639 2.74 -45.36 12.99
N SER A 640 3.66 -46.27 12.69
CA SER A 640 3.50 -47.20 11.57
C SER A 640 2.54 -48.39 11.84
N ASP A 641 2.09 -48.58 13.07
CA ASP A 641 1.18 -49.70 13.38
C ASP A 641 -0.22 -49.55 12.84
N GLN A 642 -0.63 -48.32 12.53
CA GLN A 642 -1.98 -48.08 12.04
C GLN A 642 -1.95 -47.44 10.69
N ASN A 643 -3.06 -47.56 9.98
CA ASN A 643 -3.33 -46.86 8.72
C ASN A 643 -4.09 -45.54 8.98
N ILE A 644 -3.57 -44.40 8.51
CA ILE A 644 -4.21 -43.11 8.73
C ILE A 644 -4.83 -42.67 7.44
N GLN A 645 -6.05 -42.16 7.53
CA GLN A 645 -6.73 -41.52 6.41
C GLN A 645 -7.07 -40.08 6.79
N MET A 646 -6.68 -39.13 5.95
CA MET A 646 -6.86 -37.73 6.24
C MET A 646 -7.53 -36.94 5.15
N ALA A 647 -8.58 -36.21 5.54
CA ALA A 647 -9.33 -35.35 4.60
C ALA A 647 -9.45 -33.89 5.10
N PHE A 648 -9.24 -32.94 4.19
CA PHE A 648 -9.36 -31.52 4.42
C PHE A 648 -10.51 -30.95 3.57
N VAL A 649 -11.49 -30.41 4.24
CA VAL A 649 -12.78 -30.12 3.65
C VAL A 649 -13.09 -28.64 3.81
N THR A 650 -13.46 -27.97 2.74
CA THR A 650 -14.06 -26.66 2.87
C THR A 650 -15.56 -26.68 2.61
N VAL A 651 -16.29 -25.92 3.40
CA VAL A 651 -17.73 -25.77 3.32
C VAL A 651 -18.03 -24.34 2.89
N SER A 652 -18.70 -24.17 1.75
CA SER A 652 -18.92 -22.84 1.18
C SER A 652 -20.41 -22.62 1.13
N HIS A 653 -20.82 -21.40 1.44
CA HIS A 653 -22.22 -21.02 1.45
C HIS A 653 -22.57 -20.13 0.25
N ASP A 654 -21.62 -19.36 -0.27
CA ASP A 654 -21.82 -18.24 -1.21
C ASP A 654 -21.14 -18.44 -2.60
N HIS A 655 -21.58 -19.46 -3.30
CA HIS A 655 -21.02 -19.93 -4.57
C HIS A 655 -22.19 -19.76 -5.61
N PRO A 656 -21.93 -19.96 -6.90
CA PRO A 656 -23.01 -19.69 -7.86
C PRO A 656 -23.97 -20.82 -8.18
N PHE A 657 -24.00 -21.87 -7.39
CA PHE A 657 -24.78 -23.07 -7.71
C PHE A 657 -26.12 -23.12 -6.96
N VAL A 658 -27.18 -23.45 -7.67
CA VAL A 658 -28.44 -23.80 -7.00
C VAL A 658 -29.09 -25.08 -7.56
N LEU A 659 -29.79 -25.79 -6.70
CA LEU A 659 -30.38 -27.08 -7.03
C LEU A 659 -31.89 -26.90 -7.06
N ILE A 660 -32.52 -27.46 -8.09
CA ILE A 660 -33.96 -27.36 -8.27
C ILE A 660 -34.57 -28.76 -8.37
N ASP A 661 -35.55 -29.06 -7.55
CA ASP A 661 -36.23 -30.33 -7.65
C ASP A 661 -37.66 -30.08 -8.17
N ARG A 662 -37.85 -30.22 -9.48
CA ARG A 662 -39.14 -29.93 -10.13
C ARG A 662 -40.28 -30.81 -9.65
N SER A 663 -39.91 -31.94 -9.04
CA SER A 663 -40.87 -32.88 -8.51
C SER A 663 -41.38 -32.48 -7.15
N GLU A 664 -40.81 -31.45 -6.52
CA GLU A 664 -41.23 -31.04 -5.19
C GLU A 664 -42.29 -29.93 -5.26
N ARG A 665 -43.49 -30.21 -4.78
CA ARG A 665 -44.68 -29.35 -4.91
C ARG A 665 -44.68 -28.36 -3.76
N GLY A 666 -43.90 -28.68 -2.73
CA GLY A 666 -43.76 -27.84 -1.58
C GLY A 666 -44.80 -28.25 -0.58
N LEU A 667 -44.96 -27.40 0.44
CA LEU A 667 -45.82 -27.70 1.55
C LEU A 667 -46.68 -26.51 1.78
N GLU A 668 -47.73 -26.73 2.54
CA GLU A 668 -48.69 -25.70 2.92
C GLU A 668 -48.01 -24.60 3.73
N ALA A 669 -48.01 -23.37 3.23
CA ALA A 669 -47.30 -22.27 3.90
C ALA A 669 -47.52 -22.30 5.41
N TYR A 670 -48.75 -22.59 5.79
CA TYR A 670 -49.15 -22.91 7.15
C TYR A 670 -50.46 -23.68 6.96
N LYS A 671 -50.85 -24.53 7.91
CA LYS A 671 -52.15 -25.23 7.84
C LYS A 671 -53.30 -24.20 7.95
N GLY A 672 -54.18 -24.10 6.96
CA GLY A 672 -54.15 -24.88 5.73
C GLY A 672 -54.35 -23.95 4.55
N SER A 673 -53.28 -23.27 4.15
CA SER A 673 -53.39 -22.23 3.13
C SER A 673 -53.27 -22.73 1.69
N THR A 674 -53.60 -21.81 0.80
CA THR A 674 -53.42 -21.95 -0.63
C THR A 674 -51.95 -21.88 -1.05
N ALA A 675 -51.20 -20.98 -0.40
CA ALA A 675 -49.77 -20.75 -0.70
C ALA A 675 -48.95 -21.94 -0.27
N ARG A 676 -47.82 -22.09 -0.92
CA ARG A 676 -46.97 -23.18 -0.63
C ARG A 676 -45.60 -22.61 -0.28
N LYS A 677 -44.88 -23.29 0.58
CA LYS A 677 -43.50 -22.89 0.86
C LYS A 677 -42.59 -23.98 0.34
N GLY A 678 -41.40 -23.59 -0.12
CA GLY A 678 -40.37 -24.55 -0.51
C GLY A 678 -40.73 -25.39 -1.72
N VAL A 679 -41.50 -24.79 -2.62
CA VAL A 679 -41.77 -25.37 -3.91
C VAL A 679 -40.47 -25.48 -4.66
N PHE A 680 -40.19 -26.67 -5.22
CA PHE A 680 -38.96 -26.99 -6.00
C PHE A 680 -37.65 -27.14 -5.15
N ALA A 681 -37.78 -27.24 -3.83
CA ALA A 681 -36.63 -27.37 -2.93
C ALA A 681 -36.21 -28.81 -2.79
N PRO A 682 -34.93 -29.11 -3.07
CA PRO A 682 -34.45 -30.49 -2.92
C PRO A 682 -34.63 -30.96 -1.52
N PRO A 683 -34.76 -32.29 -1.30
CA PRO A 683 -34.79 -32.81 0.02
C PRO A 683 -33.46 -32.60 0.78
N ARG A 684 -33.57 -32.54 2.11
CA ARG A 684 -32.45 -32.40 3.00
C ARG A 684 -31.67 -33.65 2.85
N GLY A 685 -30.41 -33.48 2.49
CA GLY A 685 -29.58 -34.63 2.38
C GLY A 685 -29.34 -35.02 0.96
N ALA A 686 -29.91 -34.29 0.02
CA ALA A 686 -29.59 -34.48 -1.38
C ALA A 686 -28.16 -34.07 -1.62
N ILE A 687 -27.38 -34.91 -2.31
CA ILE A 687 -25.96 -34.65 -2.61
C ILE A 687 -25.70 -34.82 -4.10
N SER A 688 -25.22 -33.75 -4.73
CA SER A 688 -24.95 -33.75 -6.14
C SER A 688 -23.52 -33.53 -6.40
N ARG A 689 -23.08 -34.19 -7.45
CA ARG A 689 -21.73 -34.17 -7.91
C ARG A 689 -21.54 -33.13 -8.95
N VAL A 690 -20.62 -32.21 -8.70
CA VAL A 690 -20.26 -31.16 -9.62
C VAL A 690 -18.97 -31.58 -10.28
N GLY A 691 -18.08 -32.17 -9.47
CA GLY A 691 -16.75 -32.55 -9.89
C GLY A 691 -16.14 -33.57 -8.95
N ARG A 692 -14.93 -33.98 -9.26
CA ARG A 692 -14.30 -35.07 -8.53
C ARG A 692 -14.16 -34.69 -7.02
N LEU A 693 -13.82 -33.44 -6.78
CA LEU A 693 -13.56 -32.99 -5.40
C LEU A 693 -14.74 -32.27 -4.76
N THR A 694 -15.87 -32.14 -5.48
CA THR A 694 -16.90 -31.23 -5.02
C THR A 694 -18.29 -31.78 -5.06
N ARG A 695 -19.01 -31.55 -3.97
CA ARG A 695 -20.43 -31.88 -3.89
C ARG A 695 -21.24 -30.67 -3.47
N LEU A 696 -22.48 -30.65 -3.93
CA LEU A 696 -23.52 -29.80 -3.39
C LEU A 696 -24.39 -30.59 -2.43
N LEU A 697 -24.62 -30.02 -1.26
CA LEU A 697 -25.39 -30.61 -0.20
C LEU A 697 -26.59 -29.73 0.04
N ALA A 698 -27.78 -30.29 0.00
CA ALA A 698 -29.00 -29.57 0.34
C ALA A 698 -29.26 -29.73 1.82
N VAL A 699 -29.57 -28.66 2.52
CA VAL A 699 -29.84 -28.76 3.95
C VAL A 699 -31.21 -28.25 4.34
N ASN A 700 -31.75 -27.27 3.61
CA ASN A 700 -33.06 -26.67 3.95
C ASN A 700 -34.23 -27.25 3.12
N SER A 701 -34.84 -28.28 3.66
CA SER A 701 -35.97 -28.94 3.03
C SER A 701 -37.24 -28.09 3.16
N PRO A 702 -38.30 -28.44 2.37
CA PRO A 702 -39.59 -27.73 2.51
C PRO A 702 -40.07 -27.59 3.95
N GLN A 703 -39.95 -28.64 4.72
CA GLN A 703 -40.29 -28.64 6.16
C GLN A 703 -39.62 -27.51 6.93
N LEU A 704 -38.31 -27.38 6.70
CA LEU A 704 -37.49 -26.34 7.36
C LEU A 704 -37.65 -24.94 6.78
N ILE A 705 -38.04 -24.82 5.52
CA ILE A 705 -38.24 -23.50 4.94
C ILE A 705 -39.35 -22.76 5.69
N LYS A 706 -39.16 -21.46 5.85
CA LYS A 706 -39.94 -20.72 6.85
C LYS A 706 -41.27 -20.21 6.30
N ARG A 707 -41.26 -19.65 5.11
CA ARG A 707 -42.43 -18.95 4.58
C ARG A 707 -42.56 -19.14 3.08
N ALA A 708 -43.71 -18.72 2.55
CA ALA A 708 -44.00 -18.72 1.12
C ALA A 708 -43.03 -17.92 0.29
N ASN A 709 -42.62 -16.78 0.82
CA ASN A 709 -41.71 -15.91 0.14
C ASN A 709 -40.24 -16.24 0.38
N THR A 710 -39.96 -17.24 1.21
CA THR A 710 -38.58 -17.66 1.34
C THR A 710 -38.03 -18.13 -0.01
N PRO A 711 -36.87 -17.62 -0.42
CA PRO A 711 -36.32 -18.05 -1.69
C PRO A 711 -35.99 -19.52 -1.75
N LEU A 712 -35.80 -19.98 -2.98
CA LEU A 712 -35.25 -21.29 -3.21
C LEU A 712 -33.90 -21.31 -2.45
N PRO A 713 -33.70 -22.30 -1.61
CA PRO A 713 -32.47 -22.29 -0.82
C PRO A 713 -31.27 -22.54 -1.68
N THR A 714 -30.11 -22.05 -1.26
CA THR A 714 -28.87 -22.43 -1.89
C THR A 714 -28.24 -23.57 -1.08
N PRO A 715 -27.72 -24.58 -1.77
CA PRO A 715 -27.08 -25.66 -1.05
C PRO A 715 -25.63 -25.25 -0.60
N LEU A 716 -25.07 -26.01 0.34
CA LEU A 716 -23.65 -25.93 0.68
C LEU A 716 -22.82 -26.61 -0.38
N LEU A 717 -21.72 -25.96 -0.73
CA LEU A 717 -20.73 -26.57 -1.55
C LEU A 717 -19.63 -27.15 -0.66
N VAL A 718 -19.39 -28.46 -0.80
CA VAL A 718 -18.39 -29.20 0.01
C VAL A 718 -17.22 -29.63 -0.86
N SER A 719 -16.04 -29.07 -0.64
CA SER A 719 -14.88 -29.31 -1.49
C SER A 719 -13.77 -29.99 -0.72
N LEU A 720 -13.26 -31.08 -1.27
CA LEU A 720 -12.12 -31.79 -0.71
C LEU A 720 -10.80 -31.22 -1.18
N HIS A 721 -9.85 -31.02 -0.27
CA HIS A 721 -8.53 -30.49 -0.66
C HIS A 721 -7.83 -31.59 -1.50
N PRO A 722 -7.17 -31.25 -2.61
CA PRO A 722 -6.56 -32.28 -3.51
C PRO A 722 -5.47 -33.11 -2.88
N ASP A 723 -4.80 -32.57 -1.86
CA ASP A 723 -3.80 -33.35 -1.16
C ASP A 723 -4.34 -34.26 -0.08
N SER A 724 -5.65 -34.34 0.09
CA SER A 724 -6.22 -35.26 1.06
C SER A 724 -5.96 -36.73 0.69
N THR A 725 -5.68 -37.59 1.67
CA THR A 725 -5.50 -39.03 1.46
C THR A 725 -6.75 -39.84 1.56
N PHE A 726 -7.81 -39.31 2.17
CA PHE A 726 -9.12 -39.93 2.16
C PHE A 726 -9.94 -39.18 1.15
N LYS A 727 -10.58 -39.90 0.23
CA LYS A 727 -11.09 -39.27 -0.98
C LYS A 727 -12.63 -39.25 -1.14
N ASP A 728 -13.37 -39.79 -0.21
CA ASP A 728 -14.78 -40.06 -0.47
C ASP A 728 -15.64 -38.84 -0.07
N VAL A 729 -15.81 -37.92 -1.03
CA VAL A 729 -16.43 -36.63 -0.75
C VAL A 729 -17.93 -36.78 -0.45
N ASP A 730 -18.57 -37.83 -0.98
CA ASP A 730 -19.96 -38.10 -0.64
C ASP A 730 -20.18 -38.40 0.84
N TYR A 731 -19.36 -39.29 1.38
CA TYR A 731 -19.31 -39.59 2.79
C TYR A 731 -18.98 -38.30 3.61
N LEU A 732 -18.02 -37.51 3.17
CA LEU A 732 -17.71 -36.22 3.90
C LEU A 732 -18.86 -35.16 3.83
N ALA A 733 -19.53 -35.03 2.67
CA ALA A 733 -20.76 -34.26 2.58
C ALA A 733 -21.83 -34.73 3.55
N GLU A 734 -22.10 -36.03 3.59
CA GLU A 734 -23.04 -36.55 4.56
C GLU A 734 -22.64 -36.33 6.04
N GLN A 735 -21.37 -36.48 6.35
CA GLN A 735 -20.90 -36.18 7.70
C GLN A 735 -21.14 -34.69 8.03
N ALA A 736 -20.89 -33.79 7.08
CA ALA A 736 -21.14 -32.39 7.32
C ALA A 736 -22.62 -32.11 7.64
N LEU A 737 -23.49 -32.77 6.88
CA LEU A 737 -24.93 -32.76 7.14
C LEU A 737 -25.29 -33.15 8.55
N LYS A 738 -24.76 -34.29 8.98
CA LYS A 738 -25.04 -34.74 10.31
C LYS A 738 -24.60 -33.73 11.39
N PHE A 739 -23.49 -33.06 11.16
CA PHE A 739 -22.92 -32.15 12.16
C PHE A 739 -23.68 -30.86 12.24
N THR A 740 -24.54 -30.57 11.25
CA THR A 740 -25.46 -29.47 11.36
C THR A 740 -26.52 -29.74 12.38
N SER A 741 -26.81 -31.02 12.55
CA SER A 741 -27.80 -31.47 13.49
C SER A 741 -27.31 -31.59 14.90
N LEU A 742 -26.02 -31.45 15.11
CA LEU A 742 -25.45 -31.64 16.41
C LEU A 742 -25.40 -30.31 17.22
N SER A 743 -25.86 -29.19 16.67
CA SER A 743 -25.83 -27.95 17.40
C SER A 743 -26.75 -27.90 18.62
N TRP A 744 -26.15 -27.63 19.78
CA TRP A 744 -26.94 -27.45 20.98
C TRP A 744 -27.37 -26.01 21.28
N ARG A 745 -27.20 -25.08 20.34
CA ARG A 745 -27.77 -23.74 20.46
C ARG A 745 -29.23 -23.71 20.14
N SER A 746 -29.68 -24.73 19.40
CA SER A 746 -31.04 -24.78 18.92
C SER A 746 -31.54 -26.17 18.66
N THR A 747 -32.84 -26.23 18.67
CA THR A 747 -33.58 -27.44 18.37
C THR A 747 -33.52 -27.68 16.81
N LEU A 748 -33.58 -26.61 16.07
CA LEU A 748 -33.44 -26.64 14.63
C LEU A 748 -31.95 -26.72 14.29
N PRO A 749 -31.61 -27.33 13.15
CA PRO A 749 -30.19 -27.48 12.80
C PRO A 749 -29.47 -26.20 12.44
N ALA A 750 -28.15 -26.18 12.61
CA ALA A 750 -27.35 -25.04 12.22
C ALA A 750 -27.15 -24.89 10.73
N ALA A 751 -26.72 -23.73 10.28
CA ALA A 751 -26.41 -23.50 8.84
C ALA A 751 -25.08 -24.14 8.43
N THR A 752 -24.27 -24.59 9.37
CA THR A 752 -22.96 -25.10 9.06
C THR A 752 -22.60 -26.10 10.13
N PRO A 753 -21.76 -27.09 9.81
CA PRO A 753 -21.47 -28.08 10.84
C PRO A 753 -20.88 -27.49 12.12
N VAL A 754 -21.18 -28.08 13.25
CA VAL A 754 -20.75 -27.55 14.56
C VAL A 754 -19.24 -27.38 14.74
N THR A 755 -18.47 -28.25 14.08
CA THR A 755 -17.07 -28.14 14.03
C THR A 755 -16.60 -26.77 13.60
N ILE A 756 -17.29 -26.12 12.66
CA ILE A 756 -16.94 -24.80 12.27
C ILE A 756 -17.73 -23.77 13.12
N PHE A 757 -19.03 -24.00 13.27
CA PHE A 757 -19.93 -23.03 13.89
C PHE A 757 -19.55 -22.78 15.37
N TYR A 758 -19.37 -23.82 16.14
CA TYR A 758 -18.95 -23.64 17.52
C TYR A 758 -17.60 -22.89 17.61
N SER A 759 -16.71 -23.13 16.64
CA SER A 759 -15.39 -22.51 16.56
C SER A 759 -15.49 -21.02 16.33
N GLU A 760 -16.44 -20.63 15.48
CA GLU A 760 -16.74 -19.20 15.34
C GLU A 760 -17.31 -18.56 16.61
N ARG A 761 -18.17 -19.23 17.33
CA ARG A 761 -18.69 -18.64 18.57
C ARG A 761 -17.56 -18.53 19.61
N ILE A 762 -16.70 -19.56 19.71
CA ILE A 762 -15.54 -19.53 20.61
C ILE A 762 -14.60 -18.38 20.27
N ALA A 763 -14.29 -18.22 18.99
CA ALA A 763 -13.39 -17.24 18.54
C ALA A 763 -13.89 -15.83 18.83
N GLU A 764 -15.18 -15.59 18.62
CA GLU A 764 -15.72 -14.28 18.84
C GLU A 764 -15.66 -13.97 20.33
N LEU A 765 -16.04 -14.90 21.18
CA LEU A 765 -16.18 -14.63 22.58
C LEU A 765 -14.81 -14.44 23.20
N LEU A 766 -13.87 -15.30 22.83
CA LEU A 766 -12.53 -15.21 23.37
C LEU A 766 -11.81 -14.04 22.86
N GLY A 767 -12.02 -13.64 21.62
CA GLY A 767 -11.40 -12.46 21.12
C GLY A 767 -11.93 -11.20 21.81
N ARG A 768 -13.22 -11.18 22.08
CA ARG A 768 -13.82 -10.05 22.80
C ARG A 768 -13.28 -9.99 24.26
N LEU A 769 -13.31 -11.12 24.92
CA LEU A 769 -12.87 -11.27 26.31
C LEU A 769 -11.43 -10.84 26.54
N LYS A 770 -10.58 -11.10 25.55
CA LYS A 770 -9.18 -10.73 25.62
C LYS A 770 -9.00 -9.23 25.85
N SER A 771 -9.95 -8.38 25.48
CA SER A 771 -9.86 -6.94 25.76
C SER A 771 -10.56 -6.49 27.06
N ILE A 772 -11.11 -7.39 27.85
CA ILE A 772 -11.92 -6.99 28.98
C ILE A 772 -11.04 -7.04 30.24
N PRO A 773 -10.94 -5.92 30.96
CA PRO A 773 -10.19 -6.03 32.24
C PRO A 773 -10.62 -7.08 33.16
N ASN A 774 -9.63 -7.75 33.77
CA ASN A 774 -9.87 -8.77 34.78
C ASN A 774 -10.37 -10.14 34.22
N TRP A 775 -10.45 -10.23 32.93
CA TRP A 775 -10.78 -11.55 32.31
C TRP A 775 -9.64 -12.49 32.59
N SER A 776 -9.93 -13.70 33.07
CA SER A 776 -8.94 -14.80 32.91
C SER A 776 -9.55 -16.09 32.39
N SER A 777 -8.77 -16.73 31.52
CA SER A 777 -9.09 -18.01 30.93
C SER A 777 -8.79 -19.19 31.82
N ALA A 778 -8.26 -18.92 33.02
CA ALA A 778 -7.84 -20.03 33.87
C ALA A 778 -8.87 -21.10 34.10
N ASN A 779 -10.16 -20.75 34.19
CA ASN A 779 -11.10 -21.80 34.49
C ASN A 779 -11.63 -22.56 33.24
N LEU A 780 -11.28 -22.12 32.07
CA LEU A 780 -11.81 -22.72 30.85
C LEU A 780 -11.48 -24.21 30.78
N ASN A 781 -10.28 -24.57 31.22
CA ASN A 781 -9.88 -25.95 31.30
C ASN A 781 -9.92 -26.57 32.65
N ILE A 782 -10.52 -25.90 33.62
CA ILE A 782 -10.67 -26.51 34.92
C ILE A 782 -12.14 -26.65 35.19
N LYS A 783 -12.76 -25.65 35.80
CA LYS A 783 -14.21 -25.79 36.10
C LYS A 783 -15.06 -25.90 34.85
N LEU A 784 -14.65 -25.26 33.75
CA LEU A 784 -15.45 -25.23 32.55
C LEU A 784 -15.05 -26.27 31.48
N LYS A 785 -14.20 -27.23 31.87
CA LYS A 785 -13.65 -28.17 30.90
C LYS A 785 -14.75 -28.92 30.10
N TRP A 786 -15.80 -29.34 30.79
CA TRP A 786 -16.95 -30.08 30.17
C TRP A 786 -18.20 -29.21 29.93
N SER A 787 -18.09 -27.92 30.19
CA SER A 787 -19.21 -26.99 29.97
C SER A 787 -19.14 -26.49 28.58
N ARG A 788 -20.30 -26.43 27.91
CA ARG A 788 -20.39 -25.81 26.59
C ARG A 788 -20.78 -24.35 26.75
N TRP A 789 -19.80 -23.57 27.22
CA TRP A 789 -20.00 -22.20 27.72
C TRP A 789 -20.11 -21.24 26.61
N PHE A 790 -19.78 -21.72 25.41
CA PHE A 790 -19.79 -20.90 24.25
C PHE A 790 -21.12 -20.90 23.48
N LEU A 791 -22.08 -21.73 23.88
CA LEU A 791 -23.34 -21.86 23.10
C LEU A 791 -24.16 -20.57 23.12
N ARG D 34 12.18 -6.28 -19.90
CA ARG D 34 12.29 -4.98 -19.17
C ARG D 34 12.79 -3.87 -20.12
N GLN D 35 12.12 -2.73 -20.10
CA GLN D 35 12.47 -1.65 -21.03
C GLN D 35 12.34 -0.24 -20.43
N LEU D 36 13.37 0.57 -20.64
CA LEU D 36 13.33 1.99 -20.29
C LEU D 36 13.61 2.83 -21.54
N VAL D 37 12.83 3.87 -21.69
CA VAL D 37 12.82 4.76 -22.86
C VAL D 37 13.62 6.05 -22.60
N SER D 38 14.49 6.44 -23.50
CA SER D 38 15.24 7.69 -23.42
C SER D 38 14.48 8.85 -23.97
N ASN D 39 15.07 10.05 -23.81
CA ASN D 39 14.53 11.30 -24.40
C ASN D 39 15.25 11.66 -25.67
N GLY D 40 15.77 10.65 -26.36
CA GLY D 40 16.65 10.87 -27.53
C GLY D 40 16.25 9.96 -28.71
N PHE D 41 16.77 10.28 -29.90
CA PHE D 41 16.40 9.57 -31.17
C PHE D 41 17.66 9.20 -31.90
N GLU D 42 17.64 7.99 -32.48
CA GLU D 42 18.77 7.63 -33.34
C GLU D 42 18.85 8.61 -34.47
N VAL D 43 20.06 8.86 -34.92
CA VAL D 43 20.31 9.65 -36.10
C VAL D 43 21.05 8.76 -37.06
N ASN D 44 20.45 8.52 -38.23
CA ASN D 44 21.12 7.72 -39.27
C ASN D 44 22.08 8.58 -40.03
N LEU D 45 23.33 8.18 -40.09
CA LEU D 45 24.35 9.00 -40.71
C LEU D 45 24.95 8.25 -41.87
N PRO D 46 25.50 8.94 -42.89
CA PRO D 46 26.22 8.17 -43.88
C PRO D 46 27.29 7.33 -43.22
N ASP D 47 27.57 6.16 -43.79
CA ASP D 47 28.64 5.26 -43.30
C ASP D 47 29.96 5.98 -43.33
N GLN D 48 30.05 6.92 -44.26
CA GLN D 48 31.32 7.51 -44.57
C GLN D 48 31.14 8.96 -45.01
N VAL D 49 32.18 9.73 -44.85
CA VAL D 49 32.18 11.05 -45.40
C VAL D 49 33.59 11.38 -45.83
N GLU D 50 33.70 12.08 -46.95
CA GLU D 50 35.00 12.53 -47.45
C GLU D 50 35.41 13.84 -46.77
N VAL D 51 36.66 13.87 -46.31
CA VAL D 51 37.23 14.98 -45.59
C VAL D 51 38.59 15.32 -46.19
N ILE D 52 39.02 16.57 -46.05
CA ILE D 52 40.40 16.97 -46.34
C ILE D 52 41.04 17.30 -45.01
N VAL D 53 42.23 16.75 -44.76
CA VAL D 53 42.86 16.81 -43.46
C VAL D 53 44.17 17.52 -43.67
N ARG D 54 44.46 18.55 -42.87
CA ARG D 54 45.82 19.05 -42.88
C ARG D 54 46.35 19.13 -41.47
N ASP D 55 47.67 19.15 -41.38
CA ASP D 55 48.34 19.32 -40.09
C ASP D 55 48.23 20.77 -39.68
N LEU D 56 47.76 20.98 -38.44
CA LEU D 56 47.57 22.31 -37.88
C LEU D 56 48.07 22.30 -36.42
N PRO D 57 49.40 22.18 -36.21
CA PRO D 57 50.01 22.07 -34.87
C PRO D 57 49.67 23.23 -33.91
N ASP D 58 49.36 24.41 -34.44
CA ASP D 58 49.00 25.57 -33.62
C ASP D 58 47.49 25.83 -33.76
N PRO D 59 46.71 25.54 -32.70
CA PRO D 59 45.26 25.82 -32.68
C PRO D 59 44.89 27.27 -32.95
N SER D 60 45.81 28.19 -32.69
CA SER D 60 45.68 29.61 -33.03
C SER D 60 45.24 29.94 -34.46
N LYS D 61 45.56 29.10 -35.44
CA LYS D 61 45.20 29.35 -36.86
C LYS D 61 43.78 28.91 -37.23
N VAL D 62 43.09 28.24 -36.30
CA VAL D 62 41.84 27.60 -36.62
C VAL D 62 40.77 28.61 -36.97
N LYS D 63 40.75 29.72 -36.24
CA LYS D 63 39.70 30.74 -36.33
C LYS D 63 39.67 31.43 -37.69
N GLU D 64 40.84 31.80 -38.18
CA GLU D 64 40.98 32.48 -39.48
C GLU D 64 40.66 31.51 -40.60
N GLU D 65 40.99 30.24 -40.44
CA GLU D 65 40.60 29.26 -41.45
C GLU D 65 39.09 29.10 -41.44
N ARG D 66 38.50 28.93 -40.25
CA ARG D 66 37.07 28.73 -40.15
C ARG D 66 36.35 29.91 -40.81
N THR D 67 36.85 31.11 -40.57
CA THR D 67 36.24 32.29 -41.16
C THR D 67 36.38 32.33 -42.68
N ARG D 68 37.59 32.14 -43.18
CA ARG D 68 37.85 32.01 -44.64
C ARG D 68 36.88 31.03 -45.32
N LEU D 69 36.64 29.87 -44.71
CA LEU D 69 35.87 28.79 -45.35
C LEU D 69 34.39 28.77 -45.03
N MET D 70 33.95 29.81 -44.31
CA MET D 70 32.61 29.93 -43.78
C MET D 70 31.55 29.75 -44.87
N GLY D 71 30.56 28.91 -44.60
CA GLY D 71 29.46 28.64 -45.52
C GLY D 71 29.70 27.49 -46.51
N TYR D 72 30.94 27.25 -46.87
CA TYR D 72 31.28 26.20 -47.83
C TYR D 72 31.87 24.97 -47.16
N TRP D 73 32.56 25.18 -46.05
CA TRP D 73 33.16 24.09 -45.27
C TRP D 73 32.84 24.13 -43.78
N PHE D 74 32.62 22.94 -43.22
CA PHE D 74 32.63 22.72 -41.77
C PHE D 74 34.04 22.26 -41.42
N VAL D 75 34.60 22.91 -40.42
CA VAL D 75 36.00 22.78 -40.05
C VAL D 75 36.02 22.31 -38.60
N HIS D 76 36.98 21.48 -38.25
CA HIS D 76 37.04 20.88 -36.93
C HIS D 76 38.43 20.46 -36.61
N TRP D 77 38.95 21.03 -35.53
CA TRP D 77 40.30 20.73 -35.12
C TRP D 77 40.22 19.58 -34.11
N PHE D 78 41.17 18.66 -34.20
CA PHE D 78 41.22 17.51 -33.32
C PHE D 78 42.59 16.93 -33.48
N ASP D 79 43.39 16.98 -32.41
CA ASP D 79 44.59 16.17 -32.33
C ASP D 79 45.67 16.65 -33.31
N GLY D 80 45.88 17.96 -33.35
CA GLY D 80 46.89 18.55 -34.19
C GLY D 80 46.57 18.52 -35.67
N LYS D 81 45.33 18.19 -36.03
CA LYS D 81 44.92 18.15 -37.43
C LYS D 81 43.60 18.92 -37.66
N LEU D 82 43.56 19.65 -38.76
CA LEU D 82 42.37 20.35 -39.14
C LEU D 82 41.58 19.51 -40.17
N PHE D 83 40.39 19.11 -39.81
CA PHE D 83 39.53 18.35 -40.68
C PHE D 83 38.54 19.30 -41.34
N HIS D 84 38.30 19.10 -42.63
CA HIS D 84 37.43 19.95 -43.41
C HIS D 84 36.41 19.10 -44.11
N LEU D 85 35.13 19.37 -43.91
CA LEU D 85 34.07 18.70 -44.61
C LEU D 85 33.29 19.68 -45.48
N ARG D 86 33.29 19.44 -46.80
CA ARG D 86 32.59 20.34 -47.71
C ARG D 86 31.11 20.25 -47.44
N ILE D 87 30.48 21.42 -47.34
CA ILE D 87 29.05 21.50 -47.07
C ILE D 87 28.28 22.18 -48.20
N LYS D 88 29.02 22.80 -49.13
CA LYS D 88 28.46 23.40 -50.36
C LYS D 88 29.56 23.41 -51.42
N ALA D 89 29.21 23.13 -52.68
CA ALA D 89 30.21 23.22 -53.78
C ALA D 89 30.44 24.68 -54.11
N GLY D 90 31.65 25.00 -54.56
CA GLY D 90 32.05 26.40 -54.69
C GLY D 90 33.22 26.63 -53.78
N GLY D 91 34.11 27.54 -54.17
CA GLY D 91 35.39 27.79 -53.47
C GLY D 91 34.99 28.52 -52.23
N PRO D 92 35.92 28.75 -51.31
CA PRO D 92 37.35 28.54 -51.36
C PRO D 92 37.76 27.10 -51.38
N ASN D 93 39.02 26.90 -51.77
CA ASN D 93 39.65 25.59 -51.80
C ASN D 93 40.49 25.36 -50.55
N VAL D 94 40.71 24.09 -50.25
CA VAL D 94 41.43 23.67 -49.07
C VAL D 94 42.54 22.74 -49.48
N ASP D 95 43.75 22.98 -48.97
CA ASP D 95 44.87 22.09 -49.20
C ASP D 95 44.91 20.97 -48.18
N GLY D 96 45.36 19.78 -48.61
CA GLY D 96 45.68 18.68 -47.68
C GLY D 96 45.34 17.30 -48.22
N GLU D 97 45.29 16.31 -47.33
CA GLU D 97 45.12 14.91 -47.73
C GLU D 97 43.66 14.58 -47.77
N HIS D 98 43.19 14.12 -48.92
CA HIS D 98 41.82 13.72 -49.07
C HIS D 98 41.69 12.37 -48.40
N ARG D 99 40.54 12.11 -47.77
CA ARG D 99 40.44 10.97 -46.87
C ARG D 99 39.00 10.66 -46.53
N ALA D 100 38.71 9.38 -46.31
CA ALA D 100 37.36 8.91 -45.98
C ALA D 100 37.37 8.78 -44.47
N ILE D 101 36.31 9.23 -43.80
CA ILE D 101 36.16 9.04 -42.35
C ILE D 101 34.92 8.21 -42.18
N ARG D 102 35.08 7.02 -41.60
CA ARG D 102 34.00 6.10 -41.36
C ARG D 102 33.34 6.45 -40.03
N THR D 103 32.03 6.66 -40.09
CA THR D 103 31.27 7.15 -38.98
C THR D 103 31.37 6.18 -37.81
N ALA D 104 31.19 4.90 -38.10
CA ALA D 104 31.26 3.83 -37.08
C ALA D 104 32.52 3.93 -36.22
N GLU D 105 33.64 4.24 -36.85
CA GLU D 105 34.92 4.33 -36.14
C GLU D 105 35.22 5.72 -35.58
N HIS D 106 34.69 6.78 -36.19
CA HIS D 106 35.04 8.12 -35.78
C HIS D 106 33.81 9.03 -35.80
N PRO D 107 32.85 8.75 -34.90
CA PRO D 107 31.60 9.50 -34.88
C PRO D 107 31.72 10.96 -34.40
N TRP D 108 32.86 11.38 -33.84
CA TRP D 108 32.99 12.74 -33.31
C TRP D 108 32.84 13.79 -34.42
N LEU D 109 33.29 13.46 -35.63
CA LEU D 109 33.23 14.41 -36.73
C LEU D 109 31.81 14.78 -37.08
N LEU D 110 30.96 13.78 -37.32
CA LEU D 110 29.58 14.11 -37.65
C LEU D 110 28.75 14.48 -36.43
N ARG D 111 29.10 14.01 -35.24
CA ARG D 111 28.46 14.55 -34.05
C ARG D 111 28.60 16.07 -34.01
N ALA D 112 29.81 16.56 -34.29
CA ALA D 112 30.09 17.98 -34.24
C ALA D 112 29.37 18.72 -35.35
N ARG D 113 29.39 18.18 -36.57
CA ARG D 113 28.67 18.84 -37.65
C ARG D 113 27.20 18.95 -37.30
N LEU D 114 26.68 17.94 -36.65
CA LEU D 114 25.26 17.84 -36.40
C LEU D 114 24.80 18.90 -35.38
N ASP D 115 25.69 19.38 -34.51
CA ASP D 115 25.38 20.56 -33.66
C ASP D 115 24.98 21.74 -34.55
N ASP D 116 25.85 22.08 -35.51
CA ASP D 116 25.57 23.15 -36.49
C ASP D 116 24.37 22.85 -37.41
N ALA D 117 24.23 21.60 -37.85
CA ALA D 117 23.18 21.30 -38.80
C ALA D 117 21.80 21.33 -38.18
N LEU D 118 21.68 21.04 -36.88
CA LEU D 118 20.36 21.12 -36.25
C LEU D 118 19.85 22.55 -36.26
N GLU D 119 20.74 23.50 -36.04
CA GLU D 119 20.36 24.91 -36.02
C GLU D 119 19.92 25.34 -37.42
N GLU D 120 20.68 24.95 -38.45
CA GLU D 120 20.27 25.19 -39.86
C GLU D 120 18.95 24.52 -40.23
N ALA D 121 18.71 23.34 -39.69
CA ALA D 121 17.49 22.61 -39.95
C ALA D 121 16.24 23.29 -39.41
N LEU D 122 16.39 24.28 -38.54
CA LEU D 122 15.27 24.87 -37.85
C LEU D 122 15.37 26.40 -37.93
N PRO D 123 15.36 26.95 -39.15
CA PRO D 123 15.71 28.35 -39.36
C PRO D 123 14.73 29.33 -38.74
N LYS D 124 13.51 28.88 -38.45
CA LYS D 124 12.52 29.72 -37.81
C LYS D 124 12.70 29.82 -36.30
N TYR D 125 13.44 28.90 -35.68
CA TYR D 125 13.59 28.90 -34.23
C TYR D 125 15.03 29.30 -33.89
N ALA D 126 15.19 30.55 -33.48
CA ALA D 126 16.53 31.11 -33.31
C ALA D 126 17.12 30.62 -32.00
N ALA D 127 18.45 30.50 -31.99
CA ALA D 127 19.15 29.90 -30.87
C ALA D 127 19.23 30.86 -29.69
N VAL D 128 18.59 30.53 -28.58
CA VAL D 128 18.94 31.21 -27.31
C VAL D 128 20.36 30.82 -26.90
N LYS D 129 20.68 29.52 -26.90
CA LYS D 129 22.06 29.05 -26.74
C LYS D 129 22.51 28.22 -27.92
N LYS D 130 23.83 28.00 -28.01
CA LYS D 130 24.41 27.11 -29.00
C LYS D 130 25.09 25.90 -28.32
N ARG D 131 25.40 24.89 -29.12
CA ARG D 131 26.00 23.63 -28.63
C ARG D 131 25.93 23.43 -27.12
N PRO D 132 24.78 22.95 -26.59
CA PRO D 132 23.60 22.44 -27.26
C PRO D 132 22.61 23.52 -27.70
N PHE D 133 22.28 23.49 -28.99
CA PHE D 133 21.21 24.28 -29.58
C PHE D 133 19.97 24.33 -28.70
N THR D 134 19.57 25.54 -28.33
CA THR D 134 18.45 25.75 -27.41
C THR D 134 17.65 26.88 -28.04
N PHE D 135 16.32 26.79 -27.92
CA PHE D 135 15.40 27.68 -28.61
C PHE D 135 14.07 27.63 -27.90
N LEU D 136 13.22 28.62 -28.17
CA LEU D 136 11.94 28.78 -27.50
C LEU D 136 10.71 28.39 -28.33
N ALA D 137 9.65 27.92 -27.66
CA ALA D 137 8.34 27.75 -28.31
C ALA D 137 7.91 29.08 -28.91
N GLN D 138 7.42 29.06 -30.15
CA GLN D 138 7.12 30.30 -30.88
C GLN D 138 5.87 30.97 -30.35
N LYS D 139 4.85 30.16 -30.07
CA LYS D 139 3.56 30.68 -29.60
C LYS D 139 3.50 30.78 -28.09
N ASP D 140 3.61 29.63 -27.41
CA ASP D 140 3.20 29.49 -25.99
C ASP D 140 3.72 30.53 -25.00
N GLU D 141 2.94 30.72 -23.94
CA GLU D 141 3.27 31.64 -22.84
C GLU D 141 2.36 31.28 -21.67
N LEU D 142 2.97 30.76 -20.62
CA LEU D 142 2.22 30.02 -19.61
C LEU D 142 1.64 30.90 -18.52
N ILE D 143 2.08 32.15 -18.44
CA ILE D 143 1.55 33.09 -17.44
C ILE D 143 0.12 33.50 -17.84
N ASP D 144 -0.03 33.90 -19.09
CA ASP D 144 -1.33 34.16 -19.70
C ASP D 144 -2.29 32.96 -19.46
N ALA D 145 -1.81 31.77 -19.82
CA ALA D 145 -2.61 30.55 -19.66
C ALA D 145 -2.94 30.30 -18.19
N ALA D 146 -1.94 30.48 -17.31
CA ALA D 146 -2.14 30.26 -15.88
C ALA D 146 -3.16 31.25 -15.31
N ALA D 147 -3.07 32.51 -15.71
CA ALA D 147 -3.95 33.54 -15.14
C ALA D 147 -5.36 33.40 -15.73
N THR D 148 -5.45 32.94 -16.96
CA THR D 148 -6.74 32.56 -17.50
C THR D 148 -7.32 31.39 -16.67
N ALA D 149 -6.52 30.34 -16.46
CA ALA D 149 -7.02 29.15 -15.73
C ALA D 149 -7.46 29.44 -14.30
N ALA D 150 -6.77 30.36 -13.61
CA ALA D 150 -7.15 30.74 -12.22
C ALA D 150 -8.07 31.97 -12.16
N GLY D 151 -8.35 32.54 -13.32
CA GLY D 151 -9.22 33.72 -13.45
C GLY D 151 -8.66 35.00 -12.83
N LEU D 152 -7.45 35.41 -13.23
CA LEU D 152 -6.83 36.63 -12.68
C LEU D 152 -6.33 37.57 -13.77
N SER D 153 -6.28 38.86 -13.47
CA SER D 153 -5.88 39.89 -14.45
C SER D 153 -5.06 41.00 -13.78
N HIS D 154 -4.19 41.63 -14.55
CA HIS D 154 -3.48 42.83 -14.10
C HIS D 154 -2.83 43.48 -15.33
N ARG D 155 -2.62 44.80 -15.28
CA ARG D 155 -1.94 45.55 -16.35
C ARG D 155 -0.64 44.90 -16.76
N LEU D 156 0.27 44.89 -15.79
CA LEU D 156 1.65 44.49 -15.97
C LEU D 156 1.81 43.00 -16.16
N LEU D 157 0.90 42.20 -15.61
CA LEU D 157 0.97 40.73 -15.66
C LEU D 157 1.44 40.19 -17.03
N ASN D 158 1.05 40.89 -18.09
CA ASN D 158 1.47 40.60 -19.47
C ASN D 158 2.99 40.73 -19.74
N SER D 159 3.72 41.55 -18.99
CA SER D 159 5.17 41.63 -19.22
C SER D 159 6.01 40.60 -18.40
N PHE D 160 5.31 39.69 -17.70
CA PHE D 160 5.92 38.51 -17.10
C PHE D 160 5.72 37.29 -18.00
N LYS D 161 6.80 36.84 -18.62
CA LYS D 161 6.73 35.73 -19.56
C LYS D 161 7.29 34.44 -18.95
N VAL D 162 6.61 33.33 -19.22
CA VAL D 162 7.16 31.98 -19.01
C VAL D 162 6.91 31.16 -20.28
N ILE D 163 7.98 30.96 -21.05
CA ILE D 163 7.93 30.29 -22.33
C ILE D 163 8.71 28.96 -22.28
N PRO D 164 8.13 27.87 -22.79
CA PRO D 164 8.84 26.62 -22.94
C PRO D 164 10.12 26.77 -23.74
N ARG D 165 11.17 26.10 -23.27
CA ARG D 165 12.49 26.17 -23.88
C ARG D 165 12.96 24.74 -24.13
N PHE D 166 13.65 24.53 -25.24
CA PHE D 166 13.99 23.18 -25.69
C PHE D 166 15.45 23.13 -26.08
N ALA D 167 16.13 22.05 -25.71
CA ALA D 167 17.50 21.88 -26.20
C ALA D 167 17.66 20.55 -26.93
N LEU D 168 18.57 20.52 -27.89
CA LEU D 168 18.84 19.35 -28.69
C LEU D 168 20.33 19.05 -28.63
N SER D 169 20.66 17.98 -27.91
CA SER D 169 22.05 17.62 -27.74
C SER D 169 22.36 16.36 -28.55
N PRO D 170 23.19 16.49 -29.59
CA PRO D 170 23.75 15.28 -30.15
C PRO D 170 24.82 14.64 -29.25
N LYS D 171 24.64 13.37 -28.95
CA LYS D 171 25.49 12.62 -28.03
C LYS D 171 25.85 11.29 -28.60
N ILE D 172 27.11 10.91 -28.41
CA ILE D 172 27.58 9.60 -28.82
C ILE D 172 27.21 8.64 -27.72
N TYR D 173 26.57 7.52 -28.06
CA TYR D 173 26.17 6.50 -27.08
C TYR D 173 26.51 5.09 -27.63
N GLU D 174 26.36 4.05 -26.82
CA GLU D 174 26.63 2.67 -27.28
C GLU D 174 25.42 1.72 -27.20
N PRO D 175 24.77 1.40 -28.34
CA PRO D 175 23.70 0.38 -28.23
C PRO D 175 24.19 -0.97 -27.63
N VAL D 176 25.45 -1.33 -27.86
CA VAL D 176 26.05 -2.55 -27.35
C VAL D 176 27.54 -2.29 -27.20
N ASP D 177 28.22 -3.04 -26.34
CA ASP D 177 29.67 -2.84 -26.15
C ASP D 177 30.34 -2.87 -27.53
N GLY D 178 31.26 -1.96 -27.77
CA GLY D 178 32.03 -1.96 -29.00
C GLY D 178 31.52 -1.08 -30.12
N THR D 179 30.19 -0.91 -30.28
CA THR D 179 29.67 -0.07 -31.38
C THR D 179 29.09 1.27 -30.89
N THR D 180 29.48 2.33 -31.58
CA THR D 180 29.07 3.67 -31.22
C THR D 180 28.02 4.17 -32.19
N ARG D 181 27.04 4.88 -31.66
CA ARG D 181 26.09 5.62 -32.49
C ARG D 181 25.97 7.07 -32.05
N VAL D 182 25.32 7.90 -32.89
CA VAL D 182 24.95 9.28 -32.53
C VAL D 182 23.45 9.42 -32.33
N GLY D 183 23.06 10.04 -31.23
CA GLY D 183 21.65 10.27 -30.87
C GLY D 183 21.43 11.75 -30.62
N VAL D 184 20.18 12.19 -30.66
CA VAL D 184 19.83 13.59 -30.37
C VAL D 184 18.88 13.55 -29.24
N PHE D 185 19.32 14.13 -28.13
CA PHE D 185 18.54 14.09 -26.91
C PHE D 185 17.86 15.42 -26.65
N VAL D 186 16.59 15.32 -26.28
CA VAL D 186 15.71 16.43 -26.20
C VAL D 186 15.46 16.75 -24.73
N THR D 187 15.67 18.00 -24.32
CA THR D 187 15.39 18.40 -22.93
C THR D 187 14.56 19.64 -22.95
N ILE D 188 13.77 19.80 -21.89
CA ILE D 188 12.80 20.88 -21.76
C ILE D 188 12.95 21.62 -20.45
N GLY D 189 12.90 22.95 -20.52
CA GLY D 189 12.77 23.80 -19.33
C GLY D 189 11.90 25.00 -19.64
N MET D 190 12.07 26.09 -18.89
CA MET D 190 11.24 27.29 -19.02
C MET D 190 12.08 28.53 -18.91
N ARG D 191 11.99 29.41 -19.89
CA ARG D 191 12.55 30.74 -19.77
C ARG D 191 11.58 31.57 -18.93
N TYR D 192 12.07 32.13 -17.82
CA TYR D 192 11.35 33.13 -17.06
C TYR D 192 11.95 34.45 -17.40
N ASP D 193 11.09 35.40 -17.72
CA ASP D 193 11.54 36.73 -18.11
C ASP D 193 10.55 37.78 -17.60
N ILE D 194 11.09 38.89 -17.11
CA ILE D 194 10.32 40.05 -16.70
C ILE D 194 10.71 41.19 -17.63
N GLU D 195 9.84 41.43 -18.61
CA GLU D 195 10.08 42.41 -19.66
C GLU D 195 9.75 43.81 -19.13
N ALA D 196 8.83 43.89 -18.17
CA ALA D 196 8.28 45.17 -17.68
C ALA D 196 9.37 46.21 -17.39
N SER D 197 9.06 47.49 -17.65
CA SER D 197 9.98 48.61 -17.36
C SER D 197 10.15 48.80 -15.85
N LEU D 198 11.35 49.19 -15.46
CA LEU D 198 11.65 49.44 -14.06
C LEU D 198 10.70 50.53 -13.55
N ARG D 199 10.56 51.60 -14.32
CA ARG D 199 9.71 52.74 -13.94
C ARG D 199 8.31 52.27 -13.58
N ASP D 200 7.74 51.41 -14.42
CA ASP D 200 6.37 50.90 -14.23
C ASP D 200 6.17 50.09 -12.94
N LEU D 201 7.17 49.28 -12.59
CA LEU D 201 7.10 48.45 -11.40
C LEU D 201 7.30 49.32 -10.16
N LEU D 202 8.13 50.35 -10.28
CA LEU D 202 8.31 51.36 -9.24
C LEU D 202 6.95 51.97 -8.90
N GLU D 203 6.34 52.66 -9.87
CA GLU D 203 5.07 53.34 -9.66
C GLU D 203 3.87 52.40 -9.54
N ALA D 204 4.11 51.11 -9.35
CA ALA D 204 3.04 50.18 -8.99
C ALA D 204 3.17 49.72 -7.54
N GLY D 205 4.13 50.30 -6.81
CA GLY D 205 4.30 49.98 -5.39
C GLY D 205 5.35 48.92 -5.08
N ILE D 206 5.99 48.39 -6.11
CA ILE D 206 7.04 47.39 -5.94
C ILE D 206 8.34 48.10 -5.59
N ASP D 207 8.86 47.78 -4.40
CA ASP D 207 10.15 48.30 -3.91
C ASP D 207 11.31 47.53 -4.54
N LEU D 208 12.00 48.18 -5.47
CA LEU D 208 13.07 47.54 -6.24
C LEU D 208 14.38 47.55 -5.47
N ARG D 209 14.48 48.41 -4.46
CA ARG D 209 15.66 48.49 -3.59
C ARG D 209 16.15 47.08 -3.22
N GLY D 210 17.34 46.73 -3.72
CA GLY D 210 17.98 45.44 -3.40
C GLY D 210 17.84 44.35 -4.47
N MET D 211 17.03 44.62 -5.48
CA MET D 211 16.71 43.63 -6.53
C MET D 211 17.82 43.56 -7.55
N TYR D 212 18.14 42.36 -8.00
CA TYR D 212 19.16 42.22 -9.03
C TYR D 212 18.61 42.56 -10.40
N VAL D 213 19.45 43.31 -11.11
CA VAL D 213 19.15 43.85 -12.41
C VAL D 213 20.20 43.35 -13.41
N VAL D 214 19.75 43.08 -14.63
CA VAL D 214 20.52 42.48 -15.73
C VAL D 214 20.31 43.35 -16.99
N ARG D 215 21.23 43.23 -17.96
CA ARG D 215 21.08 43.87 -19.29
C ARG D 215 19.90 43.39 -20.12
N ARG D 216 19.19 44.33 -20.75
CA ARG D 216 18.13 44.00 -21.71
C ARG D 216 18.67 43.32 -22.98
N LYS D 217 19.81 43.79 -23.47
CA LYS D 217 20.46 43.19 -24.64
C LYS D 217 21.91 42.97 -24.26
N ARG D 218 22.42 41.78 -24.54
CA ARG D 218 23.78 41.39 -24.16
C ARG D 218 24.81 41.81 -25.24
N GLN D 219 25.94 42.36 -24.79
CA GLN D 219 27.05 42.76 -25.66
C GLN D 219 27.98 41.58 -25.89
N ARG D 223 28.97 40.39 -19.93
CA ARG D 223 28.21 40.05 -18.71
C ARG D 223 26.76 40.54 -18.83
N GLY D 224 25.82 39.68 -18.41
CA GLY D 224 24.42 40.05 -18.27
C GLY D 224 24.18 40.78 -16.96
N LEU D 225 24.67 40.23 -15.85
CA LEU D 225 24.44 40.83 -14.53
C LEU D 225 25.12 42.20 -14.41
N LEU D 226 24.37 43.15 -13.84
CA LEU D 226 24.82 44.54 -13.68
C LEU D 226 25.08 44.86 -12.23
N GLY D 227 24.15 44.47 -11.37
CA GLY D 227 24.25 44.75 -9.95
C GLY D 227 22.90 44.87 -9.30
N ARG D 228 22.91 45.50 -8.13
CA ARG D 228 21.74 45.61 -7.32
C ARG D 228 21.17 47.02 -7.41
N VAL D 229 19.85 47.14 -7.27
CA VAL D 229 19.20 48.46 -7.29
C VAL D 229 19.46 49.19 -5.98
N ARG D 230 20.23 50.28 -6.08
CA ARG D 230 20.38 51.26 -5.01
C ARG D 230 19.17 52.19 -5.03
N ALA D 231 19.03 52.94 -6.12
CA ALA D 231 17.91 53.86 -6.32
C ALA D 231 17.78 54.28 -7.80
N ILE D 232 16.60 54.78 -8.18
CA ILE D 232 16.37 55.31 -9.54
C ILE D 232 16.36 56.86 -9.55
N SER D 233 17.37 57.44 -10.20
CA SER D 233 17.58 58.91 -10.25
C SER D 233 16.55 59.59 -11.15
N ASP D 234 16.93 59.83 -12.41
CA ASP D 234 16.03 60.44 -13.41
C ASP D 234 15.52 59.32 -14.33
N ASP D 235 16.17 59.18 -15.49
CA ASP D 235 15.99 58.01 -16.34
C ASP D 235 17.19 57.06 -16.11
N MET D 236 17.58 56.89 -14.84
CA MET D 236 18.86 56.30 -14.48
C MET D 236 18.81 55.43 -13.22
N VAL D 237 19.35 54.21 -13.33
CA VAL D 237 19.44 53.30 -12.18
C VAL D 237 20.79 53.45 -11.51
N GLN D 238 20.76 53.75 -10.21
CA GLN D 238 21.95 53.73 -9.38
C GLN D 238 22.09 52.31 -8.83
N LEU D 239 23.27 51.72 -9.03
CA LEU D 239 23.57 50.34 -8.61
C LEU D 239 24.52 50.25 -7.43
N PHE D 240 24.41 49.18 -6.66
CA PHE D 240 25.48 48.75 -5.77
C PHE D 240 25.77 47.27 -5.97
N GLU D 241 26.79 46.73 -5.30
CA GLU D 241 27.34 45.40 -5.64
C GLU D 241 27.46 45.29 -7.17
N GLU D 242 27.94 46.35 -7.79
CA GLU D 242 27.98 46.42 -9.24
C GLU D 242 29.04 45.46 -9.79
N THR D 243 28.83 44.89 -10.99
CA THR D 243 29.82 44.04 -11.67
C THR D 243 30.78 44.87 -12.50
N ASP D 244 30.34 46.08 -12.87
CA ASP D 244 31.17 46.97 -13.67
C ASP D 244 30.84 48.45 -13.34
N LEU D 245 29.87 49.07 -14.02
CA LEU D 245 29.50 50.50 -13.77
C LEU D 245 28.48 50.67 -12.65
N ALA D 246 28.59 51.78 -11.90
CA ALA D 246 27.71 52.04 -10.74
C ALA D 246 26.33 52.55 -11.15
N SER D 247 26.18 52.97 -12.41
CA SER D 247 24.90 53.47 -12.91
C SER D 247 24.63 53.01 -14.34
N VAL D 248 23.35 52.91 -14.69
CA VAL D 248 22.93 52.52 -16.03
C VAL D 248 21.58 53.15 -16.37
N ASN D 249 21.38 53.43 -17.66
CA ASN D 249 20.06 53.80 -18.18
C ASN D 249 18.97 52.83 -17.75
N VAL D 250 17.89 53.35 -17.17
CA VAL D 250 16.71 52.51 -16.89
C VAL D 250 16.24 51.75 -18.15
N ASN D 251 16.46 52.34 -19.33
CA ASN D 251 16.21 51.68 -20.63
C ASN D 251 17.09 50.46 -20.98
N ASP D 252 18.29 50.39 -20.41
CA ASP D 252 19.22 49.29 -20.70
C ASP D 252 19.11 48.10 -19.75
N ALA D 253 18.21 48.18 -18.77
CA ALA D 253 18.21 47.22 -17.66
C ALA D 253 16.81 46.68 -17.29
N LYS D 254 16.78 45.41 -16.89
CA LYS D 254 15.56 44.79 -16.39
C LYS D 254 15.92 43.98 -15.16
N LEU D 255 14.90 43.61 -14.41
CA LEU D 255 15.03 42.69 -13.32
C LEU D 255 15.44 41.33 -13.86
N GLU D 256 16.33 40.65 -13.13
CA GLU D 256 16.72 39.33 -13.55
C GLU D 256 15.53 38.45 -13.31
N GLY D 257 15.34 37.49 -14.20
CA GLY D 257 14.18 36.59 -14.17
C GLY D 257 14.23 35.51 -13.13
N SER D 258 14.68 35.86 -11.92
CA SER D 258 14.78 34.91 -10.82
C SER D 258 13.42 34.60 -10.22
N LYS D 259 13.35 33.46 -9.54
CA LYS D 259 12.16 33.13 -8.76
C LYS D 259 11.94 34.21 -7.72
N GLU D 260 13.03 34.67 -7.06
CA GLU D 260 12.92 35.77 -6.07
C GLU D 260 12.24 36.99 -6.65
N ASN D 261 12.72 37.47 -7.77
CA ASN D 261 12.09 38.62 -8.41
C ASN D 261 10.65 38.36 -8.90
N PHE D 262 10.34 37.15 -9.38
CA PHE D 262 8.97 36.84 -9.74
C PHE D 262 8.12 36.88 -8.48
N THR D 263 8.48 36.07 -7.48
CA THR D 263 7.69 36.03 -6.26
C THR D 263 7.56 37.41 -5.58
N ARG D 264 8.57 38.28 -5.70
CA ARG D 264 8.50 39.64 -5.10
C ARG D 264 7.64 40.67 -5.87
N CYS D 265 7.72 40.70 -7.19
CA CYS D 265 6.81 41.53 -8.00
C CYS D 265 5.34 41.07 -7.92
N LEU D 266 5.10 39.82 -8.28
CA LEU D 266 3.75 39.25 -8.37
C LEU D 266 3.00 39.13 -7.04
N SER D 267 3.70 39.05 -5.90
CA SER D 267 3.02 39.04 -4.60
C SER D 267 2.50 40.45 -4.27
N ALA D 268 3.26 41.47 -4.66
CA ALA D 268 2.85 42.87 -4.52
C ALA D 268 1.70 43.26 -5.44
N LEU D 269 1.64 42.71 -6.65
CA LEU D 269 0.63 43.11 -7.63
C LEU D 269 -0.65 42.30 -7.50
N LEU D 270 -0.56 41.10 -6.96
CA LEU D 270 -1.72 40.19 -6.90
C LEU D 270 -2.09 39.82 -5.47
N GLY D 271 -1.08 39.67 -4.60
CA GLY D 271 -1.24 39.10 -3.27
C GLY D 271 -2.39 39.81 -2.63
N HIS D 272 -3.35 39.09 -2.04
CA HIS D 272 -3.25 37.67 -1.69
C HIS D 272 -3.26 36.69 -2.88
N ASN D 273 -4.32 36.78 -3.70
CA ASN D 273 -4.50 36.02 -4.97
C ASN D 273 -3.25 35.36 -5.62
N TYR D 274 -2.10 36.01 -5.44
CA TYR D 274 -0.78 35.49 -5.81
C TYR D 274 -0.59 33.95 -5.65
N LYS D 275 -1.11 33.35 -4.59
CA LYS D 275 -1.03 31.89 -4.39
C LYS D 275 -1.62 31.11 -5.57
N LYS D 276 -2.86 31.43 -5.93
CA LYS D 276 -3.58 30.73 -6.99
C LYS D 276 -2.86 30.86 -8.33
N LEU D 277 -2.22 32.01 -8.56
CA LEU D 277 -1.46 32.21 -9.77
C LEU D 277 -0.32 31.21 -9.85
N LEU D 278 0.51 31.16 -8.81
CA LEU D 278 1.63 30.23 -8.79
C LEU D 278 1.17 28.78 -8.93
N ASN D 279 0.08 28.43 -8.28
CA ASN D 279 -0.50 27.08 -8.43
C ASN D 279 -0.97 26.74 -9.88
N ALA D 280 -1.54 27.72 -10.56
CA ALA D 280 -1.98 27.54 -11.97
C ALA D 280 -0.80 27.42 -12.92
N LEU D 281 0.15 28.34 -12.74
CA LEU D 281 1.44 28.27 -13.42
C LEU D 281 2.07 26.90 -13.23
N ASP D 282 2.09 26.41 -12.00
CA ASP D 282 2.61 25.08 -11.77
C ASP D 282 1.92 24.02 -12.64
N ASP D 283 0.59 24.08 -12.69
CA ASP D 283 -0.16 23.20 -13.58
C ASP D 283 0.24 23.35 -15.03
N GLN D 284 0.39 24.59 -15.47
CA GLN D 284 0.85 24.83 -16.83
C GLN D 284 2.16 24.14 -17.15
N GLU D 285 3.15 24.28 -16.26
CA GLU D 285 4.43 23.64 -16.48
C GLU D 285 4.27 22.13 -16.40
N ALA D 286 3.44 21.67 -15.47
CA ALA D 286 3.15 20.25 -15.33
C ALA D 286 2.70 19.60 -16.66
N GLY D 287 2.16 20.44 -17.55
CA GLY D 287 1.83 20.05 -18.91
C GLY D 287 3.01 19.72 -19.81
N TYR D 288 4.22 20.12 -19.41
CA TYR D 288 5.43 19.85 -20.20
C TYR D 288 6.48 18.97 -19.54
N ARG D 289 6.39 18.80 -18.22
CA ARG D 289 7.51 18.23 -17.45
C ARG D 289 7.12 16.91 -16.79
N THR D 290 5.83 16.68 -16.60
CA THR D 290 5.38 15.42 -16.05
C THR D 290 5.73 14.35 -17.07
N GLY D 291 5.95 13.15 -16.57
CA GLY D 291 6.43 12.06 -17.43
C GLY D 291 5.66 11.89 -18.73
N PRO D 292 4.33 11.70 -18.66
CA PRO D 292 3.57 11.42 -19.88
C PRO D 292 3.58 12.60 -20.82
N ARG D 293 3.42 13.80 -20.26
CA ARG D 293 3.44 15.04 -21.01
C ARG D 293 4.83 15.38 -21.58
N PHE D 294 5.89 15.00 -20.86
CA PHE D 294 7.24 15.14 -21.37
C PHE D 294 7.54 14.13 -22.50
N ASP D 295 7.19 12.87 -22.27
CA ASP D 295 7.30 11.80 -23.29
C ASP D 295 6.64 12.18 -24.62
N ASP D 296 5.45 12.78 -24.54
CA ASP D 296 4.73 13.30 -25.72
C ASP D 296 5.46 14.45 -26.42
N ALA D 297 5.93 15.43 -25.66
CA ALA D 297 6.69 16.51 -26.25
C ALA D 297 8.00 15.99 -26.91
N VAL D 298 8.66 15.02 -26.29
CA VAL D 298 9.82 14.42 -26.95
C VAL D 298 9.36 13.78 -28.29
N ARG D 299 8.25 13.04 -28.22
CA ARG D 299 7.69 12.33 -29.41
C ARG D 299 7.44 13.32 -30.57
N ARG D 300 6.78 14.44 -30.30
CA ARG D 300 6.53 15.46 -31.34
C ARG D 300 7.79 16.16 -31.84
N MET D 301 8.77 16.39 -30.95
CA MET D 301 10.00 16.97 -31.42
C MET D 301 10.67 16.01 -32.42
N GLY D 302 10.58 14.72 -32.15
CA GLY D 302 11.16 13.70 -33.04
C GLY D 302 10.51 13.74 -34.42
N GLU D 303 9.19 13.79 -34.42
CA GLU D 303 8.40 13.86 -35.64
C GLU D 303 8.77 15.08 -36.44
N PHE D 304 8.75 16.24 -35.78
CA PHE D 304 9.21 17.47 -36.41
C PHE D 304 10.61 17.36 -37.01
N LEU D 305 11.53 16.72 -36.29
CA LEU D 305 12.92 16.58 -36.76
C LEU D 305 13.13 15.53 -37.85
N ALA D 306 12.35 14.45 -37.80
CA ALA D 306 12.39 13.41 -38.86
C ALA D 306 11.75 13.87 -40.19
N LYS D 307 10.94 14.92 -40.14
CA LYS D 307 10.09 15.34 -41.27
C LYS D 307 10.81 15.50 -42.60
N LYS D 308 12.03 15.99 -42.56
CA LYS D 308 12.89 16.11 -43.72
C LYS D 308 14.23 15.51 -43.33
N PRO D 309 15.05 15.12 -44.31
CA PRO D 309 16.42 14.80 -43.98
C PRO D 309 17.12 16.05 -43.49
N ILE D 310 18.06 15.88 -42.57
CA ILE D 310 18.92 16.98 -42.15
C ILE D 310 20.14 17.04 -43.04
N ARG D 311 20.36 18.21 -43.62
CA ARG D 311 21.47 18.41 -44.53
C ARG D 311 22.78 18.59 -43.76
N LEU D 312 23.65 17.57 -43.79
CA LEU D 312 24.99 17.67 -43.27
C LEU D 312 25.86 18.38 -44.27
N ALA D 313 25.59 18.17 -45.56
CA ALA D 313 26.16 18.98 -46.62
C ALA D 313 25.13 19.11 -47.71
N ASP D 314 25.35 20.02 -48.66
CA ASP D 314 24.50 20.17 -49.83
C ASP D 314 24.02 18.80 -50.35
N ASN D 315 24.93 17.85 -50.50
CA ASN D 315 24.63 16.56 -51.08
C ASN D 315 24.54 15.40 -50.07
N ILE D 316 24.65 15.69 -48.78
CA ILE D 316 24.79 14.63 -47.76
C ILE D 316 23.78 14.81 -46.65
N ASN D 317 22.99 13.78 -46.41
CA ASN D 317 21.93 13.83 -45.43
C ASN D 317 22.07 12.90 -44.26
N ALA D 318 21.47 13.32 -43.15
CA ALA D 318 21.28 12.47 -42.01
C ALA D 318 19.79 12.41 -41.85
N GLN D 319 19.29 11.44 -41.11
CA GLN D 319 17.86 11.25 -40.92
C GLN D 319 17.61 10.75 -39.51
N VAL D 320 16.78 11.51 -38.79
CA VAL D 320 16.34 11.11 -37.48
C VAL D 320 15.40 9.90 -37.53
N GLY D 321 15.72 8.90 -36.71
CA GLY D 321 14.95 7.68 -36.65
C GLY D 321 14.15 7.49 -35.38
N ASP D 322 14.22 6.28 -34.84
CA ASP D 322 13.44 5.88 -33.69
C ASP D 322 14.04 6.35 -32.35
N ARG D 323 13.13 6.43 -31.39
CA ARG D 323 13.46 6.68 -30.00
C ARG D 323 14.49 5.68 -29.52
N ILE D 324 15.52 6.23 -28.88
CA ILE D 324 16.52 5.42 -28.25
C ILE D 324 15.88 4.82 -27.01
N VAL D 325 16.14 3.53 -26.85
CA VAL D 325 15.59 2.75 -25.76
C VAL D 325 16.74 2.01 -25.03
N PHE D 326 16.52 1.67 -23.75
CA PHE D 326 17.47 0.84 -22.99
C PHE D 326 16.82 -0.48 -22.58
N SER D 327 17.27 -1.59 -23.16
CA SER D 327 16.69 -2.89 -22.80
C SER D 327 17.68 -4.01 -22.92
N ASN D 328 17.23 -5.20 -22.53
CA ASN D 328 18.04 -6.39 -22.68
C ASN D 328 17.49 -7.34 -23.75
N GLU D 329 16.78 -6.78 -24.73
CA GLU D 329 16.26 -7.55 -25.89
C GLU D 329 17.32 -7.63 -27.00
N GLY D 330 17.67 -8.86 -27.40
CA GLY D 330 18.65 -9.08 -28.48
C GLY D 330 20.05 -9.23 -27.91
N GLN D 331 21.03 -8.63 -28.58
CA GLN D 331 22.39 -8.50 -28.05
C GLN D 331 22.51 -7.41 -26.94
N ALA D 332 21.49 -6.55 -26.82
CA ALA D 332 21.51 -5.46 -25.83
C ALA D 332 21.45 -5.95 -24.38
N ARG D 333 22.38 -5.47 -23.54
CA ARG D 333 22.38 -5.76 -22.10
C ARG D 333 22.44 -4.41 -21.36
N ASN D 334 21.39 -3.62 -21.52
CA ASN D 334 21.42 -2.18 -21.27
C ASN D 334 20.64 -1.68 -20.06
N VAL D 335 20.09 -2.59 -19.27
CA VAL D 335 19.43 -2.16 -18.05
C VAL D 335 19.51 -3.23 -16.98
N ARG D 336 19.58 -2.78 -15.72
CA ARG D 336 19.37 -3.64 -14.59
C ARG D 336 18.76 -2.84 -13.45
N LEU D 337 18.25 -3.57 -12.47
CA LEU D 337 17.67 -2.98 -11.29
C LEU D 337 18.51 -3.39 -10.07
N ALA D 338 19.02 -2.37 -9.39
CA ALA D 338 19.61 -2.55 -8.07
C ALA D 338 18.52 -3.00 -7.09
N PRO D 339 18.81 -4.01 -6.28
CA PRO D 339 17.84 -4.34 -5.24
C PRO D 339 17.81 -3.20 -4.23
N LYS D 340 16.73 -3.10 -3.47
CA LYS D 340 16.54 -2.00 -2.53
C LYS D 340 17.69 -1.89 -1.49
N VAL D 341 18.04 -0.66 -1.18
CA VAL D 341 18.99 -0.39 -0.10
C VAL D 341 18.36 -0.84 1.21
N GLU D 342 19.12 -1.59 2.00
CA GLU D 342 18.71 -1.90 3.36
C GLU D 342 19.44 -0.98 4.32
N TYR D 343 18.65 -0.29 5.14
CA TYR D 343 19.14 0.42 6.32
C TYR D 343 19.44 -0.57 7.42
N VAL D 344 20.70 -0.69 7.82
CA VAL D 344 21.11 -1.68 8.83
C VAL D 344 21.35 -1.06 10.22
N PHE D 345 20.84 -1.74 11.25
CA PHE D 345 20.88 -1.28 12.63
C PHE D 345 21.59 -2.23 13.57
N ASP D 346 22.34 -3.20 13.06
CA ASP D 346 23.22 -3.97 13.93
C ASP D 346 24.39 -4.51 13.12
N ARG D 347 25.47 -4.90 13.81
CA ARG D 347 26.70 -5.35 13.14
C ARG D 347 26.49 -6.66 12.33
N THR D 348 25.51 -7.47 12.74
CA THR D 348 25.15 -8.71 12.03
C THR D 348 24.41 -8.42 10.71
N GLY D 349 23.58 -7.38 10.73
CA GLY D 349 22.69 -7.06 9.61
C GLY D 349 21.31 -7.69 9.73
N ALA D 350 21.04 -8.30 10.88
CA ALA D 350 19.75 -8.96 11.15
C ALA D 350 18.60 -7.96 11.32
N LYS D 351 18.82 -6.95 12.15
CA LYS D 351 17.92 -5.80 12.19
C LYS D 351 18.29 -4.94 11.00
N SER D 352 17.36 -4.84 10.07
CA SER D 352 17.49 -3.94 8.96
C SER D 352 16.10 -3.57 8.47
N ALA D 353 16.01 -2.53 7.67
CA ALA D 353 14.71 -2.10 7.16
C ALA D 353 14.93 -1.39 5.86
N GLU D 354 13.80 -0.97 5.27
CA GLU D 354 13.69 -0.38 3.93
C GLU D 354 13.66 1.14 4.00
N TYR D 355 13.29 1.66 5.15
CA TYR D 355 13.22 3.09 5.42
C TYR D 355 13.98 3.34 6.73
N ALA D 356 14.78 4.41 6.74
CA ALA D 356 15.58 4.82 7.90
C ALA D 356 14.75 4.89 9.18
N TRP D 357 13.64 5.64 9.10
CA TRP D 357 12.86 5.93 10.27
C TRP D 357 12.10 4.73 10.83
N ARG D 358 11.52 3.89 9.97
CA ARG D 358 10.87 2.66 10.47
C ARG D 358 11.93 1.81 11.12
N GLY D 359 13.12 1.85 10.56
CA GLY D 359 14.22 1.10 11.12
C GLY D 359 14.60 1.59 12.50
N LEU D 360 14.63 2.90 12.66
CA LEU D 360 15.19 3.53 13.83
C LEU D 360 14.18 3.46 15.00
N SER D 361 12.93 3.74 14.68
CA SER D 361 11.81 3.49 15.62
C SER D 361 11.74 2.06 16.12
N GLN D 362 11.82 1.08 15.22
CA GLN D 362 11.70 -0.31 15.60
C GLN D 362 12.94 -0.85 16.33
N PHE D 363 14.14 -0.45 15.93
CA PHE D 363 15.32 -1.08 16.50
C PHE D 363 16.24 -0.17 17.33
N GLY D 364 15.99 1.14 17.34
CA GLY D 364 16.99 2.09 17.86
C GLY D 364 18.27 2.13 17.01
N PRO D 365 19.26 2.93 17.42
CA PRO D 365 20.45 3.15 16.58
C PRO D 365 21.47 2.00 16.51
N PHE D 366 22.15 1.92 15.36
CA PHE D 366 23.16 0.91 15.06
C PHE D 366 24.17 0.79 16.18
N ASP D 367 24.55 1.93 16.77
CA ASP D 367 25.56 1.89 17.82
C ASP D 367 24.97 1.89 19.23
N ARG D 368 23.66 1.67 19.40
CA ARG D 368 23.02 1.75 20.73
C ARG D 368 23.88 1.08 21.83
N PRO D 369 24.23 -0.20 21.67
CA PRO D 369 24.94 -0.92 22.72
C PRO D 369 26.25 -0.29 23.17
N SER D 370 26.92 0.42 22.27
CA SER D 370 28.24 0.90 22.57
C SER D 370 28.30 2.44 22.67
N PHE D 371 27.18 3.12 22.49
CA PHE D 371 27.21 4.58 22.43
C PHE D 371 27.65 5.17 23.77
N ALA D 372 28.64 6.05 23.75
CA ALA D 372 29.29 6.40 24.99
C ALA D 372 28.68 7.55 25.79
N ASN D 373 27.85 8.40 25.21
CA ASN D 373 27.34 9.53 25.99
C ASN D 373 25.84 9.54 26.15
N ARG D 374 25.38 8.69 27.05
CA ARG D 374 23.96 8.46 27.21
C ARG D 374 23.27 9.51 28.08
N SER D 375 24.04 10.40 28.70
CA SER D 375 23.46 11.54 29.42
C SER D 375 24.07 12.87 29.00
N PRO D 376 23.79 13.29 27.76
CA PRO D 376 24.40 14.52 27.30
C PRO D 376 23.82 15.75 27.99
N ARG D 377 24.64 16.80 28.06
CA ARG D 377 24.25 18.11 28.57
C ARG D 377 24.30 19.04 27.39
N ILE D 378 23.16 19.61 27.04
CA ILE D 378 23.10 20.43 25.85
C ILE D 378 22.83 21.88 26.22
N LEU D 379 23.71 22.76 25.79
CA LEU D 379 23.56 24.17 25.93
C LEU D 379 22.54 24.65 24.94
N VAL D 380 21.55 25.44 25.36
CA VAL D 380 20.57 26.01 24.43
C VAL D 380 20.68 27.51 24.47
N VAL D 381 21.04 28.13 23.36
CA VAL D 381 21.31 29.53 23.26
C VAL D 381 20.20 30.09 22.41
N TYR D 382 19.48 31.08 22.94
CA TYR D 382 18.21 31.58 22.31
C TYR D 382 17.94 33.01 22.74
N PRO D 383 17.21 33.78 21.90
CA PRO D 383 16.90 35.14 22.35
C PRO D 383 15.94 35.05 23.52
N SER D 384 16.17 35.87 24.56
CA SER D 384 15.35 35.75 25.79
C SER D 384 13.83 35.85 25.49
N SER D 385 13.44 36.73 24.55
CA SER D 385 12.02 36.85 24.17
C SER D 385 11.36 35.62 23.52
N THR D 386 12.08 34.53 23.25
CA THR D 386 11.50 33.35 22.62
C THR D 386 11.40 32.21 23.63
N GLN D 387 11.55 32.56 24.90
CA GLN D 387 11.63 31.56 25.95
C GLN D 387 10.58 30.48 25.84
N GLY D 388 9.32 30.89 25.85
CA GLY D 388 8.21 29.92 25.91
C GLY D 388 8.18 29.04 24.67
N LYS D 389 8.37 29.67 23.54
CA LYS D 389 8.43 28.95 22.27
C LYS D 389 9.57 27.91 22.29
N VAL D 390 10.71 28.29 22.86
CA VAL D 390 11.85 27.40 22.86
C VAL D 390 11.59 26.21 23.78
N GLU D 391 11.10 26.49 24.98
CA GLU D 391 10.74 25.43 25.92
C GLU D 391 9.84 24.38 25.30
N ASN D 392 8.85 24.83 24.52
CA ASN D 392 7.92 23.92 23.84
C ASN D 392 8.65 23.01 22.87
N PHE D 393 9.49 23.63 22.04
CA PHE D 393 10.36 22.91 21.12
C PHE D 393 11.18 21.86 21.86
N LEU D 394 11.87 22.26 22.92
CA LEU D 394 12.73 21.30 23.63
C LEU D 394 11.97 20.15 24.23
N SER D 395 10.80 20.44 24.79
CA SER D 395 9.96 19.39 25.38
C SER D 395 9.56 18.36 24.31
N ALA D 396 9.04 18.87 23.21
CA ALA D 396 8.66 18.05 22.06
C ALA D 396 9.89 17.26 21.57
N PHE D 397 11.00 17.94 21.28
CA PHE D 397 12.25 17.25 20.91
C PHE D 397 12.69 16.16 21.89
N ARG D 398 12.73 16.45 23.18
CA ARG D 398 13.25 15.48 24.13
C ARG D 398 12.28 14.37 24.49
N ASP D 399 11.04 14.74 24.80
CA ASP D 399 10.05 13.80 25.38
C ASP D 399 8.96 13.36 24.40
N GLY D 400 9.02 13.84 23.16
CA GLY D 400 8.10 13.40 22.13
C GLY D 400 6.82 14.22 22.08
N MET D 401 6.12 14.07 20.97
CA MET D 401 4.86 14.77 20.75
C MET D 401 3.65 13.89 21.07
N GLY D 402 3.89 12.63 21.47
CA GLY D 402 2.82 11.68 21.79
C GLY D 402 2.26 10.98 20.57
N SER D 403 1.48 9.93 20.81
CA SER D 403 0.98 9.04 19.74
C SER D 403 0.10 9.71 18.68
N ASN D 404 -0.46 10.88 18.97
CA ASN D 404 -1.25 11.61 17.96
C ASN D 404 -0.42 12.01 16.75
N TYR D 405 0.87 12.31 16.98
CA TYR D 405 1.82 12.56 15.90
C TYR D 405 2.82 11.42 15.87
N SER D 406 2.36 10.35 15.25
CA SER D 406 3.05 9.07 15.24
C SER D 406 4.47 9.16 14.70
N GLY D 407 4.73 10.19 13.88
CA GLY D 407 6.06 10.43 13.34
C GLY D 407 7.12 10.88 14.35
N PHE D 408 6.70 11.48 15.47
CA PHE D 408 7.66 11.77 16.53
C PHE D 408 7.01 11.66 17.90
N SER D 409 6.85 10.43 18.39
CA SER D 409 6.04 10.19 19.59
C SER D 409 6.87 9.87 20.79
N LYS D 410 7.94 9.09 20.58
CA LYS D 410 8.79 8.61 21.67
C LYS D 410 9.74 9.68 22.24
N GLY D 411 10.18 10.61 21.40
CA GLY D 411 11.14 11.63 21.82
C GLY D 411 12.57 11.15 21.72
N PHE D 412 13.47 12.12 21.72
CA PHE D 412 14.88 11.89 21.50
C PHE D 412 15.43 10.82 22.41
N VAL D 413 15.11 10.91 23.69
CA VAL D 413 15.72 10.00 24.68
C VAL D 413 15.31 8.55 24.45
N ASP D 414 14.03 8.32 24.28
CA ASP D 414 13.52 6.97 24.04
C ASP D 414 14.02 6.47 22.69
N LEU D 415 13.83 7.30 21.68
CA LEU D 415 14.25 7.01 20.29
C LEU D 415 15.65 6.47 20.19
N MET D 416 16.58 7.13 20.88
CA MET D 416 17.99 6.77 20.78
C MET D 416 18.48 5.90 21.91
N GLY D 417 17.60 5.51 22.83
CA GLY D 417 18.00 4.72 24.01
C GLY D 417 18.98 5.45 24.94
N LEU D 418 18.77 6.75 25.15
CA LEU D 418 19.59 7.55 26.07
C LEU D 418 19.09 7.36 27.50
N THR D 419 19.94 7.63 28.51
CA THR D 419 19.44 7.59 29.91
C THR D 419 18.70 8.90 30.20
N LYS D 420 19.30 10.05 29.84
CA LYS D 420 18.55 11.32 29.74
C LYS D 420 19.32 12.46 29.07
N VAL D 421 18.66 13.59 28.89
CA VAL D 421 19.29 14.78 28.34
C VAL D 421 19.01 15.92 29.28
N GLU D 422 20.04 16.68 29.63
CA GLU D 422 19.89 17.87 30.43
C GLU D 422 20.20 19.08 29.57
N PHE D 423 19.26 20.00 29.50
CA PHE D 423 19.50 21.27 28.81
C PHE D 423 20.00 22.32 29.76
N VAL D 424 21.01 23.07 29.32
CA VAL D 424 21.51 24.22 30.03
C VAL D 424 21.08 25.44 29.28
N MET D 425 20.19 26.21 29.86
CA MET D 425 19.60 27.37 29.18
C MET D 425 20.51 28.58 29.18
N CYS D 426 20.67 29.17 28.00
CA CYS D 426 21.54 30.28 27.85
C CYS D 426 20.82 31.38 27.10
N PRO D 427 19.91 32.11 27.80
CA PRO D 427 19.20 33.21 27.11
C PRO D 427 20.13 34.31 26.72
N VAL D 428 19.82 34.97 25.62
CA VAL D 428 20.57 36.04 25.14
C VAL D 428 19.66 37.26 25.02
N GLU D 429 20.13 38.38 25.55
CA GLU D 429 19.41 39.66 25.49
C GLU D 429 19.56 40.24 24.10
N VAL D 430 18.74 39.79 23.17
CA VAL D 430 18.96 40.21 21.79
C VAL D 430 17.64 40.36 21.07
N SER D 431 17.56 41.33 20.19
CA SER D 431 16.33 41.54 19.42
C SER D 431 16.60 41.39 17.91
N SER D 432 15.61 40.91 17.17
CA SER D 432 15.77 40.74 15.70
C SER D 432 16.14 42.03 14.94
N ALA D 433 15.83 43.21 15.50
CA ALA D 433 16.15 44.50 14.87
C ALA D 433 17.64 44.83 14.90
N ASP D 434 18.34 44.28 15.87
CA ASP D 434 19.78 44.44 15.95
C ASP D 434 20.42 43.74 14.77
N ARG D 435 21.07 44.51 13.93
CA ARG D 435 21.65 43.94 12.75
C ARG D 435 23.14 43.98 12.84
N ASN D 436 23.66 44.68 13.81
CA ASN D 436 25.10 44.90 13.89
C ASN D 436 25.79 44.28 15.09
N GLY D 437 25.00 43.89 16.09
CA GLY D 437 25.53 43.49 17.36
C GLY D 437 25.07 42.15 17.81
N ALA D 438 24.30 41.44 16.97
CA ALA D 438 23.67 40.24 17.46
C ALA D 438 24.71 39.12 17.78
N HIS D 439 25.69 39.00 16.91
CA HIS D 439 26.70 37.95 17.05
C HIS D 439 27.56 38.14 18.31
N THR D 440 28.01 39.37 18.52
CA THR D 440 28.73 39.73 19.75
C THR D 440 27.90 39.36 20.98
N LYS D 441 26.63 39.65 20.93
CA LYS D 441 25.76 39.27 22.03
C LYS D 441 25.59 37.78 22.28
N TYR D 442 25.42 37.00 21.21
CA TYR D 442 25.32 35.60 21.41
C TYR D 442 26.63 35.06 21.98
N ASN D 443 27.74 35.48 21.42
CA ASN D 443 29.03 34.94 21.92
C ASN D 443 29.40 35.31 23.39
N SER D 444 29.07 36.53 23.83
CA SER D 444 29.22 36.88 25.27
C SER D 444 28.41 36.09 26.20
N ALA D 445 27.15 35.87 25.85
CA ALA D 445 26.34 35.02 26.68
C ALA D 445 26.86 33.62 26.76
N ILE D 446 27.28 33.03 25.62
CA ILE D 446 27.83 31.66 25.69
C ILE D 446 29.09 31.58 26.60
N GLU D 447 30.02 32.47 26.37
CA GLU D 447 31.28 32.54 27.13
C GLU D 447 31.00 32.71 28.64
N ASP D 448 30.15 33.68 28.97
CA ASP D 448 29.72 33.87 30.39
C ASP D 448 29.01 32.64 30.95
N LYS D 449 28.15 32.00 30.18
CA LYS D 449 27.51 30.80 30.68
C LYS D 449 28.44 29.58 30.82
N LEU D 450 29.30 29.37 29.85
CA LEU D 450 30.18 28.17 29.94
C LEU D 450 31.23 28.28 31.04
N ALA D 451 31.68 29.48 31.35
CA ALA D 451 32.71 29.68 32.35
C ALA D 451 32.31 29.06 33.70
N GLY D 452 31.06 29.21 34.11
CA GLY D 452 30.57 28.54 35.31
C GLY D 452 29.35 27.72 34.95
N ALA D 453 29.58 26.45 34.61
CA ALA D 453 28.51 25.56 34.12
C ALA D 453 28.92 24.09 33.99
N GLY D 454 30.22 23.83 33.76
CA GLY D 454 30.72 22.47 33.57
C GLY D 454 30.71 22.09 32.09
N GLU D 455 31.21 20.91 31.76
CA GLU D 455 31.33 20.52 30.37
C GLU D 455 29.95 20.33 29.75
N VAL D 456 29.76 20.83 28.53
CA VAL D 456 28.59 20.46 27.77
C VAL D 456 29.08 19.68 26.56
N HIS D 457 28.20 18.83 26.06
CA HIS D 457 28.52 17.88 25.00
C HIS D 457 28.01 18.36 23.65
N ALA D 458 27.00 19.22 23.65
CA ALA D 458 26.55 19.82 22.42
C ALA D 458 25.78 21.09 22.72
N GLY D 459 25.44 21.81 21.65
CA GLY D 459 24.66 23.05 21.74
C GLY D 459 23.55 23.10 20.72
N ILE D 460 22.46 23.81 21.06
CA ILE D 460 21.40 24.21 20.13
C ILE D 460 21.35 25.71 20.15
N VAL D 461 21.46 26.32 19.00
CA VAL D 461 21.44 27.72 18.90
C VAL D 461 20.17 28.12 18.07
N VAL D 462 19.33 28.94 18.70
CA VAL D 462 18.10 29.51 18.09
C VAL D 462 18.37 30.87 17.53
N LEU D 463 18.04 31.04 16.25
CA LEU D 463 18.29 32.26 15.50
C LEU D 463 16.99 32.89 14.95
N PHE D 464 16.97 34.22 14.94
CA PHE D 464 15.92 34.99 14.31
C PHE D 464 16.11 34.90 12.81
N GLU D 465 15.01 34.80 12.07
CA GLU D 465 15.07 34.81 10.61
C GLU D 465 15.85 35.97 10.01
N ASP D 466 15.71 37.16 10.57
CA ASP D 466 16.43 38.35 10.09
C ASP D 466 17.93 38.41 10.41
N HIS D 467 18.39 37.50 11.26
CA HIS D 467 19.82 37.33 11.48
C HIS D 467 20.40 36.17 10.65
N ALA D 468 19.55 35.28 10.18
CA ALA D 468 20.02 34.05 9.50
C ALA D 468 21.02 34.27 8.38
N ARG D 469 20.83 35.32 7.59
CA ARG D 469 21.61 35.55 6.36
C ARG D 469 22.36 36.87 6.30
N LEU D 470 22.53 37.49 7.45
CA LEU D 470 23.44 38.63 7.57
C LEU D 470 24.80 38.24 7.05
N PRO D 471 25.60 39.22 6.62
CA PRO D 471 26.96 38.84 6.24
C PRO D 471 27.79 38.27 7.42
N ASP D 472 28.82 37.48 7.06
CA ASP D 472 29.46 36.61 8.02
C ASP D 472 30.17 37.45 9.10
N ASP D 473 30.60 38.66 8.78
CA ASP D 473 31.27 39.47 9.79
C ASP D 473 30.33 39.78 10.99
N ARG D 474 29.01 39.57 10.82
CA ARG D 474 28.05 39.80 11.93
C ARG D 474 26.95 38.76 12.00
N ASN D 475 27.18 37.61 11.36
CA ASN D 475 26.20 36.55 11.38
C ASN D 475 26.34 35.67 12.59
N PRO D 476 25.26 35.51 13.37
CA PRO D 476 25.31 34.71 14.56
C PRO D 476 25.34 33.22 14.35
N TYR D 477 24.88 32.73 13.19
CA TYR D 477 25.01 31.30 12.85
C TYR D 477 26.46 31.02 12.86
N ILE D 478 27.21 31.77 12.04
CA ILE D 478 28.60 31.42 11.88
C ILE D 478 29.48 31.78 13.08
N HIS D 479 29.19 32.88 13.76
CA HIS D 479 30.00 33.22 14.97
C HIS D 479 29.80 32.27 16.12
N THR D 480 28.58 31.85 16.37
CA THR D 480 28.34 30.85 17.37
C THR D 480 28.85 29.46 16.97
N LYS D 481 28.76 29.12 15.69
CA LYS D 481 29.27 27.82 15.24
C LYS D 481 30.83 27.84 15.46
N SER D 482 31.46 28.96 15.11
CA SER D 482 32.90 29.12 15.27
C SER D 482 33.32 28.98 16.71
N LEU D 483 32.67 29.73 17.59
CA LEU D 483 33.02 29.68 19.00
C LEU D 483 32.82 28.32 19.56
N LEU D 484 31.65 27.75 19.38
CA LEU D 484 31.40 26.49 19.97
C LEU D 484 32.28 25.36 19.40
N LEU D 485 32.50 25.37 18.10
CA LEU D 485 33.41 24.33 17.51
C LEU D 485 34.87 24.52 17.99
N THR D 486 35.32 25.74 18.10
CA THR D 486 36.63 26.01 18.65
C THR D 486 36.74 25.34 20.04
N LEU D 487 35.69 25.41 20.86
CA LEU D 487 35.71 24.81 22.15
C LEU D 487 35.44 23.38 22.12
N GLY D 488 35.16 22.78 20.97
CA GLY D 488 34.89 21.36 20.92
C GLY D 488 33.47 20.93 21.18
N VAL D 489 32.50 21.79 20.88
CA VAL D 489 31.11 21.53 21.19
C VAL D 489 30.37 21.59 19.84
N PRO D 490 29.88 20.44 19.34
CA PRO D 490 29.10 20.54 18.08
C PRO D 490 27.76 21.24 18.34
N THR D 491 27.28 21.99 17.37
CA THR D 491 25.94 22.56 17.47
C THR D 491 24.97 22.13 16.40
N GLN D 492 23.70 22.03 16.81
CA GLN D 492 22.54 21.99 15.89
C GLN D 492 21.78 23.35 15.98
N GLN D 493 21.88 24.15 14.95
CA GLN D 493 21.23 25.41 14.94
C GLN D 493 19.79 25.30 14.36
N VAL D 494 19.01 26.35 14.56
CA VAL D 494 17.55 26.30 14.26
C VAL D 494 17.00 27.71 14.17
N ARG D 495 16.31 28.02 13.08
CA ARG D 495 15.66 29.33 12.94
C ARG D 495 14.28 29.39 13.64
N MET D 496 13.86 30.59 14.05
CA MET D 496 12.60 30.72 14.81
C MET D 496 11.35 30.22 14.02
N PRO D 497 11.28 30.46 12.70
CA PRO D 497 10.13 29.86 11.95
C PRO D 497 10.06 28.32 12.07
N THR D 498 11.21 27.65 12.12
CA THR D 498 11.21 26.22 12.32
C THR D 498 10.72 25.84 13.71
N VAL D 499 11.10 26.64 14.69
CA VAL D 499 10.70 26.42 16.06
C VAL D 499 9.15 26.56 16.17
N LEU D 500 8.59 27.43 15.33
CA LEU D 500 7.15 27.74 15.32
C LEU D 500 6.26 26.86 14.47
N LEU D 501 6.84 25.90 13.75
CA LEU D 501 6.08 25.03 12.88
C LEU D 501 4.88 24.37 13.58
N GLU D 502 3.77 24.26 12.85
CA GLU D 502 2.61 23.51 13.33
C GLU D 502 2.98 22.01 13.45
N PRO D 503 2.34 21.29 14.38
CA PRO D 503 2.76 19.93 14.73
C PRO D 503 2.99 18.95 13.58
N LYS D 504 2.17 19.02 12.53
CA LYS D 504 2.28 18.07 11.41
C LYS D 504 3.67 18.12 10.73
N SER D 505 4.21 19.33 10.56
CA SER D 505 5.57 19.54 10.05
C SER D 505 6.64 19.30 11.09
N LEU D 506 6.38 19.77 12.30
CA LEU D 506 7.31 19.67 13.39
C LEU D 506 7.80 18.25 13.57
N GLN D 507 6.92 17.27 13.49
CA GLN D 507 7.36 15.89 13.76
C GLN D 507 8.44 15.40 12.74
N TYR D 508 8.37 15.87 11.51
CA TYR D 508 9.35 15.48 10.51
C TYR D 508 10.64 16.30 10.73
N THR D 509 10.47 17.56 11.12
CA THR D 509 11.58 18.38 11.57
C THR D 509 12.39 17.73 12.66
N LEU D 510 11.70 17.22 13.68
CA LEU D 510 12.37 16.65 14.83
C LEU D 510 13.00 15.31 14.56
N GLN D 511 12.43 14.56 13.62
CA GLN D 511 13.11 13.36 13.14
C GLN D 511 14.52 13.71 12.62
N ASN D 512 14.57 14.72 11.75
CA ASN D 512 15.80 15.15 11.10
C ASN D 512 16.76 15.80 12.11
N PHE D 513 16.18 16.64 12.97
CA PHE D 513 16.89 17.28 14.04
C PHE D 513 17.53 16.26 14.94
N SER D 514 16.80 15.22 15.28
CA SER D 514 17.29 14.17 16.19
C SER D 514 18.37 13.29 15.61
N ILE D 515 18.28 13.00 14.31
CA ILE D 515 19.30 12.18 13.70
C ILE D 515 20.61 12.93 13.66
N ALA D 516 20.57 14.20 13.26
CA ALA D 516 21.79 14.99 13.14
C ALA D 516 22.42 15.21 14.52
N THR D 517 21.58 15.47 15.52
CA THR D 517 22.06 15.71 16.89
C THR D 517 22.69 14.48 17.48
N TYR D 518 22.06 13.32 17.30
CA TYR D 518 22.69 12.07 17.73
C TYR D 518 24.08 11.90 17.09
N ALA D 519 24.20 12.17 15.78
CA ALA D 519 25.48 12.02 15.09
C ALA D 519 26.51 13.10 15.51
N LYS D 520 26.01 14.30 15.73
CA LYS D 520 26.79 15.34 16.40
C LYS D 520 27.34 14.94 17.78
N LEU D 521 26.64 14.08 18.51
CA LEU D 521 27.16 13.47 19.74
C LEU D 521 28.04 12.20 19.57
N ASN D 522 28.50 11.94 18.34
CA ASN D 522 29.38 10.82 17.98
C ASN D 522 28.61 9.54 17.66
N GLY D 523 27.28 9.66 17.58
CA GLY D 523 26.42 8.53 17.29
C GLY D 523 26.45 8.12 15.82
N THR D 524 26.18 6.84 15.58
CA THR D 524 25.97 6.26 14.23
C THR D 524 24.57 5.66 14.22
N PRO D 525 23.56 6.38 13.71
CA PRO D 525 22.19 5.94 13.84
C PRO D 525 21.88 4.73 12.94
N TRP D 526 22.38 4.76 11.71
CA TRP D 526 22.23 3.59 10.82
C TRP D 526 23.37 3.46 9.86
N THR D 527 23.45 2.28 9.28
CA THR D 527 24.40 1.99 8.25
C THR D 527 23.59 1.49 7.06
N VAL D 528 24.25 1.18 5.94
CA VAL D 528 23.60 0.54 4.81
C VAL D 528 24.33 -0.73 4.39
N ASN D 529 23.55 -1.72 3.98
CA ASN D 529 24.03 -3.07 3.69
C ASN D 529 25.09 -3.15 2.62
N HIS D 530 25.99 -4.11 2.76
CA HIS D 530 26.82 -4.53 1.63
C HIS D 530 27.37 -5.93 1.92
N ASP D 531 27.19 -6.85 0.98
CA ASP D 531 27.69 -8.22 1.14
C ASP D 531 29.18 -8.23 0.86
N LYS D 532 29.98 -8.53 1.89
CA LYS D 532 31.43 -8.68 1.74
C LYS D 532 31.80 -9.61 0.59
N ALA D 533 32.05 -9.03 -0.59
CA ALA D 533 32.77 -9.72 -1.65
C ALA D 533 34.27 -9.68 -1.30
N ILE D 534 34.92 -8.54 -1.53
CA ILE D 534 36.36 -8.40 -1.26
C ILE D 534 36.67 -8.23 0.22
N ASN D 535 37.96 -8.37 0.55
CA ASN D 535 38.45 -8.32 1.94
C ASN D 535 38.32 -6.95 2.61
N ASP D 536 38.37 -5.88 1.81
CA ASP D 536 38.26 -4.52 2.33
C ASP D 536 38.10 -3.46 1.24
N GLU D 537 37.34 -2.43 1.57
CA GLU D 537 36.93 -1.44 0.62
C GLU D 537 36.90 -0.06 1.24
N LEU D 538 37.52 0.91 0.58
CA LEU D 538 37.58 2.27 1.05
C LEU D 538 37.03 3.15 -0.06
N VAL D 539 36.09 4.02 0.27
CA VAL D 539 35.61 5.05 -0.68
C VAL D 539 35.89 6.44 -0.17
N VAL D 540 36.53 7.26 -0.98
CA VAL D 540 36.71 8.64 -0.57
C VAL D 540 36.06 9.58 -1.55
N GLY D 541 35.45 10.61 -0.98
CA GLY D 541 34.80 11.62 -1.75
C GLY D 541 35.46 12.93 -1.52
N MET D 542 35.41 13.73 -2.55
CA MET D 542 35.80 15.09 -2.51
C MET D 542 34.65 16.00 -2.97
N GLY D 543 34.54 17.13 -2.30
CA GLY D 543 33.47 18.08 -2.52
C GLY D 543 34.04 19.48 -2.47
N LEU D 544 33.42 20.36 -3.24
CA LEU D 544 33.84 21.73 -3.45
C LEU D 544 32.80 22.73 -2.85
N ALA D 545 33.30 23.83 -2.33
CA ALA D 545 32.47 24.97 -2.01
C ALA D 545 33.16 26.17 -2.58
N GLU D 546 32.37 27.16 -3.02
CA GLU D 546 32.93 28.39 -3.59
C GLU D 546 32.28 29.59 -2.88
N LEU D 547 33.09 30.38 -2.22
CA LEU D 547 32.57 31.31 -1.26
C LEU D 547 32.88 32.71 -1.71
N SER D 548 31.94 33.61 -1.42
CA SER D 548 32.06 35.05 -1.67
C SER D 548 31.09 35.76 -0.72
N GLY D 549 31.37 37.02 -0.41
CA GLY D 549 30.40 37.85 0.31
C GLY D 549 29.26 38.35 -0.59
N SER D 550 29.58 38.60 -1.86
CA SER D 550 28.59 39.07 -2.82
C SER D 550 28.82 38.45 -4.20
N ARG D 551 27.91 38.71 -5.12
CA ARG D 551 28.08 38.24 -6.49
C ARG D 551 29.18 38.96 -7.29
N THR D 552 29.60 40.16 -6.87
CA THR D 552 30.71 40.86 -7.56
C THR D 552 32.05 40.15 -7.28
N GLU D 553 32.36 40.10 -6.00
CA GLU D 553 33.58 39.49 -5.48
C GLU D 553 33.84 38.08 -6.02
N LYS D 554 35.05 37.88 -6.58
CA LYS D 554 35.51 36.56 -7.07
C LYS D 554 35.45 35.51 -5.96
N ARG D 555 34.95 34.31 -6.28
CA ARG D 555 34.70 33.28 -5.28
C ARG D 555 35.96 32.52 -4.97
N GLN D 556 36.17 32.17 -3.69
CA GLN D 556 37.30 31.35 -3.24
C GLN D 556 36.86 29.91 -3.10
N ARG D 557 37.69 28.99 -3.56
CA ARG D 557 37.30 27.56 -3.53
C ARG D 557 37.92 26.83 -2.38
N PHE D 558 37.14 25.97 -1.75
CA PHE D 558 37.59 25.16 -0.66
C PHE D 558 37.13 23.77 -0.98
N VAL D 559 37.84 22.79 -0.45
CA VAL D 559 37.54 21.38 -0.70
C VAL D 559 37.35 20.66 0.62
N GLY D 560 36.64 19.55 0.56
CA GLY D 560 36.47 18.67 1.68
C GLY D 560 36.65 17.23 1.23
N ILE D 561 36.96 16.36 2.18
CA ILE D 561 37.23 14.98 1.92
C ILE D 561 36.51 14.21 2.98
N THR D 562 35.73 13.24 2.55
CA THR D 562 35.01 12.34 3.41
C THR D 562 35.40 10.88 3.01
N THR D 563 35.44 9.99 4.00
CA THR D 563 35.78 8.56 3.77
C THR D 563 34.72 7.64 4.35
N VAL D 564 34.42 6.56 3.63
CA VAL D 564 33.57 5.51 4.07
C VAL D 564 34.28 4.16 3.89
N PHE D 565 34.01 3.21 4.79
CA PHE D 565 34.67 1.89 4.88
C PHE D 565 33.70 0.78 4.82
N ALA D 566 34.11 -0.33 4.20
CA ALA D 566 33.34 -1.55 4.31
C ALA D 566 33.54 -2.15 5.70
N GLY D 567 32.45 -2.53 6.36
CA GLY D 567 32.52 -3.29 7.63
C GLY D 567 31.89 -4.68 7.44
N ASP D 568 31.58 -5.35 8.55
CA ASP D 568 30.90 -6.64 8.47
C ASP D 568 29.43 -6.38 8.10
N GLY D 569 29.13 -6.46 6.79
CA GLY D 569 27.76 -6.27 6.31
C GLY D 569 27.24 -4.84 6.40
N SER D 570 28.15 -3.87 6.49
CA SER D 570 27.80 -2.48 6.73
C SER D 570 28.88 -1.55 6.25
N TYR D 571 28.48 -0.49 5.56
CA TYR D 571 29.37 0.65 5.31
C TYR D 571 29.42 1.61 6.53
N LEU D 572 30.62 2.00 6.94
CA LEU D 572 30.79 2.88 8.10
C LEU D 572 31.45 4.17 7.69
N LEU D 573 31.06 5.27 8.32
CA LEU D 573 31.67 6.56 8.04
C LEU D 573 33.02 6.65 8.72
N GLY D 574 34.05 7.10 8.03
CA GLY D 574 35.36 7.29 8.65
C GLY D 574 35.63 8.72 9.09
N ASN D 575 36.89 9.10 9.15
CA ASN D 575 37.29 10.47 9.46
C ASN D 575 37.16 11.39 8.24
N VAL D 576 37.34 12.68 8.48
CA VAL D 576 36.88 13.69 7.57
C VAL D 576 37.96 14.78 7.57
N SER D 577 38.10 15.58 6.53
CA SER D 577 39.16 16.60 6.48
C SER D 577 38.93 17.67 7.55
N LYS D 578 40.02 18.30 8.01
CA LYS D 578 39.96 19.53 8.83
C LYS D 578 40.62 20.73 8.15
N GLU D 579 41.37 20.47 7.09
CA GLU D 579 41.93 21.51 6.25
C GLU D 579 41.11 21.61 4.93
N CYS D 580 41.33 22.74 4.26
CA CYS D 580 40.34 23.55 3.59
C CYS D 580 40.65 23.88 2.09
N GLU D 581 41.89 24.29 1.86
CA GLU D 581 42.71 23.55 0.91
C GLU D 581 42.58 23.58 -0.61
N TYR D 582 42.01 24.57 -1.29
CA TYR D 582 41.85 24.28 -2.75
C TYR D 582 43.17 23.93 -3.48
N GLU D 583 44.16 24.84 -3.47
CA GLU D 583 45.48 24.56 -4.06
C GLU D 583 46.12 23.32 -3.40
N GLY D 584 46.40 22.29 -4.21
CA GLY D 584 47.01 21.04 -3.71
C GLY D 584 46.04 19.97 -3.27
N TYR D 585 44.77 20.10 -3.66
CA TYR D 585 43.76 19.15 -3.19
C TYR D 585 44.18 17.73 -3.61
N SER D 586 44.85 17.62 -4.75
CA SER D 586 45.39 16.35 -5.21
C SER D 586 46.22 15.63 -4.15
N ASP D 587 47.20 16.32 -3.57
CA ASP D 587 48.05 15.76 -2.50
C ASP D 587 47.23 15.39 -1.26
N ALA D 588 46.19 16.16 -0.95
CA ALA D 588 45.34 15.80 0.20
C ALA D 588 44.56 14.53 -0.06
N ILE D 589 44.14 14.35 -1.30
CA ILE D 589 43.46 13.10 -1.65
C ILE D 589 44.42 11.93 -1.40
N ARG D 590 45.63 11.99 -1.99
CA ARG D 590 46.60 10.89 -1.83
C ARG D 590 47.02 10.72 -0.36
N GLU D 591 47.40 11.83 0.28
CA GLU D 591 47.68 11.86 1.72
C GLU D 591 46.64 11.08 2.49
N SER D 592 45.38 11.41 2.24
CA SER D 592 44.30 10.75 2.94
C SER D 592 44.17 9.24 2.63
N MET D 593 44.23 8.86 1.35
CA MET D 593 44.04 7.42 0.99
C MET D 593 45.19 6.59 1.59
N THR D 594 46.43 7.05 1.45
CA THR D 594 47.58 6.27 1.90
C THR D 594 47.66 6.19 3.42
N GLY D 595 47.24 7.25 4.11
CA GLY D 595 47.24 7.25 5.57
C GLY D 595 46.22 6.26 6.09
N ILE D 596 45.02 6.33 5.51
CA ILE D 596 43.98 5.39 5.84
C ILE D 596 44.33 3.93 5.46
N LEU D 597 44.98 3.70 4.32
CA LEU D 597 45.22 2.30 3.87
C LEU D 597 46.20 1.58 4.82
N ARG D 598 47.25 2.30 5.26
CA ARG D 598 48.17 1.81 6.27
C ARG D 598 47.42 1.40 7.54
N GLU D 599 46.64 2.34 8.08
CA GLU D 599 45.80 2.14 9.25
C GLU D 599 44.93 0.92 9.09
N LEU D 600 44.33 0.79 7.91
CA LEU D 600 43.43 -0.33 7.63
C LEU D 600 44.14 -1.67 7.60
N LYS D 601 45.38 -1.68 7.12
CA LYS D 601 46.14 -2.93 7.01
C LYS D 601 46.32 -3.52 8.41
N LYS D 602 46.77 -2.68 9.37
CA LYS D 602 46.93 -3.11 10.77
C LYS D 602 45.59 -3.43 11.46
N ARG D 603 44.59 -2.56 11.32
CA ARG D 603 43.27 -2.78 11.94
C ARG D 603 42.61 -4.09 11.49
N ASN D 604 42.64 -4.39 10.19
CA ASN D 604 41.86 -5.54 9.63
C ASN D 604 42.66 -6.79 9.24
N ASN D 605 43.94 -6.85 9.63
CA ASN D 605 44.81 -8.00 9.32
C ASN D 605 44.50 -8.60 7.95
N TRP D 606 44.96 -7.94 6.89
CA TRP D 606 44.78 -8.50 5.54
C TRP D 606 45.63 -9.75 5.36
N ARG D 607 45.04 -10.79 4.78
CA ARG D 607 45.80 -11.99 4.42
C ARG D 607 46.34 -11.85 2.96
N PRO D 608 47.54 -12.37 2.66
CA PRO D 608 48.00 -12.31 1.27
C PRO D 608 46.98 -12.96 0.33
N GLY D 609 46.76 -12.36 -0.85
CA GLY D 609 45.73 -12.85 -1.76
C GLY D 609 44.41 -12.10 -1.63
N ASP D 610 44.20 -11.43 -0.49
CA ASP D 610 42.98 -10.62 -0.29
C ASP D 610 42.92 -9.49 -1.34
N THR D 611 41.70 -9.13 -1.76
CA THR D 611 41.54 -7.98 -2.62
C THR D 611 41.19 -6.75 -1.77
N VAL D 612 41.76 -5.63 -2.18
CA VAL D 612 41.49 -4.34 -1.59
C VAL D 612 40.99 -3.45 -2.71
N ARG D 613 39.79 -2.91 -2.52
CA ARG D 613 39.21 -2.01 -3.46
C ARG D 613 39.14 -0.61 -2.88
N VAL D 614 39.57 0.37 -3.69
CA VAL D 614 39.56 1.77 -3.36
C VAL D 614 38.75 2.53 -4.42
N VAL D 615 37.72 3.25 -3.99
CA VAL D 615 36.93 4.04 -4.90
C VAL D 615 37.00 5.53 -4.56
N PHE D 616 37.15 6.37 -5.57
CA PHE D 616 36.99 7.81 -5.43
C PHE D 616 35.68 8.36 -6.07
N HIS D 617 34.99 9.27 -5.36
CA HIS D 617 33.79 10.02 -5.84
C HIS D 617 34.02 11.51 -5.89
N ALA D 618 33.51 12.13 -6.94
CA ALA D 618 33.44 13.58 -7.06
C ALA D 618 32.44 13.96 -8.14
N HIS D 619 32.11 15.26 -8.19
CA HIS D 619 31.19 15.80 -9.19
C HIS D 619 31.87 16.15 -10.46
N ARG D 620 33.20 16.04 -10.48
CA ARG D 620 34.00 16.31 -11.65
C ARG D 620 35.06 15.20 -11.74
N PRO D 621 35.55 14.88 -12.95
CA PRO D 621 36.59 13.85 -13.10
C PRO D 621 37.95 14.39 -12.72
N LEU D 622 38.83 13.50 -12.24
CA LEU D 622 40.19 13.85 -11.89
C LEU D 622 41.07 13.88 -13.10
N LYS D 623 42.16 14.63 -13.01
CA LYS D 623 43.17 14.64 -14.09
C LYS D 623 43.79 13.27 -14.17
N ARG D 624 44.13 12.85 -15.38
CA ARG D 624 44.80 11.57 -15.61
C ARG D 624 46.09 11.46 -14.79
N VAL D 625 46.89 12.50 -14.79
CA VAL D 625 48.10 12.53 -13.98
C VAL D 625 47.78 12.31 -12.50
N ASP D 626 46.67 12.84 -12.02
CA ASP D 626 46.29 12.67 -10.62
C ASP D 626 45.90 11.25 -10.32
N VAL D 627 45.12 10.63 -11.20
CA VAL D 627 44.79 9.22 -11.05
C VAL D 627 46.11 8.41 -11.02
N ALA D 628 47.07 8.73 -11.88
CA ALA D 628 48.28 7.91 -11.96
C ALA D 628 49.08 8.01 -10.65
N SER D 629 49.20 9.22 -10.16
CA SER D 629 49.77 9.50 -8.87
C SER D 629 49.05 8.77 -7.70
N ILE D 630 47.73 8.90 -7.59
CA ILE D 630 46.97 8.16 -6.60
C ILE D 630 47.08 6.65 -6.76
N VAL D 631 47.06 6.14 -7.99
CA VAL D 631 47.14 4.70 -8.16
C VAL D 631 48.54 4.25 -7.68
N PHE D 632 49.55 5.00 -8.04
CA PHE D 632 50.93 4.61 -7.69
C PHE D 632 51.16 4.53 -6.18
N GLU D 633 50.73 5.57 -5.47
CA GLU D 633 50.90 5.67 -4.03
C GLU D 633 50.06 4.64 -3.25
N CYS D 634 48.78 4.42 -3.59
CA CYS D 634 48.03 3.40 -2.93
C CYS D 634 48.62 2.01 -3.20
N THR D 635 49.01 1.74 -4.43
CA THR D 635 49.54 0.43 -4.81
C THR D 635 50.80 0.16 -4.00
N ARG D 636 51.68 1.15 -3.94
CA ARG D 636 52.94 0.97 -3.21
C ARG D 636 52.67 0.89 -1.71
N GLU D 637 51.74 1.70 -1.19
CA GLU D 637 51.39 1.60 0.23
C GLU D 637 50.80 0.26 0.61
N ILE D 638 49.96 -0.34 -0.21
CA ILE D 638 49.42 -1.60 0.28
C ILE D 638 50.34 -2.75 -0.09
N GLY D 639 51.20 -2.54 -1.09
CA GLY D 639 52.23 -3.50 -1.46
C GLY D 639 51.72 -4.76 -2.15
N SER D 640 52.63 -5.69 -2.37
CA SER D 640 52.39 -6.78 -3.33
C SER D 640 51.69 -8.02 -2.78
N ASP D 641 51.48 -8.09 -1.47
CA ASP D 641 50.70 -9.17 -0.88
C ASP D 641 49.25 -9.13 -1.26
N GLN D 642 48.77 -7.94 -1.59
CA GLN D 642 47.35 -7.76 -1.92
C GLN D 642 47.13 -7.44 -3.39
N ASN D 643 46.00 -7.91 -3.92
CA ASN D 643 45.47 -7.43 -5.20
C ASN D 643 44.75 -6.08 -4.99
N ILE D 644 45.06 -5.05 -5.78
CA ILE D 644 44.44 -3.72 -5.67
C ILE D 644 43.47 -3.44 -6.81
N GLN D 645 42.26 -3.02 -6.50
CA GLN D 645 41.31 -2.55 -7.51
C GLN D 645 41.00 -1.08 -7.23
N MET D 646 41.13 -0.20 -8.22
CA MET D 646 40.82 1.21 -8.02
C MET D 646 39.97 1.79 -9.12
N ALA D 647 38.90 2.48 -8.70
CA ALA D 647 37.97 3.16 -9.56
C ALA D 647 37.81 4.66 -9.18
N PHE D 648 37.74 5.49 -10.21
CA PHE D 648 37.57 6.92 -10.09
C PHE D 648 36.27 7.32 -10.80
N VAL D 649 35.32 7.85 -10.03
CA VAL D 649 33.96 7.95 -10.46
C VAL D 649 33.51 9.40 -10.39
N THR D 650 32.91 9.87 -11.48
CA THR D 650 32.19 11.15 -11.40
C THR D 650 30.69 10.94 -11.46
N VAL D 651 30.00 11.77 -10.68
CA VAL D 651 28.55 11.73 -10.55
C VAL D 651 28.06 13.07 -11.03
N SER D 652 27.28 13.08 -12.13
CA SER D 652 26.71 14.30 -12.70
C SER D 652 25.21 14.34 -12.49
N HIS D 653 24.71 15.54 -12.25
CA HIS D 653 23.27 15.83 -12.11
C HIS D 653 22.71 16.54 -13.37
N ASP D 654 23.49 17.37 -14.06
CA ASP D 654 23.01 18.29 -15.12
C ASP D 654 23.51 17.90 -16.54
N HIS D 655 22.95 16.82 -17.09
CA HIS D 655 23.41 16.23 -18.36
C HIS D 655 22.11 16.19 -19.17
N PRO D 656 22.14 15.79 -20.44
CA PRO D 656 20.91 15.82 -21.26
C PRO D 656 20.05 14.56 -21.25
N PHE D 657 20.38 13.60 -20.40
CA PHE D 657 19.67 12.33 -20.42
C PHE D 657 18.51 12.27 -19.43
N VAL D 658 17.42 11.66 -19.89
CA VAL D 658 16.30 11.31 -19.00
C VAL D 658 15.68 9.94 -19.34
N LEU D 659 15.23 9.23 -18.29
CA LEU D 659 14.79 7.84 -18.40
C LEU D 659 13.31 7.88 -18.15
N ILE D 660 12.56 7.17 -18.99
CA ILE D 660 11.11 7.07 -18.89
C ILE D 660 10.74 5.59 -18.73
N ASP D 661 9.85 5.31 -17.78
CA ASP D 661 9.31 3.96 -17.59
C ASP D 661 7.80 3.99 -17.95
N ARG D 662 7.47 3.71 -19.21
CA ARG D 662 6.07 3.90 -19.67
C ARG D 662 5.06 3.01 -18.95
N SER D 663 5.55 1.95 -18.31
CA SER D 663 4.72 1.05 -17.51
C SER D 663 4.53 1.47 -16.06
N GLU D 664 5.11 2.60 -15.62
CA GLU D 664 4.89 3.04 -14.22
C GLU D 664 3.66 3.94 -14.19
N ARG D 665 2.64 3.50 -13.47
CA ARG D 665 1.36 4.21 -13.48
C ARG D 665 1.35 5.38 -12.48
N GLY D 666 2.28 5.37 -11.53
CA GLY D 666 2.35 6.41 -10.51
C GLY D 666 1.55 6.02 -9.29
N LEU D 667 1.34 6.98 -8.40
CA LEU D 667 0.63 6.78 -7.13
C LEU D 667 -0.34 7.93 -6.93
N GLU D 668 -1.28 7.79 -6.00
CA GLU D 668 -2.20 8.88 -5.65
C GLU D 668 -1.37 10.02 -5.06
N ALA D 669 -1.68 11.26 -5.45
CA ALA D 669 -0.91 12.42 -4.98
C ALA D 669 -0.93 12.54 -3.45
N TYR D 670 -2.08 12.23 -2.84
CA TYR D 670 -2.20 12.09 -1.39
C TYR D 670 -3.18 10.94 -1.08
N LYS D 671 -3.78 10.94 0.11
CA LYS D 671 -4.88 10.04 0.45
C LYS D 671 -6.22 10.80 0.38
N GLY D 672 -6.83 10.89 -0.80
CA GLY D 672 -6.30 10.36 -2.07
C GLY D 672 -7.26 10.55 -3.23
N SER D 673 -7.05 11.63 -4.00
CA SER D 673 -7.93 11.94 -5.13
C SER D 673 -7.50 11.15 -6.38
N THR D 674 -8.03 11.54 -7.54
CA THR D 674 -7.64 10.96 -8.82
C THR D 674 -6.18 11.26 -9.17
N ALA D 675 -5.72 12.46 -8.84
CA ALA D 675 -4.39 12.92 -9.27
C ALA D 675 -3.28 11.94 -8.88
N ARG D 676 -2.32 11.76 -9.79
CA ARG D 676 -1.22 10.80 -9.59
C ARG D 676 0.15 11.47 -9.52
N LYS D 677 1.09 10.84 -8.83
CA LYS D 677 2.47 11.34 -8.88
C LYS D 677 3.48 10.26 -9.28
N GLY D 678 4.48 10.71 -10.03
CA GLY D 678 5.58 9.85 -10.39
C GLY D 678 5.29 8.92 -11.55
N VAL D 679 4.42 9.37 -12.45
CA VAL D 679 4.01 8.58 -13.61
C VAL D 679 5.18 8.50 -14.58
N PHE D 680 5.56 7.29 -14.97
CA PHE D 680 6.67 7.06 -15.92
C PHE D 680 8.05 7.20 -15.27
N ALA D 681 8.09 7.38 -13.94
CA ALA D 681 9.37 7.51 -13.24
C ALA D 681 9.96 6.14 -12.98
N PRO D 682 11.19 5.91 -13.44
CA PRO D 682 11.77 4.61 -13.20
C PRO D 682 11.89 4.32 -11.74
N PRO D 683 12.02 3.04 -11.38
CA PRO D 683 12.20 2.73 -9.98
C PRO D 683 13.60 3.13 -9.50
N ARG D 684 13.69 3.37 -8.21
CA ARG D 684 14.93 3.77 -7.57
C ARG D 684 15.87 2.62 -7.72
N GLY D 685 17.02 2.86 -8.33
CA GLY D 685 17.96 1.78 -8.46
C GLY D 685 17.96 1.22 -9.87
N ALA D 686 17.13 1.75 -10.77
CA ALA D 686 17.30 1.45 -12.21
C ALA D 686 18.63 2.02 -12.70
N ILE D 687 19.39 1.17 -13.37
CA ILE D 687 20.69 1.50 -13.94
C ILE D 687 20.77 1.16 -15.45
N SER D 688 20.96 2.16 -16.31
CA SER D 688 21.02 1.96 -17.77
C SER D 688 22.39 2.24 -18.32
N ARG D 689 22.79 1.43 -19.29
CA ARG D 689 24.07 1.60 -20.01
C ARG D 689 23.92 2.65 -21.10
N VAL D 690 24.76 3.67 -21.06
CA VAL D 690 24.88 4.63 -22.11
C VAL D 690 26.13 4.28 -22.87
N GLY D 691 27.15 3.81 -22.16
CA GLY D 691 28.39 3.46 -22.82
C GLY D 691 29.18 2.59 -21.93
N ARG D 692 30.38 2.26 -22.38
CA ARG D 692 31.26 1.37 -21.67
C ARG D 692 31.58 1.93 -20.27
N LEU D 693 31.73 3.24 -20.19
CA LEU D 693 32.20 3.91 -18.98
C LEU D 693 31.10 4.61 -18.24
N THR D 694 29.86 4.55 -18.73
CA THR D 694 28.85 5.44 -18.22
C THR D 694 27.57 4.73 -17.95
N ARG D 695 26.90 5.12 -16.86
CA ARG D 695 25.61 4.58 -16.53
C ARG D 695 24.67 5.69 -16.11
N LEU D 696 23.37 5.47 -16.28
CA LEU D 696 22.37 6.36 -15.76
C LEU D 696 21.77 5.66 -14.58
N LEU D 697 21.61 6.37 -13.46
CA LEU D 697 21.11 5.82 -12.21
C LEU D 697 19.86 6.56 -11.79
N ALA D 698 18.74 5.86 -11.59
CA ALA D 698 17.48 6.51 -11.10
C ALA D 698 17.45 6.52 -9.62
N VAL D 699 17.08 7.66 -9.05
CA VAL D 699 17.14 7.80 -7.57
C VAL D 699 15.78 8.18 -6.98
N ASN D 700 15.02 9.02 -7.65
CA ASN D 700 13.70 9.44 -7.15
C ASN D 700 12.54 8.59 -7.76
N SER D 701 12.29 7.43 -7.14
CA SER D 701 11.07 6.63 -7.38
C SER D 701 9.79 7.41 -7.07
N PRO D 702 8.62 6.90 -7.55
CA PRO D 702 7.32 7.53 -7.28
C PRO D 702 7.05 7.72 -5.78
N GLN D 703 7.41 6.73 -4.98
CA GLN D 703 7.34 6.82 -3.52
C GLN D 703 8.04 8.11 -2.97
N LEU D 704 9.22 8.45 -3.52
CA LEU D 704 10.00 9.64 -3.05
C LEU D 704 9.52 10.92 -3.69
N ILE D 705 8.87 10.83 -4.84
CA ILE D 705 8.45 12.04 -5.57
C ILE D 705 7.40 12.81 -4.76
N LYS D 706 7.48 14.13 -4.79
CA LYS D 706 6.77 14.96 -3.81
C LYS D 706 5.29 15.21 -4.15
N ARG D 707 5.03 15.69 -5.37
CA ARG D 707 3.68 16.09 -5.81
C ARG D 707 3.27 15.53 -7.17
N ALA D 708 2.00 15.76 -7.50
CA ALA D 708 1.45 15.41 -8.81
C ALA D 708 2.17 16.17 -9.89
N ASN D 709 2.48 17.44 -9.62
CA ASN D 709 3.14 18.30 -10.58
C ASN D 709 4.69 18.22 -10.56
N THR D 710 5.26 17.38 -9.71
CA THR D 710 6.73 17.26 -9.66
C THR D 710 7.20 16.63 -10.98
N PRO D 711 8.14 17.27 -11.69
CA PRO D 711 8.56 16.71 -12.96
C PRO D 711 9.00 15.25 -12.96
N LEU D 712 9.02 14.64 -14.13
CA LEU D 712 9.75 13.41 -14.29
C LEU D 712 11.18 13.73 -13.75
N PRO D 713 11.74 12.87 -12.89
CA PRO D 713 13.09 13.11 -12.38
C PRO D 713 14.17 12.97 -13.47
N THR D 714 15.31 13.65 -13.30
CA THR D 714 16.48 13.31 -14.11
C THR D 714 17.29 12.32 -13.30
N PRO D 715 17.80 11.30 -13.96
CA PRO D 715 18.65 10.40 -13.24
C PRO D 715 20.07 11.02 -13.08
N LEU D 716 20.88 10.42 -12.23
CA LEU D 716 22.31 10.74 -12.16
C LEU D 716 23.09 10.01 -13.22
N LEU D 717 24.10 10.67 -13.76
CA LEU D 717 24.96 10.07 -14.72
C LEU D 717 26.23 9.76 -13.97
N VAL D 718 26.60 8.49 -14.01
CA VAL D 718 27.75 7.96 -13.29
C VAL D 718 28.79 7.54 -14.29
N SER D 719 29.97 8.16 -14.25
CA SER D 719 31.02 7.97 -15.23
C SER D 719 32.29 7.44 -14.59
N LEU D 720 32.84 6.39 -15.19
CA LEU D 720 34.08 5.80 -14.73
C LEU D 720 35.28 6.44 -15.43
N HIS D 721 36.24 6.96 -14.68
CA HIS D 721 37.50 7.46 -15.30
C HIS D 721 38.12 6.28 -16.13
N PRO D 722 38.62 6.58 -17.36
CA PRO D 722 39.13 5.47 -18.22
C PRO D 722 40.43 4.81 -17.71
N ASP D 723 41.16 5.50 -16.85
CA ASP D 723 42.39 4.96 -16.28
C ASP D 723 42.17 4.16 -14.99
N SER D 724 40.91 3.92 -14.63
CA SER D 724 40.56 3.14 -13.46
C SER D 724 40.98 1.69 -13.74
N THR D 725 41.52 1.00 -12.72
CA THR D 725 41.83 -0.45 -12.84
C THR D 725 40.67 -1.38 -12.52
N PHE D 726 39.67 -0.90 -11.78
CA PHE D 726 38.43 -1.62 -11.54
C PHE D 726 37.37 -1.01 -12.46
N LYS D 727 36.63 -1.88 -13.18
CA LYS D 727 35.86 -1.45 -14.33
C LYS D 727 34.35 -1.64 -14.23
N ASP D 728 33.85 -2.24 -13.17
CA ASP D 728 32.45 -2.63 -13.11
C ASP D 728 31.53 -1.45 -12.74
N VAL D 729 31.18 -0.63 -13.72
CA VAL D 729 30.49 0.62 -13.44
C VAL D 729 29.07 0.42 -12.95
N ASP D 730 28.45 -0.74 -13.25
CA ASP D 730 27.17 -1.11 -12.64
C ASP D 730 27.25 -1.26 -11.08
N TYR D 731 28.30 -1.88 -10.60
CA TYR D 731 28.53 -2.02 -9.17
C TYR D 731 28.80 -0.64 -8.54
N LEU D 732 29.63 0.16 -9.19
CA LEU D 732 29.92 1.53 -8.73
C LEU D 732 28.69 2.40 -8.66
N ALA D 733 27.76 2.25 -9.61
CA ALA D 733 26.50 3.00 -9.60
C ALA D 733 25.54 2.60 -8.49
N GLU D 734 25.44 1.30 -8.22
CA GLU D 734 24.64 0.85 -7.07
C GLU D 734 25.24 1.34 -5.72
N GLN D 735 26.56 1.28 -5.60
CA GLN D 735 27.28 1.80 -4.47
C GLN D 735 26.92 3.31 -4.25
N ALA D 736 26.95 4.10 -5.32
CA ALA D 736 26.55 5.52 -5.26
C ALA D 736 25.15 5.71 -4.75
N LEU D 737 24.24 4.84 -5.19
CA LEU D 737 22.87 4.90 -4.70
C LEU D 737 22.77 4.58 -3.19
N LYS D 738 23.42 3.51 -2.79
CA LYS D 738 23.54 3.12 -1.35
C LYS D 738 24.04 4.27 -0.47
N PHE D 739 25.00 5.00 -1.00
CA PHE D 739 25.61 6.15 -0.29
C PHE D 739 24.69 7.36 -0.21
N THR D 740 23.66 7.44 -1.06
CA THR D 740 22.66 8.48 -0.86
C THR D 740 21.83 8.22 0.40
N SER D 741 21.71 6.93 0.76
CA SER D 741 20.90 6.55 1.93
C SER D 741 21.68 6.62 3.24
N LEU D 742 22.97 6.91 3.15
CA LEU D 742 23.84 6.97 4.32
C LEU D 742 23.84 8.37 4.99
N SER D 743 23.11 9.35 4.43
CA SER D 743 23.08 10.72 5.01
C SER D 743 22.36 10.79 6.36
N TRP D 744 23.06 11.32 7.35
CA TRP D 744 22.42 11.55 8.65
C TRP D 744 21.97 12.98 8.91
N ARG D 745 21.85 13.79 7.86
CA ARG D 745 21.13 15.05 7.89
C ARG D 745 19.65 14.88 7.88
N SER D 746 19.19 13.74 7.40
CA SER D 746 17.79 13.59 7.12
C SER D 746 17.41 12.12 7.13
N THR D 747 16.12 11.90 7.31
CA THR D 747 15.52 10.57 7.24
C THR D 747 15.41 10.18 5.73
N LEU D 748 15.16 11.17 4.89
CA LEU D 748 15.05 10.94 3.44
C LEU D 748 16.44 10.89 2.81
N PRO D 749 16.58 10.20 1.66
CA PRO D 749 17.93 10.09 1.08
C PRO D 749 18.41 11.41 0.50
N ALA D 750 19.71 11.55 0.42
CA ALA D 750 20.29 12.74 -0.18
C ALA D 750 20.36 12.64 -1.70
N ALA D 751 20.63 13.77 -2.34
CA ALA D 751 20.66 13.88 -3.81
C ALA D 751 21.97 13.40 -4.42
N THR D 752 22.96 13.12 -3.60
CA THR D 752 24.27 12.74 -4.09
C THR D 752 24.86 11.89 -2.99
N PRO D 753 25.81 11.00 -3.30
CA PRO D 753 26.30 10.15 -2.22
C PRO D 753 27.00 11.02 -1.17
N VAL D 754 27.00 10.55 0.08
CA VAL D 754 27.51 11.31 1.25
C VAL D 754 28.98 11.61 1.14
N THR D 755 29.71 10.76 0.41
CA THR D 755 31.11 10.96 0.12
C THR D 755 31.34 12.31 -0.53
N ILE D 756 30.41 12.75 -1.36
CA ILE D 756 30.55 14.03 -1.98
C ILE D 756 29.84 15.07 -1.11
N PHE D 757 28.64 14.72 -0.66
CA PHE D 757 27.70 15.63 -0.02
C PHE D 757 28.30 16.13 1.28
N TYR D 758 28.77 15.22 2.13
CA TYR D 758 29.38 15.63 3.37
C TYR D 758 30.60 16.50 3.09
N SER D 759 31.37 16.14 2.08
CA SER D 759 32.53 16.93 1.73
C SER D 759 32.21 18.35 1.38
N GLU D 760 31.06 18.57 0.74
CA GLU D 760 30.65 19.92 0.36
C GLU D 760 30.25 20.72 1.60
N ARG D 761 29.57 20.07 2.53
CA ARG D 761 29.12 20.75 3.74
C ARG D 761 30.33 21.16 4.55
N ILE D 762 31.33 20.26 4.58
CA ILE D 762 32.61 20.52 5.28
C ILE D 762 33.35 21.66 4.66
N ALA D 763 33.52 21.66 3.34
CA ALA D 763 34.25 22.74 2.69
C ALA D 763 33.59 24.05 2.95
N GLU D 764 32.28 24.05 2.93
CA GLU D 764 31.56 25.29 3.08
C GLU D 764 31.75 25.83 4.52
N LEU D 765 31.58 25.01 5.51
CA LEU D 765 31.69 25.47 6.87
C LEU D 765 33.11 25.90 7.12
N LEU D 766 34.10 25.07 6.74
CA LEU D 766 35.47 25.42 7.02
C LEU D 766 35.94 26.61 6.25
N GLY D 767 35.48 26.78 5.02
CA GLY D 767 35.77 27.96 4.27
C GLY D 767 35.26 29.24 4.92
N ARG D 768 34.06 29.20 5.42
CA ARG D 768 33.49 30.38 6.09
C ARG D 768 34.26 30.66 7.42
N LEU D 769 34.50 29.64 8.22
CA LEU D 769 35.16 29.73 9.51
C LEU D 769 36.58 30.26 9.38
N LYS D 770 37.24 29.98 8.27
CA LYS D 770 38.58 30.50 8.04
C LYS D 770 38.63 32.04 8.15
N SER D 771 37.53 32.76 7.91
CA SER D 771 37.54 34.21 8.00
C SER D 771 36.96 34.75 9.32
N ILE D 772 36.62 33.90 10.27
CA ILE D 772 35.96 34.34 11.48
C ILE D 772 37.03 34.53 12.58
N PRO D 773 37.11 35.74 13.15
CA PRO D 773 38.10 35.92 14.24
C PRO D 773 37.93 34.95 15.36
N ASN D 774 39.08 34.50 15.88
CA ASN D 774 39.16 33.60 16.99
C ASN D 774 38.76 32.17 16.67
N TRP D 775 38.50 31.89 15.39
CA TRP D 775 38.25 30.51 14.96
C TRP D 775 39.53 29.73 15.15
N SER D 776 39.43 28.56 15.74
CA SER D 776 40.50 27.56 15.57
C SER D 776 39.95 26.14 15.34
N SER D 777 40.59 25.45 14.39
CA SER D 777 40.32 24.03 14.07
C SER D 777 40.95 23.06 15.00
N ALA D 778 41.60 23.52 16.09
CA ALA D 778 42.33 22.57 16.97
C ALA D 778 41.52 21.43 17.54
N ASN D 779 40.25 21.65 17.87
CA ASN D 779 39.44 20.58 18.42
C ASN D 779 38.78 19.63 17.36
N LEU D 780 38.88 19.96 16.08
CA LEU D 780 38.22 19.14 15.07
C LEU D 780 38.72 17.74 15.11
N ASN D 781 40.02 17.58 15.29
CA ASN D 781 40.60 16.25 15.42
C ASN D 781 40.89 15.84 16.84
N ILE D 782 40.34 16.54 17.83
CA ILE D 782 40.47 16.08 19.21
C ILE D 782 39.09 15.82 19.78
N LYS D 783 38.44 16.79 20.43
CA LYS D 783 37.12 16.50 21.00
C LYS D 783 36.06 16.10 19.94
N LEU D 784 36.21 16.64 18.74
CA LEU D 784 35.23 16.52 17.69
C LEU D 784 35.60 15.40 16.68
N LYS D 785 36.59 14.59 17.03
CA LYS D 785 37.15 13.65 16.07
C LYS D 785 36.08 12.70 15.47
N TRP D 786 35.17 12.23 16.32
CA TRP D 786 34.09 11.29 15.95
C TRP D 786 32.71 11.93 15.91
N SER D 787 32.69 13.25 15.98
CA SER D 787 31.46 14.01 15.93
C SER D 787 31.17 14.32 14.50
N ARG D 788 29.93 14.11 14.08
CA ARG D 788 29.54 14.58 12.75
C ARG D 788 29.03 16.02 12.77
N TRP D 789 29.96 16.95 13.00
CA TRP D 789 29.64 18.32 13.35
C TRP D 789 29.22 19.10 12.18
N PHE D 790 29.44 18.55 10.98
CA PHE D 790 29.21 19.27 9.76
C PHE D 790 27.79 19.04 9.26
N LEU D 791 27.00 18.17 9.88
CA LEU D 791 25.66 17.89 9.37
C LEU D 791 24.67 19.07 9.44
#